data_9KL3
# 
_entry.id   9KL3 
# 
_audit_conform.dict_name       mmcif_pdbx.dic 
_audit_conform.dict_version    5.408 
_audit_conform.dict_location   http://mmcif.pdb.org/dictionaries/ascii/mmcif_pdbx.dic 
# 
loop_
_database_2.database_id 
_database_2.database_code 
_database_2.pdbx_database_accession 
_database_2.pdbx_DOI 
PDB   9KL3         pdb_00009kl3 10.2210/pdb9kl3/pdb 
WWPDB D_1300050751 ?            ?                   
EMDB  EMD-62399    ?            ?                   
# 
loop_
_pdbx_audit_revision_history.ordinal 
_pdbx_audit_revision_history.data_content_type 
_pdbx_audit_revision_history.major_revision 
_pdbx_audit_revision_history.minor_revision 
_pdbx_audit_revision_history.revision_date 
_pdbx_audit_revision_history.part_number 
1  'Structure model' 1 0 2025-11-19 ? 
2  'EM metadata'     1 0 2025-11-19 ? 
3  'Additional map'  1 0 2025-11-19 1 
4  FSC               1 0 2025-11-19 ? 
5  'Half map'        1 0 2025-11-19 1 
6  'Half map'        1 0 2025-11-19 2 
7  Image             1 0 2025-11-19 ? 
8  Mask              1 0 2025-11-19 1 
9  'Primary map'     1 0 2025-11-19 ? 
10 'Structure model' 1 1 2025-12-17 ? 
11 'EM metadata'     1 1 2025-12-17 ? 
12 'Structure model' 1 2 2025-12-31 ? 
13 'EM metadata'     1 2 2025-12-31 ? 
# 
loop_
_pdbx_audit_revision_details.ordinal 
_pdbx_audit_revision_details.revision_ordinal 
_pdbx_audit_revision_details.data_content_type 
_pdbx_audit_revision_details.provider 
_pdbx_audit_revision_details.type 
_pdbx_audit_revision_details.description 
_pdbx_audit_revision_details.details 
1 1 'Structure model' repository 'Initial release' ? ? 
2 2 'EM metadata'     repository 'Initial release' ? ? 
3 3 'Additional map'  repository 'Initial release' ? ? 
4 4 FSC               repository 'Initial release' ? ? 
5 5 'Half map'        repository 'Initial release' ? ? 
6 6 'Half map'        repository 'Initial release' ? ? 
7 7 Image             repository 'Initial release' ? ? 
8 8 Mask              repository 'Initial release' ? ? 
9 9 'Primary map'     repository 'Initial release' ? ? 
# 
loop_
_pdbx_audit_revision_group.ordinal 
_pdbx_audit_revision_group.revision_ordinal 
_pdbx_audit_revision_group.data_content_type 
_pdbx_audit_revision_group.group 
1 10 'Structure model' 'Data collection'      
2 10 'Structure model' 'Database references'  
3 11 'EM metadata'     'Database references'  
4 11 'EM metadata'     'Experimental summary' 
5 12 'Structure model' 'Data collection'      
6 12 'Structure model' 'Database references'  
7 13 'EM metadata'     'Database references'  
8 13 'EM metadata'     'Experimental summary' 
# 
loop_
_pdbx_audit_revision_category.ordinal 
_pdbx_audit_revision_category.revision_ordinal 
_pdbx_audit_revision_category.data_content_type 
_pdbx_audit_revision_category.category 
1  10 'Structure model' citation        
2  10 'Structure model' citation_author 
3  10 'Structure model' em_admin        
4  11 'EM metadata'     citation        
5  11 'EM metadata'     citation_author 
6  11 'EM metadata'     em_admin        
7  12 'Structure model' citation        
8  12 'Structure model' em_admin        
9  13 'EM metadata'     citation        
10 13 'EM metadata'     em_admin        
# 
loop_
_pdbx_audit_revision_item.ordinal 
_pdbx_audit_revision_item.revision_ordinal 
_pdbx_audit_revision_item.data_content_type 
_pdbx_audit_revision_item.item 
1  10 'Structure model' '_citation.country'                 
2  10 'Structure model' '_citation.journal_abbrev'          
3  10 'Structure model' '_citation.journal_id_CSD'          
4  10 'Structure model' '_citation.journal_id_ISSN'         
5  10 'Structure model' '_citation.pdbx_database_id_DOI'    
6  10 'Structure model' '_citation.pdbx_database_id_PubMed' 
7  10 'Structure model' '_citation.title'                   
8  10 'Structure model' '_citation.year'                    
9  10 'Structure model' '_citation_author.identifier_ORCID' 
10 10 'Structure model' '_citation_author.name'             
11 10 'Structure model' '_em_admin.last_update'             
12 11 'EM metadata'     '_citation.country'                 
13 11 'EM metadata'     '_citation.journal_abbrev'          
14 11 'EM metadata'     '_citation.journal_id_CSD'          
15 11 'EM metadata'     '_citation.journal_id_ISSN'         
16 11 'EM metadata'     '_citation.pdbx_database_id_DOI'    
17 11 'EM metadata'     '_citation.pdbx_database_id_PubMed' 
18 11 'EM metadata'     '_citation.title'                   
19 11 'EM metadata'     '_citation.year'                    
20 11 'EM metadata'     '_citation_author.identifier_ORCID' 
21 11 'EM metadata'     '_citation_author.name'             
22 11 'EM metadata'     '_em_admin.last_update'             
23 12 'Structure model' '_citation.journal_volume'          
24 12 'Structure model' '_em_admin.last_update'             
25 13 'EM metadata'     '_citation.journal_volume'          
26 13 'EM metadata'     '_em_admin.last_update'             
# 
_pdbx_database_status.status_code                     REL 
_pdbx_database_status.status_code_sf                  ? 
_pdbx_database_status.status_code_mr                  ? 
_pdbx_database_status.entry_id                        9KL3 
_pdbx_database_status.recvd_initial_deposition_date   2024-11-14 
_pdbx_database_status.SG_entry                        N 
_pdbx_database_status.deposit_site                    PDBJ 
_pdbx_database_status.process_site                    PDBJ 
_pdbx_database_status.status_code_cs                  ? 
_pdbx_database_status.status_code_nmr_data            ? 
_pdbx_database_status.methods_development_category    ? 
_pdbx_database_status.pdb_format_compatible           Y 
# 
_pdbx_database_related.db_name        EMDB 
_pdbx_database_related.details        'CryoEM structure of Pleurocybella porrigens lectin (PPL) in complex with GalNAc' 
_pdbx_database_related.db_id          EMD-62399 
_pdbx_database_related.content_type   'associated EM volume' 
# 
loop_
_pdbx_contact_author.id 
_pdbx_contact_author.email 
_pdbx_contact_author.name_first 
_pdbx_contact_author.name_last 
_pdbx_contact_author.name_mi 
_pdbx_contact_author.role 
_pdbx_contact_author.identifier_ORCID 
3 jtame@yokohama-cu.ac.jp    Jeremy Tame    R.H. 'principal investigator/group leader' 0000-0002-9341-7280 
4 w175502f@yokohama-cu.ac.jp Kamata Kenichi ?    'principal investigator/group leader' 0000-0003-4344-8473 
# 
loop_
_audit_author.name 
_audit_author.pdbx_ordinal 
_audit_author.identifier_ORCID 
'Ishimoto, N.' 1 0000-0001-8976-8582 
'Adachi, D.'   2 0009-0000-0536-758X 
'Kawabata, H.' 3 0000-0001-7495-4219 
'Park, S.Y.'   4 0000-0001-6164-8896 
'Tame, J.R.H.' 5 0000-0002-9341-7280 
'Kamata, K.'   6 0000-0003-4344-8473 
# 
_citation.abstract                  ? 
_citation.abstract_id_CAS           ? 
_citation.book_id_ISBN              ? 
_citation.book_publisher            ? 
_citation.book_publisher_city       ? 
_citation.book_title                ? 
_citation.coordinate_linkage        ? 
_citation.country                   UK 
_citation.database_id_Medline       ? 
_citation.details                   ? 
_citation.id                        primary 
_citation.journal_abbrev            Glycobiology 
_citation.journal_id_ASTM           ? 
_citation.journal_id_CSD            9999 
_citation.journal_id_ISSN           1460-2423 
_citation.journal_full              ? 
_citation.journal_issue             ? 
_citation.journal_volume            36 
_citation.language                  ? 
_citation.page_first                ? 
_citation.page_last                 ? 
_citation.title                     
'Crystal and Cryo-EM structure of PPL, a novel hexameric R-type lectin from the poisonous mushroom Pleurocybella porrigens.' 
_citation.year                      2025 
_citation.database_id_CSD           ? 
_citation.pdbx_database_id_DOI      10.1093/glycob/cwaf082 
_citation.pdbx_database_id_PubMed   41342409 
_citation.pdbx_database_id_patent   ? 
_citation.unpublished_flag          ? 
# 
loop_
_citation_author.citation_id 
_citation_author.name 
_citation_author.ordinal 
_citation_author.identifier_ORCID 
primary 'Adachi, D.'     1  ?                   
primary 'Ishimoto, N.'   2  ?                   
primary 'Mizutani, K.'   3  ?                   
primary 'Takahashi, K.'  4  ?                   
primary 'Kubota, R.'     5  ?                   
primary 'Kawabata, H.'   6  ?                   
primary 'Park, S.Y.'     7  ?                   
primary 'Vandebroek, L.' 8  ?                   
primary 'Voet, A.R.D.'   9  ?                   
primary 'Yamada, M.'     10 ?                   
primary 'Ozeki, Y.'      11 ?                   
primary 'Fujii, Y.'      12 ?                   
primary 'Fujita, H.'     13 ?                   
primary 'Tame, J.R.H.'   14 ?                   
primary 'Kamata, K.'     15 0000-0003-4344-8473 
# 
loop_
_entity.id 
_entity.type 
_entity.src_method 
_entity.pdbx_description 
_entity.formula_weight 
_entity.pdbx_number_of_molecules 
_entity.pdbx_ec 
_entity.pdbx_mutation 
_entity.pdbx_fragment 
_entity.details 
1 polymer     man Lectin                                      14625.118 1 ? ? ? ? 
2 non-polymer syn 2-acetamido-2-deoxy-alpha-D-galactopyranose 221.208   1 ? ? ? ? 
# 
_entity_poly.entity_id                      1 
_entity_poly.type                           'polypeptide(L)' 
_entity_poly.nstd_linkage                   no 
_entity_poly.nstd_monomer                   no 
_entity_poly.pdbx_seq_one_letter_code       
;GSHMSIPAGTYLIRNVESNLYLDLRGSNPAPGTDAIVWGRTGNNNQRWIVTTHSDGTRTLETVGINSSAFIATIQPGGRV
TGHPNNETRLTITNVNPGEYSISAGGLLWLANTPVGGTGEAVTLQAAGGAAQSLWVFEAV
;
_entity_poly.pdbx_seq_one_letter_code_can   
;GSHMSIPAGTYLIRNVESNLYLDLRGSNPAPGTDAIVWGRTGNNNQRWIVTTHSDGTRTLETVGINSSAFIATIQPGGRV
TGHPNNETRLTITNVNPGEYSISAGGLLWLANTPVGGTGEAVTLQAAGGAAQSLWVFEAV
;
_entity_poly.pdbx_strand_id                 A 
_entity_poly.pdbx_target_identifier         ? 
# 
_pdbx_entity_nonpoly.entity_id   2 
_pdbx_entity_nonpoly.name        2-acetamido-2-deoxy-alpha-D-galactopyranose 
_pdbx_entity_nonpoly.comp_id     A2G 
# 
loop_
_entity_poly_seq.entity_id 
_entity_poly_seq.num 
_entity_poly_seq.mon_id 
_entity_poly_seq.hetero 
1 1   GLY n 
1 2   SER n 
1 3   HIS n 
1 4   MET n 
1 5   SER n 
1 6   ILE n 
1 7   PRO n 
1 8   ALA n 
1 9   GLY n 
1 10  THR n 
1 11  TYR n 
1 12  LEU n 
1 13  ILE n 
1 14  ARG n 
1 15  ASN n 
1 16  VAL n 
1 17  GLU n 
1 18  SER n 
1 19  ASN n 
1 20  LEU n 
1 21  TYR n 
1 22  LEU n 
1 23  ASP n 
1 24  LEU n 
1 25  ARG n 
1 26  GLY n 
1 27  SER n 
1 28  ASN n 
1 29  PRO n 
1 30  ALA n 
1 31  PRO n 
1 32  GLY n 
1 33  THR n 
1 34  ASP n 
1 35  ALA n 
1 36  ILE n 
1 37  VAL n 
1 38  TRP n 
1 39  GLY n 
1 40  ARG n 
1 41  THR n 
1 42  GLY n 
1 43  ASN n 
1 44  ASN n 
1 45  ASN n 
1 46  GLN n 
1 47  ARG n 
1 48  TRP n 
1 49  ILE n 
1 50  VAL n 
1 51  THR n 
1 52  THR n 
1 53  HIS n 
1 54  SER n 
1 55  ASP n 
1 56  GLY n 
1 57  THR n 
1 58  ARG n 
1 59  THR n 
1 60  LEU n 
1 61  GLU n 
1 62  THR n 
1 63  VAL n 
1 64  GLY n 
1 65  ILE n 
1 66  ASN n 
1 67  SER n 
1 68  SER n 
1 69  ALA n 
1 70  PHE n 
1 71  ILE n 
1 72  ALA n 
1 73  THR n 
1 74  ILE n 
1 75  GLN n 
1 76  PRO n 
1 77  GLY n 
1 78  GLY n 
1 79  ARG n 
1 80  VAL n 
1 81  THR n 
1 82  GLY n 
1 83  HIS n 
1 84  PRO n 
1 85  ASN n 
1 86  ASN n 
1 87  GLU n 
1 88  THR n 
1 89  ARG n 
1 90  LEU n 
1 91  THR n 
1 92  ILE n 
1 93  THR n 
1 94  ASN n 
1 95  VAL n 
1 96  ASN n 
1 97  PRO n 
1 98  GLY n 
1 99  GLU n 
1 100 TYR n 
1 101 SER n 
1 102 ILE n 
1 103 SER n 
1 104 ALA n 
1 105 GLY n 
1 106 GLY n 
1 107 LEU n 
1 108 LEU n 
1 109 TRP n 
1 110 LEU n 
1 111 ALA n 
1 112 ASN n 
1 113 THR n 
1 114 PRO n 
1 115 VAL n 
1 116 GLY n 
1 117 GLY n 
1 118 THR n 
1 119 GLY n 
1 120 GLU n 
1 121 ALA n 
1 122 VAL n 
1 123 THR n 
1 124 LEU n 
1 125 GLN n 
1 126 ALA n 
1 127 ALA n 
1 128 GLY n 
1 129 GLY n 
1 130 ALA n 
1 131 ALA n 
1 132 GLN n 
1 133 SER n 
1 134 LEU n 
1 135 TRP n 
1 136 VAL n 
1 137 PHE n 
1 138 GLU n 
1 139 ALA n 
1 140 VAL n 
# 
_entity_src_gen.entity_id                          1 
_entity_src_gen.pdbx_src_id                        1 
_entity_src_gen.pdbx_alt_source_flag               sample 
_entity_src_gen.pdbx_seq_type                      'Biological sequence' 
_entity_src_gen.pdbx_beg_seq_num                   1 
_entity_src_gen.pdbx_end_seq_num                   140 
_entity_src_gen.gene_src_common_name               ? 
_entity_src_gen.gene_src_genus                     ? 
_entity_src_gen.pdbx_gene_src_gene                 ? 
_entity_src_gen.gene_src_species                   ? 
_entity_src_gen.gene_src_strain                    ? 
_entity_src_gen.gene_src_tissue                    ? 
_entity_src_gen.gene_src_tissue_fraction           ? 
_entity_src_gen.gene_src_details                   ? 
_entity_src_gen.pdbx_gene_src_fragment             ? 
_entity_src_gen.pdbx_gene_src_scientific_name      'Pleurocybella porrigens' 
_entity_src_gen.pdbx_gene_src_ncbi_taxonomy_id     71910 
_entity_src_gen.pdbx_gene_src_variant              ? 
_entity_src_gen.pdbx_gene_src_cell_line            ? 
_entity_src_gen.pdbx_gene_src_atcc                 ? 
_entity_src_gen.pdbx_gene_src_organ                ? 
_entity_src_gen.pdbx_gene_src_organelle            ? 
_entity_src_gen.pdbx_gene_src_cell                 ? 
_entity_src_gen.pdbx_gene_src_cellular_location    ? 
_entity_src_gen.host_org_common_name               ? 
_entity_src_gen.pdbx_host_org_scientific_name      'Escherichia coli' 
_entity_src_gen.pdbx_host_org_ncbi_taxonomy_id     562 
_entity_src_gen.host_org_genus                     ? 
_entity_src_gen.pdbx_host_org_gene                 ? 
_entity_src_gen.pdbx_host_org_organ                ? 
_entity_src_gen.host_org_species                   ? 
_entity_src_gen.pdbx_host_org_tissue               ? 
_entity_src_gen.pdbx_host_org_tissue_fraction      ? 
_entity_src_gen.pdbx_host_org_strain               ? 
_entity_src_gen.pdbx_host_org_variant              ? 
_entity_src_gen.pdbx_host_org_cell_line            ? 
_entity_src_gen.pdbx_host_org_atcc                 ? 
_entity_src_gen.pdbx_host_org_culture_collection   ? 
_entity_src_gen.pdbx_host_org_cell                 ? 
_entity_src_gen.pdbx_host_org_organelle            ? 
_entity_src_gen.pdbx_host_org_cellular_location    ? 
_entity_src_gen.pdbx_host_org_vector_type          ? 
_entity_src_gen.pdbx_host_org_vector               ? 
_entity_src_gen.host_org_details                   ? 
_entity_src_gen.expression_system_id               ? 
_entity_src_gen.plasmid_name                       ? 
_entity_src_gen.plasmid_details                    ? 
_entity_src_gen.pdbx_description                   ? 
# 
loop_
_chem_comp.id 
_chem_comp.type 
_chem_comp.mon_nstd_flag 
_chem_comp.name 
_chem_comp.pdbx_synonyms 
_chem_comp.formula 
_chem_comp.formula_weight 
A2G 'D-saccharide, alpha linking' . 2-acetamido-2-deoxy-alpha-D-galactopyranose 
;N-acetyl-alpha-D-galactosamine; 2-acetamido-2-deoxy-alpha-D-galactose; 2-acetamido-2-deoxy-D-galactose; 2-acetamido-2-deoxy-galactose; N-ACETYL-2-DEOXY-2-AMINO-GALACTOSE
;
'C8 H15 N O6'    221.208 
ALA 'L-peptide linking'           y ALANINE                                     ? 'C3 H7 N O2'     89.093  
ARG 'L-peptide linking'           y ARGININE                                    ? 'C6 H15 N4 O2 1' 175.209 
ASN 'L-peptide linking'           y ASPARAGINE                                  ? 'C4 H8 N2 O3'    132.118 
ASP 'L-peptide linking'           y 'ASPARTIC ACID'                             ? 'C4 H7 N O4'     133.103 
GLN 'L-peptide linking'           y GLUTAMINE                                   ? 'C5 H10 N2 O3'   146.144 
GLU 'L-peptide linking'           y 'GLUTAMIC ACID'                             ? 'C5 H9 N O4'     147.129 
GLY 'peptide linking'             y GLYCINE                                     ? 'C2 H5 N O2'     75.067  
HIS 'L-peptide linking'           y HISTIDINE                                   ? 'C6 H10 N3 O2 1' 156.162 
ILE 'L-peptide linking'           y ISOLEUCINE                                  ? 'C6 H13 N O2'    131.173 
LEU 'L-peptide linking'           y LEUCINE                                     ? 'C6 H13 N O2'    131.173 
MET 'L-peptide linking'           y METHIONINE                                  ? 'C5 H11 N O2 S'  149.211 
PHE 'L-peptide linking'           y PHENYLALANINE                               ? 'C9 H11 N O2'    165.189 
PRO 'L-peptide linking'           y PROLINE                                     ? 'C5 H9 N O2'     115.130 
SER 'L-peptide linking'           y SERINE                                      ? 'C3 H7 N O3'     105.093 
THR 'L-peptide linking'           y THREONINE                                   ? 'C4 H9 N O3'     119.119 
TRP 'L-peptide linking'           y TRYPTOPHAN                                  ? 'C11 H12 N2 O2'  204.225 
TYR 'L-peptide linking'           y TYROSINE                                    ? 'C9 H11 N O3'    181.189 
VAL 'L-peptide linking'           y VALINE                                      ? 'C5 H11 N O2'    117.146 
# 
loop_
_pdbx_chem_comp_identifier.comp_id 
_pdbx_chem_comp_identifier.type 
_pdbx_chem_comp_identifier.program 
_pdbx_chem_comp_identifier.program_version 
_pdbx_chem_comp_identifier.identifier 
A2G 'CONDENSED IUPAC CARBOHYDRATE SYMBOL' GMML     1.0 DGalpNAca                        
A2G 'COMMON NAME'                         GMML     1.0 N-acetyl-a-D-galactopyranosamine 
A2G 'IUPAC CARBOHYDRATE SYMBOL'           PDB-CARE 1.0 a-D-GalpNAc                      
A2G 'SNFG CARBOHYDRATE SYMBOL'            GMML     1.0 GalNAc                           
# 
loop_
_pdbx_poly_seq_scheme.asym_id 
_pdbx_poly_seq_scheme.entity_id 
_pdbx_poly_seq_scheme.seq_id 
_pdbx_poly_seq_scheme.mon_id 
_pdbx_poly_seq_scheme.ndb_seq_num 
_pdbx_poly_seq_scheme.pdb_seq_num 
_pdbx_poly_seq_scheme.auth_seq_num 
_pdbx_poly_seq_scheme.pdb_mon_id 
_pdbx_poly_seq_scheme.auth_mon_id 
_pdbx_poly_seq_scheme.pdb_strand_id 
_pdbx_poly_seq_scheme.pdb_ins_code 
_pdbx_poly_seq_scheme.hetero 
A 1 1   GLY 1   -2  ?   ?   ?   A . n 
A 1 2   SER 2   -1  ?   ?   ?   A . n 
A 1 3   HIS 3   0   ?   ?   ?   A . n 
A 1 4   MET 4   1   1   MET MET A . n 
A 1 5   SER 5   2   2   SER SER A . n 
A 1 6   ILE 6   3   3   ILE ILE A . n 
A 1 7   PRO 7   4   4   PRO PRO A . n 
A 1 8   ALA 8   5   5   ALA ALA A . n 
A 1 9   GLY 9   6   6   GLY GLY A . n 
A 1 10  THR 10  7   7   THR THR A . n 
A 1 11  TYR 11  8   8   TYR TYR A . n 
A 1 12  LEU 12  9   9   LEU LEU A . n 
A 1 13  ILE 13  10  10  ILE ILE A . n 
A 1 14  ARG 14  11  11  ARG ARG A . n 
A 1 15  ASN 15  12  12  ASN ASN A . n 
A 1 16  VAL 16  13  13  VAL VAL A . n 
A 1 17  GLU 17  14  14  GLU GLU A . n 
A 1 18  SER 18  15  15  SER SER A . n 
A 1 19  ASN 19  16  16  ASN ASN A . n 
A 1 20  LEU 20  17  17  LEU LEU A . n 
A 1 21  TYR 21  18  18  TYR TYR A . n 
A 1 22  LEU 22  19  19  LEU LEU A . n 
A 1 23  ASP 23  20  20  ASP ASP A . n 
A 1 24  LEU 24  21  21  LEU LEU A . n 
A 1 25  ARG 25  22  22  ARG ARG A . n 
A 1 26  GLY 26  23  23  GLY GLY A . n 
A 1 27  SER 27  24  24  SER SER A . n 
A 1 28  ASN 28  25  25  ASN ASN A . n 
A 1 29  PRO 29  26  26  PRO PRO A . n 
A 1 30  ALA 30  27  27  ALA ALA A . n 
A 1 31  PRO 31  28  28  PRO PRO A . n 
A 1 32  GLY 32  29  29  GLY GLY A . n 
A 1 33  THR 33  30  30  THR THR A . n 
A 1 34  ASP 34  31  31  ASP ASP A . n 
A 1 35  ALA 35  32  32  ALA ALA A . n 
A 1 36  ILE 36  33  33  ILE ILE A . n 
A 1 37  VAL 37  34  34  VAL VAL A . n 
A 1 38  TRP 38  35  35  TRP TRP A . n 
A 1 39  GLY 39  36  36  GLY GLY A . n 
A 1 40  ARG 40  37  37  ARG ARG A . n 
A 1 41  THR 41  38  38  THR THR A . n 
A 1 42  GLY 42  39  39  GLY GLY A . n 
A 1 43  ASN 43  40  40  ASN ASN A . n 
A 1 44  ASN 44  41  41  ASN ASN A . n 
A 1 45  ASN 45  42  42  ASN ASN A . n 
A 1 46  GLN 46  43  43  GLN GLN A . n 
A 1 47  ARG 47  44  44  ARG ARG A . n 
A 1 48  TRP 48  45  45  TRP TRP A . n 
A 1 49  ILE 49  46  46  ILE ILE A . n 
A 1 50  VAL 50  47  47  VAL VAL A . n 
A 1 51  THR 51  48  48  THR THR A . n 
A 1 52  THR 52  49  49  THR THR A . n 
A 1 53  HIS 53  50  50  HIS HIS A . n 
A 1 54  SER 54  51  51  SER SER A . n 
A 1 55  ASP 55  52  52  ASP ASP A . n 
A 1 56  GLY 56  53  53  GLY GLY A . n 
A 1 57  THR 57  54  54  THR THR A . n 
A 1 58  ARG 58  55  55  ARG ARG A . n 
A 1 59  THR 59  56  56  THR THR A . n 
A 1 60  LEU 60  57  57  LEU LEU A . n 
A 1 61  GLU 61  58  58  GLU GLU A . n 
A 1 62  THR 62  59  59  THR THR A . n 
A 1 63  VAL 63  60  60  VAL VAL A . n 
A 1 64  GLY 64  61  61  GLY GLY A . n 
A 1 65  ILE 65  62  62  ILE ILE A . n 
A 1 66  ASN 66  63  63  ASN ASN A . n 
A 1 67  SER 67  64  64  SER SER A . n 
A 1 68  SER 68  65  65  SER SER A . n 
A 1 69  ALA 69  66  66  ALA ALA A . n 
A 1 70  PHE 70  67  67  PHE PHE A . n 
A 1 71  ILE 71  68  68  ILE ILE A . n 
A 1 72  ALA 72  69  69  ALA ALA A . n 
A 1 73  THR 73  70  70  THR THR A . n 
A 1 74  ILE 74  71  71  ILE ILE A . n 
A 1 75  GLN 75  72  72  GLN GLN A . n 
A 1 76  PRO 76  73  73  PRO PRO A . n 
A 1 77  GLY 77  74  74  GLY GLY A . n 
A 1 78  GLY 78  75  75  GLY GLY A . n 
A 1 79  ARG 79  76  76  ARG ARG A . n 
A 1 80  VAL 80  77  77  VAL VAL A . n 
A 1 81  THR 81  78  78  THR THR A . n 
A 1 82  GLY 82  79  79  GLY GLY A . n 
A 1 83  HIS 83  80  80  HIS HIS A . n 
A 1 84  PRO 84  81  81  PRO PRO A . n 
A 1 85  ASN 85  82  82  ASN ASN A . n 
A 1 86  ASN 86  83  83  ASN ASN A . n 
A 1 87  GLU 87  84  84  GLU GLU A . n 
A 1 88  THR 88  85  85  THR THR A . n 
A 1 89  ARG 89  86  86  ARG ARG A . n 
A 1 90  LEU 90  87  87  LEU LEU A . n 
A 1 91  THR 91  88  88  THR THR A . n 
A 1 92  ILE 92  89  89  ILE ILE A . n 
A 1 93  THR 93  90  90  THR THR A . n 
A 1 94  ASN 94  91  91  ASN ASN A . n 
A 1 95  VAL 95  92  92  VAL VAL A . n 
A 1 96  ASN 96  93  93  ASN ASN A . n 
A 1 97  PRO 97  94  94  PRO PRO A . n 
A 1 98  GLY 98  95  95  GLY GLY A . n 
A 1 99  GLU 99  96  96  GLU GLU A . n 
A 1 100 TYR 100 97  97  TYR TYR A . n 
A 1 101 SER 101 98  98  SER SER A . n 
A 1 102 ILE 102 99  99  ILE ILE A . n 
A 1 103 SER 103 100 100 SER SER A . n 
A 1 104 ALA 104 101 101 ALA ALA A . n 
A 1 105 GLY 105 102 102 GLY GLY A . n 
A 1 106 GLY 106 103 103 GLY GLY A . n 
A 1 107 LEU 107 104 104 LEU LEU A . n 
A 1 108 LEU 108 105 105 LEU LEU A . n 
A 1 109 TRP 109 106 106 TRP TRP A . n 
A 1 110 LEU 110 107 107 LEU LEU A . n 
A 1 111 ALA 111 108 108 ALA ALA A . n 
A 1 112 ASN 112 109 109 ASN ASN A . n 
A 1 113 THR 113 110 110 THR THR A . n 
A 1 114 PRO 114 111 111 PRO PRO A . n 
A 1 115 VAL 115 112 112 VAL VAL A . n 
A 1 116 GLY 116 113 113 GLY GLY A . n 
A 1 117 GLY 117 114 114 GLY GLY A . n 
A 1 118 THR 118 115 115 THR THR A . n 
A 1 119 GLY 119 116 116 GLY GLY A . n 
A 1 120 GLU 120 117 117 GLU GLU A . n 
A 1 121 ALA 121 118 118 ALA ALA A . n 
A 1 122 VAL 122 119 119 VAL VAL A . n 
A 1 123 THR 123 120 120 THR THR A . n 
A 1 124 LEU 124 121 121 LEU LEU A . n 
A 1 125 GLN 125 122 122 GLN GLN A . n 
A 1 126 ALA 126 123 123 ALA ALA A . n 
A 1 127 ALA 127 124 124 ALA ALA A . n 
A 1 128 GLY 128 125 125 GLY GLY A . n 
A 1 129 GLY 129 126 126 GLY GLY A . n 
A 1 130 ALA 130 127 127 ALA ALA A . n 
A 1 131 ALA 131 128 128 ALA ALA A . n 
A 1 132 GLN 132 129 129 GLN GLN A . n 
A 1 133 SER 133 130 130 SER SER A . n 
A 1 134 LEU 134 131 131 LEU LEU A . n 
A 1 135 TRP 135 132 132 TRP TRP A . n 
A 1 136 VAL 136 133 133 VAL VAL A . n 
A 1 137 PHE 137 134 134 PHE PHE A . n 
A 1 138 GLU 138 135 135 GLU GLU A . n 
A 1 139 ALA 139 136 136 ALA ALA A . n 
A 1 140 VAL 140 137 137 VAL VAL A . n 
# 
_pdbx_nonpoly_scheme.asym_id         B 
_pdbx_nonpoly_scheme.entity_id       2 
_pdbx_nonpoly_scheme.mon_id          A2G 
_pdbx_nonpoly_scheme.ndb_seq_num     1 
_pdbx_nonpoly_scheme.pdb_seq_num     201 
_pdbx_nonpoly_scheme.auth_seq_num    201 
_pdbx_nonpoly_scheme.pdb_mon_id      A2G 
_pdbx_nonpoly_scheme.auth_mon_id     A2G 
_pdbx_nonpoly_scheme.pdb_strand_id   A 
_pdbx_nonpoly_scheme.pdb_ins_code    . 
# 
_cell.angle_alpha                  90.00 
_cell.angle_alpha_esd              ? 
_cell.angle_beta                   90.00 
_cell.angle_beta_esd               ? 
_cell.angle_gamma                  90.00 
_cell.angle_gamma_esd              ? 
_cell.entry_id                     9KL3 
_cell.details                      ? 
_cell.formula_units_Z              ? 
_cell.length_a                     1.00 
_cell.length_a_esd                 ? 
_cell.length_b                     1.00 
_cell.length_b_esd                 ? 
_cell.length_c                     1.00 
_cell.length_c_esd                 ? 
_cell.volume                       ? 
_cell.volume_esd                   ? 
_cell.Z_PDB                        ? 
_cell.reciprocal_angle_alpha       ? 
_cell.reciprocal_angle_beta        ? 
_cell.reciprocal_angle_gamma       ? 
_cell.reciprocal_angle_alpha_esd   ? 
_cell.reciprocal_angle_beta_esd    ? 
_cell.reciprocal_angle_gamma_esd   ? 
_cell.reciprocal_length_a          ? 
_cell.reciprocal_length_b          ? 
_cell.reciprocal_length_c          ? 
_cell.reciprocal_length_a_esd      ? 
_cell.reciprocal_length_b_esd      ? 
_cell.reciprocal_length_c_esd      ? 
_cell.pdbx_unique_axis             ? 
_cell.pdbx_esd_method              ? 
# 
_symmetry.entry_id                         9KL3 
_symmetry.cell_setting                     ? 
_symmetry.Int_Tables_number                1 
_symmetry.space_group_name_Hall            ? 
_symmetry.space_group_name_H-M             'P 1' 
_symmetry.pdbx_full_space_group_name_H-M   ? 
# 
_exptl.absorpt_coefficient_mu     ? 
_exptl.absorpt_correction_T_max   ? 
_exptl.absorpt_correction_T_min   ? 
_exptl.absorpt_correction_type    ? 
_exptl.absorpt_process_details    ? 
_exptl.entry_id                   9KL3 
_exptl.crystals_number            ? 
_exptl.details                    ? 
_exptl.method                     'ELECTRON MICROSCOPY' 
_exptl.method_details             ? 
# 
_refine.pdbx_refine_id                           'ELECTRON MICROSCOPY' 
_refine.entry_id                                 9KL3 
_refine.pdbx_diffrn_id                           ? 
_refine.pdbx_TLS_residual_ADP_flag               ? 
_refine.ls_number_reflns_obs                     ? 
_refine.ls_number_reflns_all                     ? 
_refine.pdbx_ls_sigma_I                          ? 
_refine.pdbx_ls_sigma_F                          ? 
_refine.pdbx_data_cutoff_high_absF               ? 
_refine.pdbx_data_cutoff_low_absF                ? 
_refine.pdbx_data_cutoff_high_rms_absF           ? 
_refine.ls_d_res_low                             ? 
_refine.ls_d_res_high                            . 
_refine.ls_percent_reflns_obs                    ? 
_refine.ls_R_factor_obs                          ? 
_refine.ls_R_factor_all                          ? 
_refine.ls_R_factor_R_work                       ? 
_refine.ls_R_factor_R_free                       ? 
_refine.ls_R_factor_R_free_error                 ? 
_refine.ls_R_factor_R_free_error_details         ? 
_refine.ls_percent_reflns_R_free                 ? 
_refine.ls_number_reflns_R_free                  ? 
_refine.ls_number_parameters                     ? 
_refine.ls_number_restraints                     ? 
_refine.occupancy_min                            ? 
_refine.occupancy_max                            ? 
_refine.correlation_coeff_Fo_to_Fc               ? 
_refine.correlation_coeff_Fo_to_Fc_free          ? 
_refine.B_iso_mean                               ? 
_refine.aniso_B[1][1]                            ? 
_refine.aniso_B[2][2]                            ? 
_refine.aniso_B[3][3]                            ? 
_refine.aniso_B[1][2]                            ? 
_refine.aniso_B[1][3]                            ? 
_refine.aniso_B[2][3]                            ? 
_refine.solvent_model_details                    ? 
_refine.solvent_model_param_ksol                 ? 
_refine.solvent_model_param_bsol                 ? 
_refine.pdbx_solvent_vdw_probe_radii             ? 
_refine.pdbx_solvent_ion_probe_radii             ? 
_refine.pdbx_solvent_shrinkage_radii             ? 
_refine.pdbx_ls_cross_valid_method               ? 
_refine.details                                  ? 
_refine.pdbx_starting_model                      ? 
_refine.pdbx_method_to_determine_struct          ? 
_refine.pdbx_isotropic_thermal_model             ? 
_refine.pdbx_stereochemistry_target_values       ? 
_refine.pdbx_stereochem_target_val_spec_case     ? 
_refine.pdbx_R_Free_selection_details            ? 
_refine.pdbx_overall_ESU_R                       ? 
_refine.pdbx_overall_ESU_R_Free                  ? 
_refine.overall_SU_ML                            ? 
_refine.pdbx_overall_phase_error                 ? 
_refine.overall_SU_B                             ? 
_refine.overall_SU_R_Cruickshank_DPI             ? 
_refine.pdbx_overall_SU_R_free_Cruickshank_DPI   ? 
_refine.pdbx_overall_SU_R_Blow_DPI               ? 
_refine.pdbx_overall_SU_R_free_Blow_DPI          ? 
# 
loop_
_refine_ls_restr.pdbx_refine_id 
_refine_ls_restr.criterion 
_refine_ls_restr.dev_ideal 
_refine_ls_restr.dev_ideal_target 
_refine_ls_restr.number 
_refine_ls_restr.rejects 
_refine_ls_restr.type 
_refine_ls_restr.weight 
_refine_ls_restr.pdbx_restraint_function 
'ELECTRON MICROSCOPY' ? 0.002 ? 6282 ? f_bond_d           ? ? 
'ELECTRON MICROSCOPY' ? 0.407 ? 8616 ? f_angle_d          ? ? 
'ELECTRON MICROSCOPY' ? 3.593 ? 876  ? f_dihedral_angle_d ? ? 
'ELECTRON MICROSCOPY' ? 0.042 ? 1020 ? f_chiral_restr     ? ? 
'ELECTRON MICROSCOPY' ? 0.006 ? 1122 ? f_plane_restr      ? ? 
# 
_struct.entry_id                     9KL3 
_struct.title                        'CryoEM structure of Pleurocybella porrigens lectin (PPL) in complex with GalNAc' 
_struct.pdbx_model_details           ? 
_struct.pdbx_formula_weight          ? 
_struct.pdbx_formula_weight_method   ? 
_struct.pdbx_model_type_details      ? 
_struct.pdbx_CASP_flag               N 
# 
_struct_keywords.entry_id        9KL3 
_struct_keywords.text            'trefoil, lectin, SUGAR BINDING PROTEIN' 
_struct_keywords.pdbx_keywords   'SUGAR BINDING PROTEIN' 
# 
loop_
_struct_asym.id 
_struct_asym.pdbx_blank_PDB_chainid_flag 
_struct_asym.pdbx_modified 
_struct_asym.entity_id 
_struct_asym.details 
A N N 1 ? 
B N N 2 ? 
# 
_struct_ref.id                         1 
_struct_ref.db_name                    UNP 
_struct_ref.db_code                    B6ZK51_9AGAR 
_struct_ref.pdbx_db_accession          B6ZK51 
_struct_ref.pdbx_db_isoform            ? 
_struct_ref.entity_id                  1 
_struct_ref.pdbx_seq_one_letter_code   
;MSIPAGTYLIRNVESNLYLDLRGSNPAPGTDAIVWGRTGNNNQRWIVTTHSDGTRTLETVGINSSAFIATIQPGGRVTGH
PNNETRLTITNVNPGEYSISAGGLLWLANTPVGGTGEAVTLQAAGGAAQSLWVFEAV
;
_struct_ref.pdbx_align_begin           1 
# 
_struct_ref_seq.align_id                      1 
_struct_ref_seq.ref_id                        1 
_struct_ref_seq.pdbx_PDB_id_code              9KL3 
_struct_ref_seq.pdbx_strand_id                A 
_struct_ref_seq.seq_align_beg                 4 
_struct_ref_seq.pdbx_seq_align_beg_ins_code   ? 
_struct_ref_seq.seq_align_end                 140 
_struct_ref_seq.pdbx_seq_align_end_ins_code   ? 
_struct_ref_seq.pdbx_db_accession             B6ZK51 
_struct_ref_seq.db_align_beg                  1 
_struct_ref_seq.pdbx_db_align_beg_ins_code    ? 
_struct_ref_seq.db_align_end                  137 
_struct_ref_seq.pdbx_db_align_end_ins_code    ? 
_struct_ref_seq.pdbx_auth_seq_align_beg       1 
_struct_ref_seq.pdbx_auth_seq_align_end       137 
# 
loop_
_struct_ref_seq_dif.align_id 
_struct_ref_seq_dif.pdbx_pdb_id_code 
_struct_ref_seq_dif.mon_id 
_struct_ref_seq_dif.pdbx_pdb_strand_id 
_struct_ref_seq_dif.seq_num 
_struct_ref_seq_dif.pdbx_pdb_ins_code 
_struct_ref_seq_dif.pdbx_seq_db_name 
_struct_ref_seq_dif.pdbx_seq_db_accession_code 
_struct_ref_seq_dif.db_mon_id 
_struct_ref_seq_dif.pdbx_seq_db_seq_num 
_struct_ref_seq_dif.details 
_struct_ref_seq_dif.pdbx_auth_seq_num 
_struct_ref_seq_dif.pdbx_ordinal 
1 9KL3 GLY A 1 ? UNP B6ZK51 ? ? 'expression tag' -2 1 
1 9KL3 SER A 2 ? UNP B6ZK51 ? ? 'expression tag' -1 2 
1 9KL3 HIS A 3 ? UNP B6ZK51 ? ? 'expression tag' 0  3 
# 
_pdbx_struct_assembly.id                   1 
_pdbx_struct_assembly.details              author_defined_assembly 
_pdbx_struct_assembly.method_details       ? 
_pdbx_struct_assembly.oligomeric_details   monomeric 
_pdbx_struct_assembly.oligomeric_count     1 
# 
_pdbx_struct_assembly_gen.assembly_id       1 
_pdbx_struct_assembly_gen.oper_expression   1 
_pdbx_struct_assembly_gen.asym_id_list      A,B 
# 
_pdbx_struct_assembly_auth_evidence.id                     1 
_pdbx_struct_assembly_auth_evidence.assembly_id            1 
_pdbx_struct_assembly_auth_evidence.experimental_support   'electron microscopy' 
_pdbx_struct_assembly_auth_evidence.details                AUC 
# 
_pdbx_struct_oper_list.id                   1 
_pdbx_struct_oper_list.type                 'identity operation' 
_pdbx_struct_oper_list.name                 1_555 
_pdbx_struct_oper_list.symmetry_operation   ? 
_pdbx_struct_oper_list.matrix[1][1]         1.0000000000 
_pdbx_struct_oper_list.matrix[1][2]         0.0000000000 
_pdbx_struct_oper_list.matrix[1][3]         0.0000000000 
_pdbx_struct_oper_list.vector[1]            0.0000000000 
_pdbx_struct_oper_list.matrix[2][1]         0.0000000000 
_pdbx_struct_oper_list.matrix[2][2]         1.0000000000 
_pdbx_struct_oper_list.matrix[2][3]         0.0000000000 
_pdbx_struct_oper_list.vector[2]            0.0000000000 
_pdbx_struct_oper_list.matrix[3][1]         0.0000000000 
_pdbx_struct_oper_list.matrix[3][2]         0.0000000000 
_pdbx_struct_oper_list.matrix[3][3]         1.0000000000 
_pdbx_struct_oper_list.vector[3]            0.0000000000 
# 
_struct_conf.conf_type_id            HELX_P 
_struct_conf.id                      HELX_P1 
_struct_conf.pdbx_PDB_helix_id       AA1 
_struct_conf.beg_label_comp_id       GLY 
_struct_conf.beg_label_asym_id       A 
_struct_conf.beg_label_seq_id        26 
_struct_conf.pdbx_beg_PDB_ins_code   ? 
_struct_conf.end_label_comp_id       ASN 
_struct_conf.end_label_asym_id       A 
_struct_conf.end_label_seq_id        28 
_struct_conf.pdbx_end_PDB_ins_code   ? 
_struct_conf.beg_auth_comp_id        GLY 
_struct_conf.beg_auth_asym_id        A 
_struct_conf.beg_auth_seq_id         23 
_struct_conf.end_auth_comp_id        ASN 
_struct_conf.end_auth_asym_id        A 
_struct_conf.end_auth_seq_id         25 
_struct_conf.pdbx_PDB_helix_class    5 
_struct_conf.details                 ? 
_struct_conf.pdbx_PDB_helix_length   3 
# 
_struct_conf_type.id          HELX_P 
_struct_conf_type.criteria    ? 
_struct_conf_type.reference   ? 
# 
loop_
_struct_sheet.id 
_struct_sheet.type 
_struct_sheet.number_strands 
_struct_sheet.details 
AA1 ? 6 ? 
AA2 ? 4 ? 
AA3 ? 3 ? 
# 
loop_
_struct_sheet_order.sheet_id 
_struct_sheet_order.range_id_1 
_struct_sheet_order.range_id_2 
_struct_sheet_order.offset 
_struct_sheet_order.sense 
AA1 1 2 ? anti-parallel 
AA1 2 3 ? anti-parallel 
AA1 3 4 ? anti-parallel 
AA1 4 5 ? anti-parallel 
AA1 5 6 ? anti-parallel 
AA2 1 2 ? anti-parallel 
AA2 2 3 ? anti-parallel 
AA2 3 4 ? anti-parallel 
AA3 1 2 ? anti-parallel 
AA3 2 3 ? anti-parallel 
# 
loop_
_struct_sheet_range.sheet_id 
_struct_sheet_range.id 
_struct_sheet_range.beg_label_comp_id 
_struct_sheet_range.beg_label_asym_id 
_struct_sheet_range.beg_label_seq_id 
_struct_sheet_range.pdbx_beg_PDB_ins_code 
_struct_sheet_range.end_label_comp_id 
_struct_sheet_range.end_label_asym_id 
_struct_sheet_range.end_label_seq_id 
_struct_sheet_range.pdbx_end_PDB_ins_code 
_struct_sheet_range.beg_auth_comp_id 
_struct_sheet_range.beg_auth_asym_id 
_struct_sheet_range.beg_auth_seq_id 
_struct_sheet_range.end_auth_comp_id 
_struct_sheet_range.end_auth_asym_id 
_struct_sheet_range.end_auth_seq_id 
AA1 1 ARG A 58  ? THR A 62  ? ARG A 55  THR A 59  
AA1 2 TRP A 48  ? THR A 52  ? TRP A 45  THR A 49  
AA1 3 GLY A 9   ? ASN A 15  ? GLY A 6   ASN A 12  
AA1 4 LEU A 20  ? LEU A 24  ? LEU A 17  LEU A 21  
AA1 5 THR A 33  ? TRP A 38  ? THR A 30  TRP A 35  
AA1 6 THR A 81  ? GLY A 82  ? THR A 78  GLY A 79  
AA2 1 ARG A 58  ? THR A 62  ? ARG A 55  THR A 59  
AA2 2 TRP A 48  ? THR A 52  ? TRP A 45  THR A 49  
AA2 3 GLY A 9   ? ASN A 15  ? GLY A 6   ASN A 12  
AA2 4 TRP A 135 ? ALA A 139 ? TRP A 132 ALA A 136 
AA3 1 THR A 91  ? ASN A 94  ? THR A 88  ASN A 91  
AA3 2 TYR A 100 ? ALA A 104 ? TYR A 97  ALA A 101 
AA3 3 LEU A 107 ? LEU A 108 ? LEU A 104 LEU A 105 
# 
loop_
_pdbx_struct_sheet_hbond.sheet_id 
_pdbx_struct_sheet_hbond.range_id_1 
_pdbx_struct_sheet_hbond.range_id_2 
_pdbx_struct_sheet_hbond.range_1_label_atom_id 
_pdbx_struct_sheet_hbond.range_1_label_comp_id 
_pdbx_struct_sheet_hbond.range_1_label_asym_id 
_pdbx_struct_sheet_hbond.range_1_label_seq_id 
_pdbx_struct_sheet_hbond.range_1_PDB_ins_code 
_pdbx_struct_sheet_hbond.range_1_auth_atom_id 
_pdbx_struct_sheet_hbond.range_1_auth_comp_id 
_pdbx_struct_sheet_hbond.range_1_auth_asym_id 
_pdbx_struct_sheet_hbond.range_1_auth_seq_id 
_pdbx_struct_sheet_hbond.range_2_label_atom_id 
_pdbx_struct_sheet_hbond.range_2_label_comp_id 
_pdbx_struct_sheet_hbond.range_2_label_asym_id 
_pdbx_struct_sheet_hbond.range_2_label_seq_id 
_pdbx_struct_sheet_hbond.range_2_PDB_ins_code 
_pdbx_struct_sheet_hbond.range_2_auth_atom_id 
_pdbx_struct_sheet_hbond.range_2_auth_comp_id 
_pdbx_struct_sheet_hbond.range_2_auth_asym_id 
_pdbx_struct_sheet_hbond.range_2_auth_seq_id 
AA1 1 2 O GLU A 61  ? O GLU A 58  N ILE A 49  ? N ILE A 46  
AA1 2 3 O VAL A 50  ? O VAL A 47  N GLY A 9   ? N GLY A 6   
AA1 3 4 N ASN A 15  ? N ASN A 12  O LEU A 20  ? O LEU A 17  
AA1 4 5 N ASP A 23  ? N ASP A 20  O ILE A 36  ? O ILE A 33  
AA1 5 6 N THR A 33  ? N THR A 30  O GLY A 82  ? O GLY A 79  
AA2 1 2 O GLU A 61  ? O GLU A 58  N ILE A 49  ? N ILE A 46  
AA2 2 3 O VAL A 50  ? O VAL A 47  N GLY A 9   ? N GLY A 6   
AA2 3 4 N LEU A 12  ? N LEU A 9   O GLU A 138 ? O GLU A 135 
AA3 1 2 N THR A 91  ? N THR A 88  O SER A 103 ? O SER A 100 
AA3 2 3 N ALA A 104 ? N ALA A 101 O LEU A 107 ? O LEU A 104 
# 
_pdbx_entry_details.entry_id                   9KL3 
_pdbx_entry_details.nonpolymer_details         ? 
_pdbx_entry_details.sequence_details           ? 
_pdbx_entry_details.compound_details           ? 
_pdbx_entry_details.source_details             ? 
_pdbx_entry_details.has_ligand_of_interest     N 
_pdbx_entry_details.has_protein_modification   N 
# 
_pdbx_validate_torsion.id              1 
_pdbx_validate_torsion.PDB_model_num   1 
_pdbx_validate_torsion.auth_comp_id    ASN 
_pdbx_validate_torsion.auth_asym_id    A 
_pdbx_validate_torsion.auth_seq_id     40 
_pdbx_validate_torsion.PDB_ins_code    ? 
_pdbx_validate_torsion.label_alt_id    ? 
_pdbx_validate_torsion.phi             -79.75 
_pdbx_validate_torsion.psi             -169.79 
# 
_em_3d_fitting.id                1 
_em_3d_fitting.entry_id          9KL3 
_em_3d_fitting.method            ? 
_em_3d_fitting.target_criteria   ? 
_em_3d_fitting.details           ? 
_em_3d_fitting.overall_b_value   ? 
_em_3d_fitting.ref_space         ? 
_em_3d_fitting.ref_protocol      ? 
# 
_em_3d_reconstruction.entry_id                    9KL3 
_em_3d_reconstruction.id                          1 
_em_3d_reconstruction.method                      ? 
_em_3d_reconstruction.algorithm                   ? 
_em_3d_reconstruction.citation_id                 ? 
_em_3d_reconstruction.details                     ? 
_em_3d_reconstruction.resolution                  3.24 
_em_3d_reconstruction.resolution_method           'FSC 0.143 CUT-OFF' 
_em_3d_reconstruction.magnification_calibration   ? 
_em_3d_reconstruction.nominal_pixel_size          ? 
_em_3d_reconstruction.actual_pixel_size           ? 
_em_3d_reconstruction.num_particles               74285 
_em_3d_reconstruction.euler_angles_details        ? 
_em_3d_reconstruction.num_class_averages          1 
_em_3d_reconstruction.refinement_type             ? 
_em_3d_reconstruction.image_processing_id         1 
_em_3d_reconstruction.symmetry_type               POINT 
# 
_em_buffer.id            1 
_em_buffer.specimen_id   1 
_em_buffer.name          ? 
_em_buffer.details       ? 
_em_buffer.pH            8.0 
# 
_em_entity_assembly.id                   1 
_em_entity_assembly.parent_id            0 
_em_entity_assembly.source               RECOMBINANT 
_em_entity_assembly.type                 COMPLEX 
_em_entity_assembly.name                 'Pleurocybella porrigens lectin in complex with GalNac' 
_em_entity_assembly.details              ? 
_em_entity_assembly.synonym              ? 
_em_entity_assembly.oligomeric_details   ? 
_em_entity_assembly.entity_id_list       1 
# 
_em_imaging.entry_id                        9KL3 
_em_imaging.id                              1 
_em_imaging.astigmatism                     ? 
_em_imaging.electron_beam_tilt_params       ? 
_em_imaging.residual_tilt                   ? 
_em_imaging.microscope_model                'FEI TALOS ARCTICA' 
_em_imaging.specimen_holder_type            ? 
_em_imaging.specimen_holder_model           'FEI TITAN KRIOS AUTOGRID HOLDER' 
_em_imaging.details                         ? 
_em_imaging.date                            ? 
_em_imaging.accelerating_voltage            200 
_em_imaging.illumination_mode               'FLOOD BEAM' 
_em_imaging.mode                            'BRIGHT FIELD' 
_em_imaging.nominal_cs                      ? 
_em_imaging.nominal_defocus_min             800 
_em_imaging.nominal_defocus_max             1800 
_em_imaging.calibrated_defocus_min          ? 
_em_imaging.calibrated_defocus_max          ? 
_em_imaging.tilt_angle_min                  ? 
_em_imaging.tilt_angle_max                  ? 
_em_imaging.nominal_magnification           ? 
_em_imaging.calibrated_magnification        ? 
_em_imaging.electron_source                 'FIELD EMISSION GUN' 
_em_imaging.citation_id                     ? 
_em_imaging.temperature                     ? 
_em_imaging.detector_distance               ? 
_em_imaging.recording_temperature_minimum   ? 
_em_imaging.recording_temperature_maximum   ? 
_em_imaging.alignment_procedure             ? 
_em_imaging.c2_aperture_diameter            ? 
_em_imaging.specimen_id                     1 
_em_imaging.cryogen                         NITROGEN 
# 
_em_sample_support.id               1 
_em_sample_support.film_material    ? 
_em_sample_support.method           ? 
_em_sample_support.grid_material    COPPER 
_em_sample_support.grid_mesh_size   300 
_em_sample_support.grid_type        'Quantifoil R1.2/1.3' 
_em_sample_support.details          ? 
_em_sample_support.specimen_id      1 
_em_sample_support.citation_id      ? 
# 
_em_vitrification.entry_id              9KL3 
_em_vitrification.id                    1 
_em_vitrification.specimen_id           1 
_em_vitrification.cryogen_name          ETHANE 
_em_vitrification.humidity              100 
_em_vitrification.temp                  ? 
_em_vitrification.chamber_temperature   278 
_em_vitrification.instrument            'FEI VITROBOT MARK IV' 
_em_vitrification.method                ? 
_em_vitrification.time_resolved_state   ? 
_em_vitrification.citation_id           ? 
_em_vitrification.details               ? 
# 
_em_experiment.entry_id                9KL3 
_em_experiment.id                      1 
_em_experiment.reconstruction_method   'SINGLE PARTICLE' 
_em_experiment.aggregation_state       PARTICLE 
_em_experiment.entity_assembly_id      1 
# 
_em_single_particle_entity.entry_id              9KL3 
_em_single_particle_entity.id                    1 
_em_single_particle_entity.image_processing_id   1 
_em_single_particle_entity.point_symmetry        D3 
# 
loop_
_pdbx_unobs_or_zero_occ_residues.id 
_pdbx_unobs_or_zero_occ_residues.PDB_model_num 
_pdbx_unobs_or_zero_occ_residues.polymer_flag 
_pdbx_unobs_or_zero_occ_residues.occupancy_flag 
_pdbx_unobs_or_zero_occ_residues.auth_asym_id 
_pdbx_unobs_or_zero_occ_residues.auth_comp_id 
_pdbx_unobs_or_zero_occ_residues.auth_seq_id 
_pdbx_unobs_or_zero_occ_residues.PDB_ins_code 
_pdbx_unobs_or_zero_occ_residues.label_asym_id 
_pdbx_unobs_or_zero_occ_residues.label_comp_id 
_pdbx_unobs_or_zero_occ_residues.label_seq_id 
1 1 Y 1 A GLY -2 ? A GLY 1 
2 1 Y 1 A SER -1 ? A SER 2 
3 1 Y 1 A HIS 0  ? A HIS 3 
# 
loop_
_chem_comp_atom.comp_id 
_chem_comp_atom.atom_id 
_chem_comp_atom.type_symbol 
_chem_comp_atom.pdbx_aromatic_flag 
_chem_comp_atom.pdbx_stereo_config 
_chem_comp_atom.pdbx_ordinal 
A2G O5   O N N 1   
A2G C1   C N S 2   
A2G O1   O N N 3   
A2G C2   C N R 4   
A2G N2   N N N 5   
A2G C3   C N R 6   
A2G O3   O N N 7   
A2G C4   C N R 8   
A2G O4   O N N 9   
A2G C5   C N R 10  
A2G C6   C N N 11  
A2G O6   O N N 12  
A2G C7   C N N 13  
A2G O7   O N N 14  
A2G C8   C N N 15  
A2G H1   H N N 16  
A2G HO1  H N N 17  
A2G H2   H N N 18  
A2G HN2  H N N 19  
A2G H3   H N N 20  
A2G HO3  H N N 21  
A2G H4   H N N 22  
A2G HO4  H N N 23  
A2G H5   H N N 24  
A2G H61  H N N 25  
A2G H81  H N N 26  
A2G H82  H N N 27  
A2G H83  H N N 28  
A2G H62  H N N 29  
A2G HO6  H N N 30  
ALA N    N N N 31  
ALA CA   C N S 32  
ALA C    C N N 33  
ALA O    O N N 34  
ALA CB   C N N 35  
ALA OXT  O N N 36  
ALA H    H N N 37  
ALA H2   H N N 38  
ALA HA   H N N 39  
ALA HB1  H N N 40  
ALA HB2  H N N 41  
ALA HB3  H N N 42  
ALA HXT  H N N 43  
ARG N    N N N 44  
ARG CA   C N S 45  
ARG C    C N N 46  
ARG O    O N N 47  
ARG CB   C N N 48  
ARG CG   C N N 49  
ARG CD   C N N 50  
ARG NE   N N N 51  
ARG CZ   C N N 52  
ARG NH1  N N N 53  
ARG NH2  N N N 54  
ARG OXT  O N N 55  
ARG H    H N N 56  
ARG H2   H N N 57  
ARG HA   H N N 58  
ARG HB2  H N N 59  
ARG HB3  H N N 60  
ARG HG2  H N N 61  
ARG HG3  H N N 62  
ARG HD2  H N N 63  
ARG HD3  H N N 64  
ARG HE   H N N 65  
ARG HH11 H N N 66  
ARG HH12 H N N 67  
ARG HH21 H N N 68  
ARG HH22 H N N 69  
ARG HXT  H N N 70  
ASN N    N N N 71  
ASN CA   C N S 72  
ASN C    C N N 73  
ASN O    O N N 74  
ASN CB   C N N 75  
ASN CG   C N N 76  
ASN OD1  O N N 77  
ASN ND2  N N N 78  
ASN OXT  O N N 79  
ASN H    H N N 80  
ASN H2   H N N 81  
ASN HA   H N N 82  
ASN HB2  H N N 83  
ASN HB3  H N N 84  
ASN HD21 H N N 85  
ASN HD22 H N N 86  
ASN HXT  H N N 87  
ASP N    N N N 88  
ASP CA   C N S 89  
ASP C    C N N 90  
ASP O    O N N 91  
ASP CB   C N N 92  
ASP CG   C N N 93  
ASP OD1  O N N 94  
ASP OD2  O N N 95  
ASP OXT  O N N 96  
ASP H    H N N 97  
ASP H2   H N N 98  
ASP HA   H N N 99  
ASP HB2  H N N 100 
ASP HB3  H N N 101 
ASP HD2  H N N 102 
ASP HXT  H N N 103 
GLN N    N N N 104 
GLN CA   C N S 105 
GLN C    C N N 106 
GLN O    O N N 107 
GLN CB   C N N 108 
GLN CG   C N N 109 
GLN CD   C N N 110 
GLN OE1  O N N 111 
GLN NE2  N N N 112 
GLN OXT  O N N 113 
GLN H    H N N 114 
GLN H2   H N N 115 
GLN HA   H N N 116 
GLN HB2  H N N 117 
GLN HB3  H N N 118 
GLN HG2  H N N 119 
GLN HG3  H N N 120 
GLN HE21 H N N 121 
GLN HE22 H N N 122 
GLN HXT  H N N 123 
GLU N    N N N 124 
GLU CA   C N S 125 
GLU C    C N N 126 
GLU O    O N N 127 
GLU CB   C N N 128 
GLU CG   C N N 129 
GLU CD   C N N 130 
GLU OE1  O N N 131 
GLU OE2  O N N 132 
GLU OXT  O N N 133 
GLU H    H N N 134 
GLU H2   H N N 135 
GLU HA   H N N 136 
GLU HB2  H N N 137 
GLU HB3  H N N 138 
GLU HG2  H N N 139 
GLU HG3  H N N 140 
GLU HE2  H N N 141 
GLU HXT  H N N 142 
GLY N    N N N 143 
GLY CA   C N N 144 
GLY C    C N N 145 
GLY O    O N N 146 
GLY OXT  O N N 147 
GLY H    H N N 148 
GLY H2   H N N 149 
GLY HA2  H N N 150 
GLY HA3  H N N 151 
GLY HXT  H N N 152 
HIS N    N N N 153 
HIS CA   C N S 154 
HIS C    C N N 155 
HIS O    O N N 156 
HIS CB   C N N 157 
HIS CG   C Y N 158 
HIS ND1  N Y N 159 
HIS CD2  C Y N 160 
HIS CE1  C Y N 161 
HIS NE2  N Y N 162 
HIS OXT  O N N 163 
HIS H    H N N 164 
HIS H2   H N N 165 
HIS HA   H N N 166 
HIS HB2  H N N 167 
HIS HB3  H N N 168 
HIS HD1  H N N 169 
HIS HD2  H N N 170 
HIS HE1  H N N 171 
HIS HE2  H N N 172 
HIS HXT  H N N 173 
ILE N    N N N 174 
ILE CA   C N S 175 
ILE C    C N N 176 
ILE O    O N N 177 
ILE CB   C N S 178 
ILE CG1  C N N 179 
ILE CG2  C N N 180 
ILE CD1  C N N 181 
ILE OXT  O N N 182 
ILE H    H N N 183 
ILE H2   H N N 184 
ILE HA   H N N 185 
ILE HB   H N N 186 
ILE HG12 H N N 187 
ILE HG13 H N N 188 
ILE HG21 H N N 189 
ILE HG22 H N N 190 
ILE HG23 H N N 191 
ILE HD11 H N N 192 
ILE HD12 H N N 193 
ILE HD13 H N N 194 
ILE HXT  H N N 195 
LEU N    N N N 196 
LEU CA   C N S 197 
LEU C    C N N 198 
LEU O    O N N 199 
LEU CB   C N N 200 
LEU CG   C N N 201 
LEU CD1  C N N 202 
LEU CD2  C N N 203 
LEU OXT  O N N 204 
LEU H    H N N 205 
LEU H2   H N N 206 
LEU HA   H N N 207 
LEU HB2  H N N 208 
LEU HB3  H N N 209 
LEU HG   H N N 210 
LEU HD11 H N N 211 
LEU HD12 H N N 212 
LEU HD13 H N N 213 
LEU HD21 H N N 214 
LEU HD22 H N N 215 
LEU HD23 H N N 216 
LEU HXT  H N N 217 
MET N    N N N 218 
MET CA   C N S 219 
MET C    C N N 220 
MET O    O N N 221 
MET CB   C N N 222 
MET CG   C N N 223 
MET SD   S N N 224 
MET CE   C N N 225 
MET OXT  O N N 226 
MET H    H N N 227 
MET H2   H N N 228 
MET HA   H N N 229 
MET HB2  H N N 230 
MET HB3  H N N 231 
MET HG2  H N N 232 
MET HG3  H N N 233 
MET HE1  H N N 234 
MET HE2  H N N 235 
MET HE3  H N N 236 
MET HXT  H N N 237 
PHE N    N N N 238 
PHE CA   C N S 239 
PHE C    C N N 240 
PHE O    O N N 241 
PHE CB   C N N 242 
PHE CG   C Y N 243 
PHE CD1  C Y N 244 
PHE CD2  C Y N 245 
PHE CE1  C Y N 246 
PHE CE2  C Y N 247 
PHE CZ   C Y N 248 
PHE OXT  O N N 249 
PHE H    H N N 250 
PHE H2   H N N 251 
PHE HA   H N N 252 
PHE HB2  H N N 253 
PHE HB3  H N N 254 
PHE HD1  H N N 255 
PHE HD2  H N N 256 
PHE HE1  H N N 257 
PHE HE2  H N N 258 
PHE HZ   H N N 259 
PHE HXT  H N N 260 
PRO N    N N N 261 
PRO CA   C N S 262 
PRO C    C N N 263 
PRO O    O N N 264 
PRO CB   C N N 265 
PRO CG   C N N 266 
PRO CD   C N N 267 
PRO OXT  O N N 268 
PRO H    H N N 269 
PRO HA   H N N 270 
PRO HB2  H N N 271 
PRO HB3  H N N 272 
PRO HG2  H N N 273 
PRO HG3  H N N 274 
PRO HD2  H N N 275 
PRO HD3  H N N 276 
PRO HXT  H N N 277 
SER N    N N N 278 
SER CA   C N S 279 
SER C    C N N 280 
SER O    O N N 281 
SER CB   C N N 282 
SER OG   O N N 283 
SER OXT  O N N 284 
SER H    H N N 285 
SER H2   H N N 286 
SER HA   H N N 287 
SER HB2  H N N 288 
SER HB3  H N N 289 
SER HG   H N N 290 
SER HXT  H N N 291 
THR N    N N N 292 
THR CA   C N S 293 
THR C    C N N 294 
THR O    O N N 295 
THR CB   C N R 296 
THR OG1  O N N 297 
THR CG2  C N N 298 
THR OXT  O N N 299 
THR H    H N N 300 
THR H2   H N N 301 
THR HA   H N N 302 
THR HB   H N N 303 
THR HG1  H N N 304 
THR HG21 H N N 305 
THR HG22 H N N 306 
THR HG23 H N N 307 
THR HXT  H N N 308 
TRP N    N N N 309 
TRP CA   C N S 310 
TRP C    C N N 311 
TRP O    O N N 312 
TRP CB   C N N 313 
TRP CG   C Y N 314 
TRP CD1  C Y N 315 
TRP CD2  C Y N 316 
TRP NE1  N Y N 317 
TRP CE2  C Y N 318 
TRP CE3  C Y N 319 
TRP CZ2  C Y N 320 
TRP CZ3  C Y N 321 
TRP CH2  C Y N 322 
TRP OXT  O N N 323 
TRP H    H N N 324 
TRP H2   H N N 325 
TRP HA   H N N 326 
TRP HB2  H N N 327 
TRP HB3  H N N 328 
TRP HD1  H N N 329 
TRP HE1  H N N 330 
TRP HE3  H N N 331 
TRP HZ2  H N N 332 
TRP HZ3  H N N 333 
TRP HH2  H N N 334 
TRP HXT  H N N 335 
TYR N    N N N 336 
TYR CA   C N S 337 
TYR C    C N N 338 
TYR O    O N N 339 
TYR CB   C N N 340 
TYR CG   C Y N 341 
TYR CD1  C Y N 342 
TYR CD2  C Y N 343 
TYR CE1  C Y N 344 
TYR CE2  C Y N 345 
TYR CZ   C Y N 346 
TYR OH   O N N 347 
TYR OXT  O N N 348 
TYR H    H N N 349 
TYR H2   H N N 350 
TYR HA   H N N 351 
TYR HB2  H N N 352 
TYR HB3  H N N 353 
TYR HD1  H N N 354 
TYR HD2  H N N 355 
TYR HE1  H N N 356 
TYR HE2  H N N 357 
TYR HH   H N N 358 
TYR HXT  H N N 359 
VAL N    N N N 360 
VAL CA   C N S 361 
VAL C    C N N 362 
VAL O    O N N 363 
VAL CB   C N N 364 
VAL CG1  C N N 365 
VAL CG2  C N N 366 
VAL OXT  O N N 367 
VAL H    H N N 368 
VAL H2   H N N 369 
VAL HA   H N N 370 
VAL HB   H N N 371 
VAL HG11 H N N 372 
VAL HG12 H N N 373 
VAL HG13 H N N 374 
VAL HG21 H N N 375 
VAL HG22 H N N 376 
VAL HG23 H N N 377 
VAL HXT  H N N 378 
# 
loop_
_chem_comp_bond.comp_id 
_chem_comp_bond.atom_id_1 
_chem_comp_bond.atom_id_2 
_chem_comp_bond.value_order 
_chem_comp_bond.pdbx_aromatic_flag 
_chem_comp_bond.pdbx_stereo_config 
_chem_comp_bond.pdbx_ordinal 
A2G O5  C5   sing N N 1   
A2G C1  O5   sing N N 2   
A2G C1  C2   sing N N 3   
A2G C1  H1   sing N N 4   
A2G O1  C1   sing N N 5   
A2G O1  HO1  sing N N 6   
A2G C2  C3   sing N N 7   
A2G C2  H2   sing N N 8   
A2G N2  C2   sing N N 9   
A2G N2  HN2  sing N N 10  
A2G C3  C4   sing N N 11  
A2G C3  O3   sing N N 12  
A2G C3  H3   sing N N 13  
A2G O3  HO3  sing N N 14  
A2G C4  O4   sing N N 15  
A2G C4  H4   sing N N 16  
A2G O4  HO4  sing N N 17  
A2G C5  C4   sing N N 18  
A2G C5  C6   sing N N 19  
A2G C5  H5   sing N N 20  
A2G C6  O6   sing N N 21  
A2G C6  H61  sing N N 22  
A2G C7  N2   sing N N 23  
A2G O7  C7   doub N N 24  
A2G C8  C7   sing N N 25  
A2G C8  H81  sing N N 26  
A2G C8  H82  sing N N 27  
A2G C8  H83  sing N N 28  
A2G C6  H62  sing N N 29  
A2G O6  HO6  sing N N 30  
ALA N   CA   sing N N 31  
ALA N   H    sing N N 32  
ALA N   H2   sing N N 33  
ALA CA  C    sing N N 34  
ALA CA  CB   sing N N 35  
ALA CA  HA   sing N N 36  
ALA C   O    doub N N 37  
ALA C   OXT  sing N N 38  
ALA CB  HB1  sing N N 39  
ALA CB  HB2  sing N N 40  
ALA CB  HB3  sing N N 41  
ALA OXT HXT  sing N N 42  
ARG N   CA   sing N N 43  
ARG N   H    sing N N 44  
ARG N   H2   sing N N 45  
ARG CA  C    sing N N 46  
ARG CA  CB   sing N N 47  
ARG CA  HA   sing N N 48  
ARG C   O    doub N N 49  
ARG C   OXT  sing N N 50  
ARG CB  CG   sing N N 51  
ARG CB  HB2  sing N N 52  
ARG CB  HB3  sing N N 53  
ARG CG  CD   sing N N 54  
ARG CG  HG2  sing N N 55  
ARG CG  HG3  sing N N 56  
ARG CD  NE   sing N N 57  
ARG CD  HD2  sing N N 58  
ARG CD  HD3  sing N N 59  
ARG NE  CZ   sing N N 60  
ARG NE  HE   sing N N 61  
ARG CZ  NH1  sing N N 62  
ARG CZ  NH2  doub N N 63  
ARG NH1 HH11 sing N N 64  
ARG NH1 HH12 sing N N 65  
ARG NH2 HH21 sing N N 66  
ARG NH2 HH22 sing N N 67  
ARG OXT HXT  sing N N 68  
ASN N   CA   sing N N 69  
ASN N   H    sing N N 70  
ASN N   H2   sing N N 71  
ASN CA  C    sing N N 72  
ASN CA  CB   sing N N 73  
ASN CA  HA   sing N N 74  
ASN C   O    doub N N 75  
ASN C   OXT  sing N N 76  
ASN CB  CG   sing N N 77  
ASN CB  HB2  sing N N 78  
ASN CB  HB3  sing N N 79  
ASN CG  OD1  doub N N 80  
ASN CG  ND2  sing N N 81  
ASN ND2 HD21 sing N N 82  
ASN ND2 HD22 sing N N 83  
ASN OXT HXT  sing N N 84  
ASP N   CA   sing N N 85  
ASP N   H    sing N N 86  
ASP N   H2   sing N N 87  
ASP CA  C    sing N N 88  
ASP CA  CB   sing N N 89  
ASP CA  HA   sing N N 90  
ASP C   O    doub N N 91  
ASP C   OXT  sing N N 92  
ASP CB  CG   sing N N 93  
ASP CB  HB2  sing N N 94  
ASP CB  HB3  sing N N 95  
ASP CG  OD1  doub N N 96  
ASP CG  OD2  sing N N 97  
ASP OD2 HD2  sing N N 98  
ASP OXT HXT  sing N N 99  
GLN N   CA   sing N N 100 
GLN N   H    sing N N 101 
GLN N   H2   sing N N 102 
GLN CA  C    sing N N 103 
GLN CA  CB   sing N N 104 
GLN CA  HA   sing N N 105 
GLN C   O    doub N N 106 
GLN C   OXT  sing N N 107 
GLN CB  CG   sing N N 108 
GLN CB  HB2  sing N N 109 
GLN CB  HB3  sing N N 110 
GLN CG  CD   sing N N 111 
GLN CG  HG2  sing N N 112 
GLN CG  HG3  sing N N 113 
GLN CD  OE1  doub N N 114 
GLN CD  NE2  sing N N 115 
GLN NE2 HE21 sing N N 116 
GLN NE2 HE22 sing N N 117 
GLN OXT HXT  sing N N 118 
GLU N   CA   sing N N 119 
GLU N   H    sing N N 120 
GLU N   H2   sing N N 121 
GLU CA  C    sing N N 122 
GLU CA  CB   sing N N 123 
GLU CA  HA   sing N N 124 
GLU C   O    doub N N 125 
GLU C   OXT  sing N N 126 
GLU CB  CG   sing N N 127 
GLU CB  HB2  sing N N 128 
GLU CB  HB3  sing N N 129 
GLU CG  CD   sing N N 130 
GLU CG  HG2  sing N N 131 
GLU CG  HG3  sing N N 132 
GLU CD  OE1  doub N N 133 
GLU CD  OE2  sing N N 134 
GLU OE2 HE2  sing N N 135 
GLU OXT HXT  sing N N 136 
GLY N   CA   sing N N 137 
GLY N   H    sing N N 138 
GLY N   H2   sing N N 139 
GLY CA  C    sing N N 140 
GLY CA  HA2  sing N N 141 
GLY CA  HA3  sing N N 142 
GLY C   O    doub N N 143 
GLY C   OXT  sing N N 144 
GLY OXT HXT  sing N N 145 
HIS N   CA   sing N N 146 
HIS N   H    sing N N 147 
HIS N   H2   sing N N 148 
HIS CA  C    sing N N 149 
HIS CA  CB   sing N N 150 
HIS CA  HA   sing N N 151 
HIS C   O    doub N N 152 
HIS C   OXT  sing N N 153 
HIS CB  CG   sing N N 154 
HIS CB  HB2  sing N N 155 
HIS CB  HB3  sing N N 156 
HIS CG  ND1  sing Y N 157 
HIS CG  CD2  doub Y N 158 
HIS ND1 CE1  doub Y N 159 
HIS ND1 HD1  sing N N 160 
HIS CD2 NE2  sing Y N 161 
HIS CD2 HD2  sing N N 162 
HIS CE1 NE2  sing Y N 163 
HIS CE1 HE1  sing N N 164 
HIS NE2 HE2  sing N N 165 
HIS OXT HXT  sing N N 166 
ILE N   CA   sing N N 167 
ILE N   H    sing N N 168 
ILE N   H2   sing N N 169 
ILE CA  C    sing N N 170 
ILE CA  CB   sing N N 171 
ILE CA  HA   sing N N 172 
ILE C   O    doub N N 173 
ILE C   OXT  sing N N 174 
ILE CB  CG1  sing N N 175 
ILE CB  CG2  sing N N 176 
ILE CB  HB   sing N N 177 
ILE CG1 CD1  sing N N 178 
ILE CG1 HG12 sing N N 179 
ILE CG1 HG13 sing N N 180 
ILE CG2 HG21 sing N N 181 
ILE CG2 HG22 sing N N 182 
ILE CG2 HG23 sing N N 183 
ILE CD1 HD11 sing N N 184 
ILE CD1 HD12 sing N N 185 
ILE CD1 HD13 sing N N 186 
ILE OXT HXT  sing N N 187 
LEU N   CA   sing N N 188 
LEU N   H    sing N N 189 
LEU N   H2   sing N N 190 
LEU CA  C    sing N N 191 
LEU CA  CB   sing N N 192 
LEU CA  HA   sing N N 193 
LEU C   O    doub N N 194 
LEU C   OXT  sing N N 195 
LEU CB  CG   sing N N 196 
LEU CB  HB2  sing N N 197 
LEU CB  HB3  sing N N 198 
LEU CG  CD1  sing N N 199 
LEU CG  CD2  sing N N 200 
LEU CG  HG   sing N N 201 
LEU CD1 HD11 sing N N 202 
LEU CD1 HD12 sing N N 203 
LEU CD1 HD13 sing N N 204 
LEU CD2 HD21 sing N N 205 
LEU CD2 HD22 sing N N 206 
LEU CD2 HD23 sing N N 207 
LEU OXT HXT  sing N N 208 
MET N   CA   sing N N 209 
MET N   H    sing N N 210 
MET N   H2   sing N N 211 
MET CA  C    sing N N 212 
MET CA  CB   sing N N 213 
MET CA  HA   sing N N 214 
MET C   O    doub N N 215 
MET C   OXT  sing N N 216 
MET CB  CG   sing N N 217 
MET CB  HB2  sing N N 218 
MET CB  HB3  sing N N 219 
MET CG  SD   sing N N 220 
MET CG  HG2  sing N N 221 
MET CG  HG3  sing N N 222 
MET SD  CE   sing N N 223 
MET CE  HE1  sing N N 224 
MET CE  HE2  sing N N 225 
MET CE  HE3  sing N N 226 
MET OXT HXT  sing N N 227 
PHE N   CA   sing N N 228 
PHE N   H    sing N N 229 
PHE N   H2   sing N N 230 
PHE CA  C    sing N N 231 
PHE CA  CB   sing N N 232 
PHE CA  HA   sing N N 233 
PHE C   O    doub N N 234 
PHE C   OXT  sing N N 235 
PHE CB  CG   sing N N 236 
PHE CB  HB2  sing N N 237 
PHE CB  HB3  sing N N 238 
PHE CG  CD1  doub Y N 239 
PHE CG  CD2  sing Y N 240 
PHE CD1 CE1  sing Y N 241 
PHE CD1 HD1  sing N N 242 
PHE CD2 CE2  doub Y N 243 
PHE CD2 HD2  sing N N 244 
PHE CE1 CZ   doub Y N 245 
PHE CE1 HE1  sing N N 246 
PHE CE2 CZ   sing Y N 247 
PHE CE2 HE2  sing N N 248 
PHE CZ  HZ   sing N N 249 
PHE OXT HXT  sing N N 250 
PRO N   CA   sing N N 251 
PRO N   CD   sing N N 252 
PRO N   H    sing N N 253 
PRO CA  C    sing N N 254 
PRO CA  CB   sing N N 255 
PRO CA  HA   sing N N 256 
PRO C   O    doub N N 257 
PRO C   OXT  sing N N 258 
PRO CB  CG   sing N N 259 
PRO CB  HB2  sing N N 260 
PRO CB  HB3  sing N N 261 
PRO CG  CD   sing N N 262 
PRO CG  HG2  sing N N 263 
PRO CG  HG3  sing N N 264 
PRO CD  HD2  sing N N 265 
PRO CD  HD3  sing N N 266 
PRO OXT HXT  sing N N 267 
SER N   CA   sing N N 268 
SER N   H    sing N N 269 
SER N   H2   sing N N 270 
SER CA  C    sing N N 271 
SER CA  CB   sing N N 272 
SER CA  HA   sing N N 273 
SER C   O    doub N N 274 
SER C   OXT  sing N N 275 
SER CB  OG   sing N N 276 
SER CB  HB2  sing N N 277 
SER CB  HB3  sing N N 278 
SER OG  HG   sing N N 279 
SER OXT HXT  sing N N 280 
THR N   CA   sing N N 281 
THR N   H    sing N N 282 
THR N   H2   sing N N 283 
THR CA  C    sing N N 284 
THR CA  CB   sing N N 285 
THR CA  HA   sing N N 286 
THR C   O    doub N N 287 
THR C   OXT  sing N N 288 
THR CB  OG1  sing N N 289 
THR CB  CG2  sing N N 290 
THR CB  HB   sing N N 291 
THR OG1 HG1  sing N N 292 
THR CG2 HG21 sing N N 293 
THR CG2 HG22 sing N N 294 
THR CG2 HG23 sing N N 295 
THR OXT HXT  sing N N 296 
TRP N   CA   sing N N 297 
TRP N   H    sing N N 298 
TRP N   H2   sing N N 299 
TRP CA  C    sing N N 300 
TRP CA  CB   sing N N 301 
TRP CA  HA   sing N N 302 
TRP C   O    doub N N 303 
TRP C   OXT  sing N N 304 
TRP CB  CG   sing N N 305 
TRP CB  HB2  sing N N 306 
TRP CB  HB3  sing N N 307 
TRP CG  CD1  doub Y N 308 
TRP CG  CD2  sing Y N 309 
TRP CD1 NE1  sing Y N 310 
TRP CD1 HD1  sing N N 311 
TRP CD2 CE2  doub Y N 312 
TRP CD2 CE3  sing Y N 313 
TRP NE1 CE2  sing Y N 314 
TRP NE1 HE1  sing N N 315 
TRP CE2 CZ2  sing Y N 316 
TRP CE3 CZ3  doub Y N 317 
TRP CE3 HE3  sing N N 318 
TRP CZ2 CH2  doub Y N 319 
TRP CZ2 HZ2  sing N N 320 
TRP CZ3 CH2  sing Y N 321 
TRP CZ3 HZ3  sing N N 322 
TRP CH2 HH2  sing N N 323 
TRP OXT HXT  sing N N 324 
TYR N   CA   sing N N 325 
TYR N   H    sing N N 326 
TYR N   H2   sing N N 327 
TYR CA  C    sing N N 328 
TYR CA  CB   sing N N 329 
TYR CA  HA   sing N N 330 
TYR C   O    doub N N 331 
TYR C   OXT  sing N N 332 
TYR CB  CG   sing N N 333 
TYR CB  HB2  sing N N 334 
TYR CB  HB3  sing N N 335 
TYR CG  CD1  doub Y N 336 
TYR CG  CD2  sing Y N 337 
TYR CD1 CE1  sing Y N 338 
TYR CD1 HD1  sing N N 339 
TYR CD2 CE2  doub Y N 340 
TYR CD2 HD2  sing N N 341 
TYR CE1 CZ   doub Y N 342 
TYR CE1 HE1  sing N N 343 
TYR CE2 CZ   sing Y N 344 
TYR CE2 HE2  sing N N 345 
TYR CZ  OH   sing N N 346 
TYR OH  HH   sing N N 347 
TYR OXT HXT  sing N N 348 
VAL N   CA   sing N N 349 
VAL N   H    sing N N 350 
VAL N   H2   sing N N 351 
VAL CA  C    sing N N 352 
VAL CA  CB   sing N N 353 
VAL CA  HA   sing N N 354 
VAL C   O    doub N N 355 
VAL C   OXT  sing N N 356 
VAL CB  CG1  sing N N 357 
VAL CB  CG2  sing N N 358 
VAL CB  HB   sing N N 359 
VAL CG1 HG11 sing N N 360 
VAL CG1 HG12 sing N N 361 
VAL CG1 HG13 sing N N 362 
VAL CG2 HG21 sing N N 363 
VAL CG2 HG22 sing N N 364 
VAL CG2 HG23 sing N N 365 
VAL OXT HXT  sing N N 366 
# 
_em_admin.current_status     REL 
_em_admin.deposition_date    2024-11-14 
_em_admin.deposition_site    PDBJ 
_em_admin.entry_id           9KL3 
_em_admin.last_update        2025-12-31 
_em_admin.map_release_date   2025-11-19 
_em_admin.title              'CryoEM structure of Pleurocybella porrigens lectin (PPL) in complex with GalNAc' 
# 
_em_ctf_correction.details                  ? 
_em_ctf_correction.em_image_processing_id   1 
_em_ctf_correction.id                       1 
_em_ctf_correction.type                     'PHASE FLIPPING AND AMPLITUDE CORRECTION' 
# 
_em_entity_assembly_molwt.entity_assembly_id   1 
_em_entity_assembly_molwt.experimental_flag    YES 
_em_entity_assembly_molwt.id                   1 
_em_entity_assembly_molwt.units                MEGADALTONS 
_em_entity_assembly_molwt.value                0.0856 
# 
_em_entity_assembly_naturalsource.cell                 ? 
_em_entity_assembly_naturalsource.cellular_location    ? 
_em_entity_assembly_naturalsource.entity_assembly_id   1 
_em_entity_assembly_naturalsource.id                   1 
_em_entity_assembly_naturalsource.ncbi_tax_id          71910 
_em_entity_assembly_naturalsource.organism             'Pleurocybella porrigens' 
_em_entity_assembly_naturalsource.organelle            ? 
_em_entity_assembly_naturalsource.organ                ? 
_em_entity_assembly_naturalsource.strain               ? 
_em_entity_assembly_naturalsource.tissue               ? 
_em_entity_assembly_naturalsource.details              ? 
# 
_em_entity_assembly_recombinant.cell                 ? 
_em_entity_assembly_recombinant.entity_assembly_id   1 
_em_entity_assembly_recombinant.id                   1 
_em_entity_assembly_recombinant.ncbi_tax_id          562 
_em_entity_assembly_recombinant.organism             'Escherichia coli' 
_em_entity_assembly_recombinant.plasmid              ? 
_em_entity_assembly_recombinant.strain               ? 
# 
_em_image_processing.details              ? 
_em_image_processing.id                   1 
_em_image_processing.image_recording_id   1 
# 
_em_image_recording.average_exposure_time               4.8 
_em_image_recording.avg_electron_dose_per_subtomogram   ? 
_em_image_recording.avg_electron_dose_per_image         47.41 
_em_image_recording.details                             ? 
_em_image_recording.detector_mode                       ? 
_em_image_recording.film_or_detector_model              'GATAN K2 SUMMIT (4k x 4k)' 
_em_image_recording.id                                  1 
_em_image_recording.imaging_id                          1 
_em_image_recording.num_diffraction_images              ? 
_em_image_recording.num_grids_imaged                    ? 
_em_image_recording.num_real_images                     1542 
# 
_em_particle_selection.details                  ? 
_em_particle_selection.id                       1 
_em_particle_selection.image_processing_id      1 
_em_particle_selection.method                   ? 
_em_particle_selection.num_particles_selected   150096 
_em_particle_selection.reference_model          ? 
# 
loop_
_em_software.category 
_em_software.details 
_em_software.id 
_em_software.image_processing_id 
_em_software.fitting_id 
_em_software.imaging_id 
_em_software.name 
_em_software.version 
'PARTICLE SELECTION'            ? 1  1 ? ? Topaz           ? 
'IMAGE ACQUISITION'             ? 2  ? ? 1 SerialEM        ? 
MASKING                         ? 3  ? ? ? ?               ? 
'CTF CORRECTION'                ? 4  1 ? ? cryoSPARC       ? 
'LAYERLINE INDEXING'            ? 5  ? ? ? ?               ? 
'DIFFRACTION INDEXING'          ? 6  ? ? ? ?               ? 
'MODEL FITTING'                 ? 7  ? 1 ? Coot            ? 
'MODEL FITTING'                 ? 8  ? 1 ? 'UCSF ChimeraX' ? 
OTHER                           ? 9  ? ? ? ?               ? 
'INITIAL EULER ASSIGNMENT'      ? 10 1 ? ? cryoSPARC       ? 
'FINAL EULER ASSIGNMENT'        ? 11 1 ? ? cryoSPARC       ? 
CLASSIFICATION                  ? 12 1 ? ? cryoSPARC       ? 
RECONSTRUCTION                  ? 13 1 ? ? cryoSPARC       ? 
'VOLUME SELECTION'              ? 14 1 1 1 ?               ? 
'SERIES ALIGNMENT'              ? 15 1 1 1 ?               ? 
'MOLECULAR REPLACEMENT'         ? 16 1 1 1 ?               ? 
'LATTICE DISTORTION CORRECTION' ? 17 1 1 1 ?               ? 
'SYMMETRY DETERMINATION'        ? 18 1 1 1 ?               ? 
'CRYSTALLOGRAPHY MERGING'       ? 19 1 1 1 ?               ? 
'MODEL REFINEMENT'              ? 20 ? 1 ? PHENIX          ? 
# 
_em_specimen.concentration           ? 
_em_specimen.details                 ? 
_em_specimen.embedding_applied       NO 
_em_specimen.experiment_id           1 
_em_specimen.id                      1 
_em_specimen.shadowing_applied       NO 
_em_specimen.staining_applied        NO 
_em_specimen.vitrification_applied   YES 
# 
_pdbx_audit_support.funding_organization   'Other private' 
_pdbx_audit_support.country                ? 
_pdbx_audit_support.grant_number           Y-2023-2-046 
_pdbx_audit_support.ordinal                1 
# 
_atom_sites.entry_id                    9KL3 
_atom_sites.Cartn_transf_matrix[1][1]   ? 
_atom_sites.Cartn_transf_matrix[1][2]   ? 
_atom_sites.Cartn_transf_matrix[1][3]   ? 
_atom_sites.Cartn_transf_matrix[2][1]   ? 
_atom_sites.Cartn_transf_matrix[2][2]   ? 
_atom_sites.Cartn_transf_matrix[2][3]   ? 
_atom_sites.Cartn_transf_matrix[3][1]   ? 
_atom_sites.Cartn_transf_matrix[3][2]   ? 
_atom_sites.Cartn_transf_matrix[3][3]   ? 
_atom_sites.Cartn_transf_vector[1]      ? 
_atom_sites.Cartn_transf_vector[2]      ? 
_atom_sites.Cartn_transf_vector[3]      ? 
_atom_sites.Cartn_transform_axes        ? 
_atom_sites.fract_transf_matrix[1][1]   1.000000 
_atom_sites.fract_transf_matrix[1][2]   0.000000 
_atom_sites.fract_transf_matrix[1][3]   0.000000 
_atom_sites.fract_transf_matrix[2][1]   0.000000 
_atom_sites.fract_transf_matrix[2][2]   1.000000 
_atom_sites.fract_transf_matrix[2][3]   0.000000 
_atom_sites.fract_transf_matrix[3][1]   0.000000 
_atom_sites.fract_transf_matrix[3][2]   0.000000 
_atom_sites.fract_transf_matrix[3][3]   1.000000 
_atom_sites.fract_transf_vector[1]      0.00000 
_atom_sites.fract_transf_vector[2]      0.00000 
_atom_sites.fract_transf_vector[3]      0.00000 
_atom_sites.solution_primary            ? 
_atom_sites.solution_secondary          ? 
_atom_sites.solution_hydrogens          ? 
_atom_sites.special_details             ? 
# 
loop_
_atom_type.symbol 
C 
N 
O 
S 
# 
loop_
_atom_site.group_PDB 
_atom_site.id 
_atom_site.type_symbol 
_atom_site.label_atom_id 
_atom_site.label_alt_id 
_atom_site.label_comp_id 
_atom_site.label_asym_id 
_atom_site.label_entity_id 
_atom_site.label_seq_id 
_atom_site.pdbx_PDB_ins_code 
_atom_site.Cartn_x 
_atom_site.Cartn_y 
_atom_site.Cartn_z 
_atom_site.occupancy 
_atom_site.B_iso_or_equiv 
_atom_site.pdbx_formal_charge 
_atom_site.auth_seq_id 
_atom_site.auth_comp_id 
_atom_site.auth_asym_id 
_atom_site.auth_atom_id 
_atom_site.pdbx_PDB_model_num 
ATOM   1    N N   . MET A 1 4   ? 15.279  1.419   10.473  1.00 28.15 ? 1   MET A N   1 
ATOM   2    C CA  . MET A 1 4   ? 15.024  1.869   9.109   1.00 28.15 ? 1   MET A CA  1 
ATOM   3    C C   . MET A 1 4   ? 13.672  1.370   8.611   1.00 28.15 ? 1   MET A C   1 
ATOM   4    O O   . MET A 1 4   ? 13.533  0.981   7.452   1.00 28.15 ? 1   MET A O   1 
ATOM   5    C CB  . MET A 1 4   ? 16.137  1.398   8.172   1.00 28.15 ? 1   MET A CB  1 
ATOM   6    C CG  . MET A 1 4   ? 17.476  2.079   8.406   1.00 28.15 ? 1   MET A CG  1 
ATOM   7    S SD  . MET A 1 4   ? 18.647  1.818   7.058   1.00 28.15 ? 1   MET A SD  1 
ATOM   8    C CE  . MET A 1 4   ? 17.558  1.899   5.639   1.00 28.15 ? 1   MET A CE  1 
ATOM   9    N N   . SER A 1 5   ? 12.676  1.382   9.495   1.00 20.53 ? 2   SER A N   1 
ATOM   10   C CA  . SER A 1 5   ? 11.337  0.934   9.142   1.00 20.53 ? 2   SER A CA  1 
ATOM   11   C C   . SER A 1 5   ? 10.319  1.683   9.990   1.00 20.53 ? 2   SER A C   1 
ATOM   12   O O   . SER A 1 5   ? 10.638  2.212   11.057  1.00 20.53 ? 2   SER A O   1 
ATOM   13   C CB  . SER A 1 5   ? 11.182  -0.580  9.326   1.00 20.53 ? 2   SER A CB  1 
ATOM   14   O OG  . SER A 1 5   ? 11.773  -1.288  8.251   1.00 20.53 ? 2   SER A OG  1 
ATOM   15   N N   . ILE A 1 6   ? 9.088   1.717   9.497   1.00 15.85 ? 3   ILE A N   1 
ATOM   16   C CA  . ILE A 1 6   ? 8.017   2.443   10.190  1.00 15.85 ? 3   ILE A CA  1 
ATOM   17   C C   . ILE A 1 6   ? 7.602   1.660   11.432  1.00 15.85 ? 3   ILE A C   1 
ATOM   18   O O   . ILE A 1 6   ? 7.635   0.416   11.415  1.00 15.85 ? 3   ILE A O   1 
ATOM   19   C CB  . ILE A 1 6   ? 6.832   2.670   9.240   1.00 15.85 ? 3   ILE A CB  1 
ATOM   20   C CG1 . ILE A 1 6   ? 5.979   3.852   9.699   1.00 15.85 ? 3   ILE A CG1 1 
ATOM   21   C CG2 . ILE A 1 6   ? 5.984   1.413   9.087   1.00 15.85 ? 3   ILE A CG2 1 
ATOM   22   C CD1 . ILE A 1 6   ? 6.640   5.193   9.485   1.00 15.85 ? 3   ILE A CD1 1 
ATOM   23   N N   . PRO A 1 7   ? 7.262   2.319   12.533  1.00 14.41 ? 4   PRO A N   1 
ATOM   24   C CA  . PRO A 1 7   ? 6.762   1.607   13.714  1.00 14.41 ? 4   PRO A CA  1 
ATOM   25   C C   . PRO A 1 7   ? 5.295   1.224   13.538  1.00 14.41 ? 4   PRO A C   1 
ATOM   26   O O   . PRO A 1 7   ? 4.602   1.705   12.644  1.00 14.41 ? 4   PRO A O   1 
ATOM   27   C CB  . PRO A 1 7   ? 6.950   2.620   14.845  1.00 14.41 ? 4   PRO A CB  1 
ATOM   28   C CG  . PRO A 1 7   ? 6.936   3.942   14.173  1.00 14.41 ? 4   PRO A CG  1 
ATOM   29   C CD  . PRO A 1 7   ? 7.555   3.733   12.824  1.00 14.41 ? 4   PRO A CD  1 
ATOM   30   N N   . ALA A 1 8   ? 4.832   0.340   14.417  1.00 13.49 ? 5   ALA A N   1 
ATOM   31   C CA  . ALA A 1 8   ? 3.458   -0.137  14.375  1.00 13.49 ? 5   ALA A CA  1 
ATOM   32   C C   . ALA A 1 8   ? 2.483   0.975   14.747  1.00 13.49 ? 5   ALA A C   1 
ATOM   33   O O   . ALA A 1 8   ? 2.811   1.886   15.513  1.00 13.49 ? 5   ALA A O   1 
ATOM   34   C CB  . ALA A 1 8   ? 3.274   -1.325  15.319  1.00 13.49 ? 5   ALA A CB  1 
ATOM   35   N N   . GLY A 1 9   ? 1.273   0.893   14.195  1.00 12.16 ? 6   GLY A N   1 
ATOM   36   C CA  . GLY A 1 9   ? 0.260   1.888   14.502  1.00 12.16 ? 6   GLY A CA  1 
ATOM   37   C C   . GLY A 1 9   ? -0.599  2.274   13.315  1.00 12.16 ? 6   GLY A C   1 
ATOM   38   O O   . GLY A 1 9   ? -0.416  1.742   12.222  1.00 12.16 ? 6   GLY A O   1 
ATOM   39   N N   . THR A 1 10  ? -1.536  3.198   13.506  1.00 11.56 ? 7   THR A N   1 
ATOM   40   C CA  . THR A 1 10  ? -2.461  3.579   12.446  1.00 11.56 ? 7   THR A CA  1 
ATOM   41   C C   . THR A 1 10  ? -1.926  4.804   11.713  1.00 11.56 ? 7   THR A C   1 
ATOM   42   O O   . THR A 1 10  ? -1.528  5.788   12.345  1.00 11.56 ? 7   THR A O   1 
ATOM   43   C CB  . THR A 1 10  ? -3.851  3.862   13.017  1.00 11.56 ? 7   THR A CB  1 
ATOM   44   O OG1 . THR A 1 10  ? -4.336  2.695   13.691  1.00 11.56 ? 7   THR A OG1 1 
ATOM   45   C CG2 . THR A 1 10  ? -4.819  4.205   11.902  1.00 11.56 ? 7   THR A CG2 1 
ATOM   46   N N   . TYR A 1 11  ? -1.920  4.742   10.381  1.00 11.47 ? 8   TYR A N   1 
ATOM   47   C CA  . TYR A 1 11  ? -1.306  5.768   9.554   1.00 11.47 ? 8   TYR A CA  1 
ATOM   48   C C   . TYR A 1 11  ? -2.154  6.021   8.316   1.00 11.47 ? 8   TYR A C   1 
ATOM   49   O O   . TYR A 1 11  ? -3.024  5.225   7.953   1.00 11.47 ? 8   TYR A O   1 
ATOM   50   C CB  . TYR A 1 11  ? 0.111   5.369   9.120   1.00 11.47 ? 8   TYR A CB  1 
ATOM   51   C CG  . TYR A 1 11  ? 1.125   5.316   10.238  1.00 11.47 ? 8   TYR A CG  1 
ATOM   52   C CD1 . TYR A 1 11  ? 1.442   6.451   10.968  1.00 11.47 ? 8   TYR A CD1 1 
ATOM   53   C CD2 . TYR A 1 11  ? 1.773   4.131   10.556  1.00 11.47 ? 8   TYR A CD2 1 
ATOM   54   C CE1 . TYR A 1 11  ? 2.370   6.407   11.988  1.00 11.47 ? 8   TYR A CE1 1 
ATOM   55   C CE2 . TYR A 1 11  ? 2.702   4.077   11.573  1.00 11.47 ? 8   TYR A CE2 1 
ATOM   56   C CZ  . TYR A 1 11  ? 2.998   5.217   12.286  1.00 11.47 ? 8   TYR A CZ  1 
ATOM   57   O OH  . TYR A 1 11  ? 3.923   5.169   13.301  1.00 11.47 ? 8   TYR A OH  1 
ATOM   58   N N   . LEU A 1 12  ? -1.883  7.156   7.676   1.00 11.74 ? 9   LEU A N   1 
ATOM   59   C CA  . LEU A 1 12  ? -2.377  7.475   6.345   1.00 11.74 ? 9   LEU A CA  1 
ATOM   60   C C   . LEU A 1 12  ? -1.188  7.504   5.395   1.00 11.74 ? 9   LEU A C   1 
ATOM   61   O O   . LEU A 1 12  ? -0.213  8.220   5.641   1.00 11.74 ? 9   LEU A O   1 
ATOM   62   C CB  . LEU A 1 12  ? -3.093  8.829   6.328   1.00 11.74 ? 9   LEU A CB  1 
ATOM   63   C CG  . LEU A 1 12  ? -4.385  9.006   7.124   1.00 11.74 ? 9   LEU A CG  1 
ATOM   64   C CD1 . LEU A 1 12  ? -4.628  10.477  7.402   1.00 11.74 ? 9   LEU A CD1 1 
ATOM   65   C CD2 . LEU A 1 12  ? -5.561  8.419   6.374   1.00 11.74 ? 9   LEU A CD2 1 
ATOM   66   N N   . ILE A 1 13  ? -1.262  6.730   4.318   1.00 12.58 ? 10  ILE A N   1 
ATOM   67   C CA  . ILE A 1 13  ? -0.160  6.602   3.370   1.00 12.58 ? 10  ILE A CA  1 
ATOM   68   C C   . ILE A 1 13  ? -0.438  7.512   2.182   1.00 12.58 ? 10  ILE A C   1 
ATOM   69   O O   . ILE A 1 13  ? -1.491  7.406   1.544   1.00 12.58 ? 10  ILE A O   1 
ATOM   70   C CB  . ILE A 1 13  ? 0.034   5.145   2.922   1.00 12.58 ? 10  ILE A CB  1 
ATOM   71   C CG1 . ILE A 1 13  ? 0.451   4.263   4.100   1.00 12.58 ? 10  ILE A CG1 1 
ATOM   72   C CG2 . ILE A 1 13  ? 1.074   5.063   1.826   1.00 12.58 ? 10  ILE A CG2 1 
ATOM   73   C CD1 . ILE A 1 13  ? -0.697  3.623   4.841   1.00 12.58 ? 10  ILE A CD1 1 
ATOM   74   N N   . ARG A 1 14  ? 0.504   8.403   1.884   1.00 13.30 ? 11  ARG A N   1 
ATOM   75   C CA  . ARG A 1 14  ? 0.365   9.362   0.796   1.00 13.30 ? 11  ARG A CA  1 
ATOM   76   C C   . ARG A 1 14  ? 1.525   9.225   -0.179  1.00 13.30 ? 11  ARG A C   1 
ATOM   77   O O   . ARG A 1 14  ? 2.681   9.097   0.231   1.00 13.30 ? 11  ARG A O   1 
ATOM   78   C CB  . ARG A 1 14  ? 0.305   10.798  1.331   1.00 13.30 ? 11  ARG A CB  1 
ATOM   79   C CG  . ARG A 1 14  ? 0.479   11.868  0.264   1.00 13.30 ? 11  ARG A CG  1 
ATOM   80   C CD  . ARG A 1 14  ? 0.347   13.265  0.845   1.00 13.30 ? 11  ARG A CD  1 
ATOM   81   N NE  . ARG A 1 14  ? 1.473   13.606  1.706   1.00 13.30 ? 11  ARG A NE  1 
ATOM   82   C CZ  . ARG A 1 14  ? 2.473   14.400  1.349   1.00 13.30 ? 11  ARG A CZ  1 
ATOM   83   N NH1 . ARG A 1 14  ? 2.522   14.955  0.149   1.00 13.30 ? 11  ARG A NH1 1 
ATOM   84   N NH2 . ARG A 1 14  ? 3.450   14.642  2.217   1.00 13.30 ? 11  ARG A NH2 1 
ATOM   85   N N   . ASN A 1 15  ? 1.212   9.255   -1.473  1.00 16.68 ? 12  ASN A N   1 
ATOM   86   C CA  . ASN A 1 15  ? 2.238   9.219   -2.506  1.00 16.68 ? 12  ASN A CA  1 
ATOM   87   C C   . ASN A 1 15  ? 2.819   10.613  -2.709  1.00 16.68 ? 12  ASN A C   1 
ATOM   88   O O   . ASN A 1 15  ? 2.077   11.583  -2.882  1.00 16.68 ? 12  ASN A O   1 
ATOM   89   C CB  . ASN A 1 15  ? 1.656   8.690   -3.816  1.00 16.68 ? 12  ASN A CB  1 
ATOM   90   C CG  . ASN A 1 15  ? 2.722   8.389   -4.846  1.00 16.68 ? 12  ASN A CG  1 
ATOM   91   O OD1 . ASN A 1 15  ? 3.879   8.144   -4.506  1.00 16.68 ? 12  ASN A OD1 1 
ATOM   92   N ND2 . ASN A 1 15  ? 2.340   8.411   -6.115  1.00 16.68 ? 12  ASN A ND2 1 
ATOM   93   N N   . VAL A 1 16  ? 4.150   10.711  -2.691  1.00 17.15 ? 13  VAL A N   1 
ATOM   94   C CA  . VAL A 1 16  ? 4.797   12.015  -2.815  1.00 17.15 ? 13  VAL A CA  1 
ATOM   95   C C   . VAL A 1 16  ? 4.866   12.500  -4.256  1.00 17.15 ? 13  VAL A C   1 
ATOM   96   O O   . VAL A 1 16  ? 4.988   13.710  -4.488  1.00 17.15 ? 13  VAL A O   1 
ATOM   97   C CB  . VAL A 1 16  ? 6.213   11.985  -2.217  1.00 17.15 ? 13  VAL A CB  1 
ATOM   98   C CG1 . VAL A 1 16  ? 6.158   11.605  -0.752  1.00 17.15 ? 13  VAL A CG1 1 
ATOM   99   C CG2 . VAL A 1 16  ? 7.097   11.019  -2.985  1.00 17.15 ? 13  VAL A CG2 1 
ATOM   100  N N   . GLU A 1 17  ? 4.796   11.596  -5.235  1.00 19.69 ? 14  GLU A N   1 
ATOM   101  C CA  . GLU A 1 17  ? 4.910   12.003  -6.630  1.00 19.69 ? 14  GLU A CA  1 
ATOM   102  C C   . GLU A 1 17  ? 3.644   12.677  -7.144  1.00 19.69 ? 14  GLU A C   1 
ATOM   103  O O   . GLU A 1 17  ? 3.718   13.495  -8.067  1.00 19.69 ? 14  GLU A O   1 
ATOM   104  C CB  . GLU A 1 17  ? 5.251   10.795  -7.503  1.00 19.69 ? 14  GLU A CB  1 
ATOM   105  C CG  . GLU A 1 17  ? 6.741   10.583  -7.719  1.00 19.69 ? 14  GLU A CG  1 
ATOM   106  C CD  . GLU A 1 17  ? 7.431   9.992   -6.505  1.00 19.69 ? 14  GLU A CD  1 
ATOM   107  O OE1 . GLU A 1 17  ? 6.831   9.117   -5.847  1.00 19.69 ? 14  GLU A OE1 1 
ATOM   108  O OE2 . GLU A 1 17  ? 8.573   10.400  -6.211  1.00 19.69 ? 14  GLU A OE2 1 
ATOM   109  N N   . SER A 1 18  ? 2.483   12.355  -6.569  1.00 19.31 ? 15  SER A N   1 
ATOM   110  C CA  . SER A 1 18  ? 1.226   12.906  -7.054  1.00 19.31 ? 15  SER A CA  1 
ATOM   111  C C   . SER A 1 18  ? 0.300   13.406  -5.954  1.00 19.31 ? 15  SER A C   1 
ATOM   112  O O   . SER A 1 18  ? -0.814  13.834  -6.269  1.00 19.31 ? 15  SER A O   1 
ATOM   113  C CB  . SER A 1 18  ? 0.481   11.864  -7.902  1.00 19.31 ? 15  SER A CB  1 
ATOM   114  O OG  . SER A 1 18  ? 0.166   10.715  -7.136  1.00 19.31 ? 15  SER A OG  1 
ATOM   115  N N   . ASN A 1 19  ? 0.719   13.370  -4.685  1.00 19.47 ? 16  ASN A N   1 
ATOM   116  C CA  . ASN A 1 19  ? -0.085  13.863  -3.564  1.00 19.47 ? 16  ASN A CA  1 
ATOM   117  C C   . ASN A 1 19  ? -1.443  13.163  -3.500  1.00 19.47 ? 16  ASN A C   1 
ATOM   118  O O   . ASN A 1 19  ? -2.487  13.794  -3.324  1.00 19.47 ? 16  ASN A O   1 
ATOM   119  C CB  . ASN A 1 19  ? -0.253  15.383  -3.635  1.00 19.47 ? 16  ASN A CB  1 
ATOM   120  C CG  . ASN A 1 19  ? 1.008   16.127  -3.246  1.00 19.47 ? 16  ASN A CG  1 
ATOM   121  O OD1 . ASN A 1 19  ? 2.111   15.763  -3.654  1.00 19.47 ? 16  ASN A OD1 1 
ATOM   122  N ND2 . ASN A 1 19  ? 0.852   17.179  -2.451  1.00 19.47 ? 16  ASN A ND2 1 
ATOM   123  N N   . LEU A 1 20  ? -1.421  11.841  -3.640  1.00 16.85 ? 17  LEU A N   1 
ATOM   124  C CA  . LEU A 1 20  ? -2.623  11.024  -3.599  1.00 16.85 ? 17  LEU A CA  1 
ATOM   125  C C   . LEU A 1 20  ? -2.483  9.952   -2.525  1.00 16.85 ? 17  LEU A C   1 
ATOM   126  O O   . LEU A 1 20  ? -1.384  9.455   -2.260  1.00 16.85 ? 17  LEU A O   1 
ATOM   127  C CB  . LEU A 1 20  ? -2.900  10.372  -4.959  1.00 16.85 ? 17  LEU A CB  1 
ATOM   128  C CG  . LEU A 1 20  ? -3.482  11.288  -6.037  1.00 16.85 ? 17  LEU A CG  1 
ATOM   129  C CD1 . LEU A 1 20  ? -3.574  10.566  -7.369  1.00 16.85 ? 17  LEU A CD1 1 
ATOM   130  C CD2 . LEU A 1 20  ? -4.844  11.813  -5.616  1.00 16.85 ? 17  LEU A CD2 1 
ATOM   131  N N   . TYR A 1 21  ? -3.609  9.599   -1.913  1.00 15.44 ? 18  TYR A N   1 
ATOM   132  C CA  . TYR A 1 21  ? -3.638  8.695   -0.775  1.00 15.44 ? 18  TYR A CA  1 
ATOM   133  C C   . TYR A 1 21  ? -4.055  7.293   -1.203  1.00 15.44 ? 18  TYR A C   1 
ATOM   134  O O   . TYR A 1 21  ? -4.864  7.117   -2.115  1.00 15.44 ? 18  TYR A O   1 
ATOM   135  C CB  . TYR A 1 21  ? -4.596  9.211   0.302   1.00 15.44 ? 18  TYR A CB  1 
ATOM   136  C CG  . TYR A 1 21  ? -4.072  10.395  1.079   1.00 15.44 ? 18  TYR A CG  1 
ATOM   137  C CD1 . TYR A 1 21  ? -3.977  11.650  0.493   1.00 15.44 ? 18  TYR A CD1 1 
ATOM   138  C CD2 . TYR A 1 21  ? -3.673  10.260  2.400   1.00 15.44 ? 18  TYR A CD2 1 
ATOM   139  C CE1 . TYR A 1 21  ? -3.499  12.734  1.198   1.00 15.44 ? 18  TYR A CE1 1 
ATOM   140  C CE2 . TYR A 1 21  ? -3.192  11.338  3.114   1.00 15.44 ? 18  TYR A CE2 1 
ATOM   141  C CZ  . TYR A 1 21  ? -3.107  12.573  2.510   1.00 15.44 ? 18  TYR A CZ  1 
ATOM   142  O OH  . TYR A 1 21  ? -2.630  13.650  3.218   1.00 15.44 ? 18  TYR A OH  1 
ATOM   143  N N   . LEU A 1 22  ? -3.494  6.293   -0.525  1.00 16.34 ? 19  LEU A N   1 
ATOM   144  C CA  . LEU A 1 22  ? -3.858  4.908   -0.788  1.00 16.34 ? 19  LEU A CA  1 
ATOM   145  C C   . LEU A 1 22  ? -5.276  4.645   -0.294  1.00 16.34 ? 19  LEU A C   1 
ATOM   146  O O   . LEU A 1 22  ? -5.626  4.993   0.837   1.00 16.34 ? 19  LEU A O   1 
ATOM   147  C CB  . LEU A 1 22  ? -2.867  3.965   -0.107  1.00 16.34 ? 19  LEU A CB  1 
ATOM   148  C CG  . LEU A 1 22  ? -2.948  2.477   -0.452  1.00 16.34 ? 19  LEU A CG  1 
ATOM   149  C CD1 . LEU A 1 22  ? -2.709  2.257   -1.935  1.00 16.34 ? 19  LEU A CD1 1 
ATOM   150  C CD2 . LEU A 1 22  ? -1.946  1.688   0.373   1.00 16.34 ? 19  LEU A CD2 1 
ATOM   151  N N   . ASP A 1 23  ? -6.093  4.022   -1.142  1.00 19.09 ? 20  ASP A N   1 
ATOM   152  C CA  . ASP A 1 23  ? -7.516  3.872   -0.890  1.00 19.09 ? 20  ASP A CA  1 
ATOM   153  C C   . ASP A 1 23  ? -7.973  2.499   -1.362  1.00 19.09 ? 20  ASP A C   1 
ATOM   154  O O   . ASP A 1 23  ? -7.361  1.897   -2.247  1.00 19.09 ? 20  ASP A O   1 
ATOM   155  C CB  . ASP A 1 23  ? -8.309  4.979   -1.604  1.00 19.09 ? 20  ASP A CB  1 
ATOM   156  C CG  . ASP A 1 23  ? -9.806  4.849   -1.415  1.00 19.09 ? 20  ASP A CG  1 
ATOM   157  O OD1 . ASP A 1 23  ? -10.295 5.140   -0.304  1.00 19.09 ? 20  ASP A OD1 1 
ATOM   158  O OD2 . ASP A 1 23  ? -10.494 4.460   -2.380  1.00 19.09 ? 20  ASP A OD2 1 
ATOM   159  N N   . LEU A 1 24  ? -9.048  2.006   -0.756  1.00 20.53 ? 21  LEU A N   1 
ATOM   160  C CA  . LEU A 1 24  ? -9.682  0.759   -1.165  1.00 20.53 ? 21  LEU A CA  1 
ATOM   161  C C   . LEU A 1 24  ? -10.897 1.084   -2.023  1.00 20.53 ? 21  LEU A C   1 
ATOM   162  O O   . LEU A 1 24  ? -11.760 1.866   -1.612  1.00 20.53 ? 21  LEU A O   1 
ATOM   163  C CB  . LEU A 1 24  ? -10.091 -0.072  0.052   1.00 20.53 ? 21  LEU A CB  1 
ATOM   164  C CG  . LEU A 1 24  ? -10.394 -1.552  -0.189  1.00 20.53 ? 21  LEU A CG  1 
ATOM   165  C CD1 . LEU A 1 24  ? -9.115  -2.371  -0.163  1.00 20.53 ? 21  LEU A CD1 1 
ATOM   166  C CD2 . LEU A 1 24  ? -11.382 -2.070  0.842   1.00 20.53 ? 21  LEU A CD2 1 
ATOM   167  N N   . ARG A 1 25  ? -10.961 0.483   -3.210  1.00 22.20 ? 22  ARG A N   1 
ATOM   168  C CA  . ARG A 1 25  ? -11.962 0.855   -4.206  1.00 22.20 ? 22  ARG A CA  1 
ATOM   169  C C   . ARG A 1 25  ? -13.358 0.488   -3.718  1.00 22.20 ? 22  ARG A C   1 
ATOM   170  O O   . ARG A 1 25  ? -13.713 -0.693  -3.655  1.00 22.20 ? 22  ARG A O   1 
ATOM   171  C CB  . ARG A 1 25  ? -11.659 0.175   -5.537  1.00 22.20 ? 22  ARG A CB  1 
ATOM   172  C CG  . ARG A 1 25  ? -12.732 0.393   -6.591  1.00 22.20 ? 22  ARG A CG  1 
ATOM   173  C CD  . ARG A 1 25  ? -12.363 -0.266  -7.908  1.00 22.20 ? 22  ARG A CD  1 
ATOM   174  N NE  . ARG A 1 25  ? -11.362 0.499   -8.640  1.00 22.20 ? 22  ARG A NE  1 
ATOM   175  C CZ  . ARG A 1 25  ? -10.757 0.079   -9.741  1.00 22.20 ? 22  ARG A CZ  1 
ATOM   176  N NH1 . ARG A 1 25  ? -11.026 -1.103  -10.271 1.00 22.20 ? 22  ARG A NH1 1 
ATOM   177  N NH2 . ARG A 1 25  ? -9.857  0.864   -10.327 1.00 22.20 ? 22  ARG A NH2 1 
ATOM   178  N N   . GLY A 1 26  ? -14.152 1.500   -3.373  1.00 23.50 ? 23  GLY A N   1 
ATOM   179  C CA  . GLY A 1 26  ? -15.544 1.310   -3.032  1.00 23.50 ? 23  GLY A CA  1 
ATOM   180  C C   . GLY A 1 26  ? -15.812 0.798   -1.636  1.00 23.50 ? 23  GLY A C   1 
ATOM   181  O O   . GLY A 1 26  ? -16.982 0.580   -1.295  1.00 23.50 ? 23  GLY A O   1 
ATOM   182  N N   . SER A 1 27  ? -14.775 0.595   -0.823  1.00 25.43 ? 24  SER A N   1 
ATOM   183  C CA  . SER A 1 27  ? -14.899 0.059   0.532   1.00 25.43 ? 24  SER A CA  1 
ATOM   184  C C   . SER A 1 27  ? -15.553 -1.318  0.553   1.00 25.43 ? 24  SER A C   1 
ATOM   185  O O   . SER A 1 27  ? -16.176 -1.697  1.550   1.00 25.43 ? 24  SER A O   1 
ATOM   186  C CB  . SER A 1 27  ? -15.669 1.022   1.445   1.00 25.43 ? 24  SER A CB  1 
ATOM   187  O OG  . SER A 1 27  ? -14.837 2.074   1.897   1.00 25.43 ? 24  SER A OG  1 
ATOM   188  N N   . ASN A 1 28  ? -15.424 -2.076  -0.527  1.00 27.22 ? 25  ASN A N   1 
ATOM   189  C CA  . ASN A 1 28  ? -16.037 -3.398  -0.601  1.00 27.22 ? 25  ASN A CA  1 
ATOM   190  C C   . ASN A 1 28  ? -15.246 -4.392  0.236   1.00 27.22 ? 25  ASN A C   1 
ATOM   191  O O   . ASN A 1 28  ? -14.039 -4.554  0.011   1.00 27.22 ? 25  ASN A O   1 
ATOM   192  C CB  . ASN A 1 28  ? -16.113 -3.872  -2.048  1.00 27.22 ? 25  ASN A CB  1 
ATOM   193  C CG  . ASN A 1 28  ? -17.078 -3.054  -2.882  1.00 27.22 ? 25  ASN A CG  1 
ATOM   194  O OD1 . ASN A 1 28  ? -16.681 -2.388  -3.837  1.00 27.22 ? 25  ASN A OD1 1 
ATOM   195  N ND2 . ASN A 1 28  ? -18.356 -3.104  -2.526  1.00 27.22 ? 25  ASN A ND2 1 
ATOM   196  N N   . PRO A 1 29  ? -15.864 -5.070  1.203   1.00 27.34 ? 26  PRO A N   1 
ATOM   197  C CA  . PRO A 1 29  ? -15.161 -6.103  1.980   1.00 27.34 ? 26  PRO A CA  1 
ATOM   198  C C   . PRO A 1 29  ? -15.238 -7.477  1.314   1.00 27.34 ? 26  PRO A C   1 
ATOM   199  O O   . PRO A 1 29  ? -15.692 -8.462  1.904   1.00 27.34 ? 26  PRO A O   1 
ATOM   200  C CB  . PRO A 1 29  ? -15.901 -6.058  3.320   1.00 27.34 ? 26  PRO A CB  1 
ATOM   201  C CG  . PRO A 1 29  ? -17.305 -5.686  2.949   1.00 27.34 ? 26  PRO A CG  1 
ATOM   202  C CD  . PRO A 1 29  ? -17.243 -4.866  1.678   1.00 27.34 ? 26  PRO A CD  1 
ATOM   203  N N   . ALA A 1 30  ? -14.788 -7.544  0.064   1.00 25.86 ? 27  ALA A N   1 
ATOM   204  C CA  . ALA A 1 30  ? -14.825 -8.764  -0.723  1.00 25.86 ? 27  ALA A CA  1 
ATOM   205  C C   . ALA A 1 30  ? -13.458 -9.029  -1.333  1.00 25.86 ? 27  ALA A C   1 
ATOM   206  O O   . ALA A 1 30  ? -12.695 -8.091  -1.589  1.00 25.86 ? 27  ALA A O   1 
ATOM   207  C CB  . ALA A 1 30  ? -15.877 -8.673  -1.838  1.00 25.86 ? 27  ALA A CB  1 
ATOM   208  N N   . PRO A 1 31  ? -13.116 -10.297 -1.565  1.00 25.51 ? 28  PRO A N   1 
ATOM   209  C CA  . PRO A 1 31  ? -11.828 -10.610 -2.201  1.00 25.51 ? 28  PRO A CA  1 
ATOM   210  C C   . PRO A 1 31  ? -11.758 -10.036 -3.610  1.00 25.51 ? 28  PRO A C   1 
ATOM   211  O O   . PRO A 1 31  ? -12.757 -9.993  -4.330  1.00 25.51 ? 28  PRO A O   1 
ATOM   212  C CB  . PRO A 1 31  ? -11.797 -12.143 -2.213  1.00 25.51 ? 28  PRO A CB  1 
ATOM   213  C CG  . PRO A 1 31  ? -12.772 -12.556 -1.160  1.00 25.51 ? 28  PRO A CG  1 
ATOM   214  C CD  . PRO A 1 31  ? -13.844 -11.514 -1.169  1.00 25.51 ? 28  PRO A CD  1 
ATOM   215  N N   . GLY A 1 32  ? -10.563 -9.597  -3.998  1.00 24.09 ? 29  GLY A N   1 
ATOM   216  C CA  . GLY A 1 32  ? -10.355 -9.057  -5.327  1.00 24.09 ? 29  GLY A CA  1 
ATOM   217  C C   . GLY A 1 32  ? -10.734 -7.597  -5.468  1.00 24.09 ? 29  GLY A C   1 
ATOM   218  O O   . GLY A 1 32  ? -11.177 -7.167  -6.536  1.00 24.09 ? 29  GLY A O   1 
ATOM   219  N N   . THR A 1 33  ? -10.566 -6.822  -4.399  1.00 23.05 ? 30  THR A N   1 
ATOM   220  C CA  . THR A 1 33  ? -10.855 -5.394  -4.410  1.00 23.05 ? 30  THR A CA  1 
ATOM   221  C C   . THR A 1 33  ? -9.553  -4.632  -4.626  1.00 23.05 ? 30  THR A C   1 
ATOM   222  O O   . THR A 1 33  ? -8.636  -4.717  -3.803  1.00 23.05 ? 30  THR A O   1 
ATOM   223  C CB  . THR A 1 33  ? -11.525 -4.957  -3.108  1.00 23.05 ? 30  THR A CB  1 
ATOM   224  O OG1 . THR A 1 33  ? -12.516 -5.921  -2.732  1.00 23.05 ? 30  THR A OG1 1 
ATOM   225  C CG2 . THR A 1 33  ? -12.188 -3.603  -3.279  1.00 23.05 ? 30  THR A CG2 1 
ATOM   226  N N   . ASP A 1 34  ? -9.480  -3.887  -5.726  1.00 23.58 ? 31  ASP A N   1 
ATOM   227  C CA  . ASP A 1 34  ? -8.248  -3.204  -6.095  1.00 23.58 ? 31  ASP A CA  1 
ATOM   228  C C   . ASP A 1 34  ? -7.916  -2.091  -5.109  1.00 23.58 ? 31  ASP A C   1 
ATOM   229  O O   . ASP A 1 34  ? -8.800  -1.369  -4.640  1.00 23.58 ? 31  ASP A O   1 
ATOM   230  C CB  . ASP A 1 34  ? -8.368  -2.629  -7.506  1.00 23.58 ? 31  ASP A CB  1 
ATOM   231  C CG  . ASP A 1 34  ? -8.382  -3.703  -8.573  1.00 23.58 ? 31  ASP A CG  1 
ATOM   232  O OD1 . ASP A 1 34  ? -7.730  -4.749  -8.375  1.00 23.58 ? 31  ASP A OD1 1 
ATOM   233  O OD2 . ASP A 1 34  ? -9.047  -3.502  -9.612  1.00 23.58 ? 31  ASP A OD2 1 
ATOM   234  N N   . ALA A 1 35  ? -6.630  -1.957  -4.798  1.00 22.11 ? 32  ALA A N   1 
ATOM   235  C CA  . ALA A 1 35  ? -6.125  -0.858  -3.986  1.00 22.11 ? 32  ALA A CA  1 
ATOM   236  C C   . ALA A 1 35  ? -5.614  0.233   -4.917  1.00 22.11 ? 32  ALA A C   1 
ATOM   237  O O   . ALA A 1 35  ? -4.641  0.025   -5.650  1.00 22.11 ? 32  ALA A O   1 
ATOM   238  C CB  . ALA A 1 35  ? -5.017  -1.332  -3.045  1.00 22.11 ? 32  ALA A CB  1 
ATOM   239  N N   . ILE A 1 36  ? -6.268  1.393   -4.884  1.00 21.11 ? 33  ILE A N   1 
ATOM   240  C CA  . ILE A 1 36  ? -5.989  2.469   -5.830  1.00 21.11 ? 33  ILE A CA  1 
ATOM   241  C C   . ILE A 1 36  ? -5.424  3.674   -5.093  1.00 21.11 ? 33  ILE A C   1 
ATOM   242  O O   . ILE A 1 36  ? -5.246  3.644   -3.872  1.00 21.11 ? 33  ILE A O   1 
ATOM   243  C CB  . ILE A 1 36  ? -7.254  2.852   -6.618  1.00 21.11 ? 33  ILE A CB  1 
ATOM   244  C CG1 . ILE A 1 36  ? -8.316  3.419   -5.676  1.00 21.11 ? 33  ILE A CG1 1 
ATOM   245  C CG2 . ILE A 1 36  ? -7.798  1.649   -7.369  1.00 21.11 ? 33  ILE A CG2 1 
ATOM   246  C CD1 . ILE A 1 36  ? -9.544  3.939   -6.384  1.00 21.11 ? 33  ILE A CD1 1 
ATOM   247  N N   . VAL A 1 37  ? -5.115  4.734   -5.835  1.00 21.54 ? 34  VAL A N   1 
ATOM   248  C CA  . VAL A 1 37  ? -4.728  6.019   -5.267  1.00 21.54 ? 34  VAL A CA  1 
ATOM   249  C C   . VAL A 1 37  ? -5.826  7.026   -5.584  1.00 21.54 ? 34  VAL A C   1 
ATOM   250  O O   . VAL A 1 37  ? -6.277  7.126   -6.732  1.00 21.54 ? 34  VAL A O   1 
ATOM   251  C CB  . VAL A 1 37  ? -3.357  6.485   -5.792  1.00 21.54 ? 34  VAL A CB  1 
ATOM   252  C CG1 . VAL A 1 37  ? -2.260  5.585   -5.252  1.00 21.54 ? 34  VAL A CG1 1 
ATOM   253  C CG2 . VAL A 1 37  ? -3.328  6.477   -7.310  1.00 21.54 ? 34  VAL A CG2 1 
ATOM   254  N N   . TRP A 1 38  ? -6.269  7.753   -4.562  1.00 20.97 ? 35  TRP A N   1 
ATOM   255  C CA  . TRP A 1 38  ? -7.412  8.646   -4.676  1.00 20.97 ? 35  TRP A CA  1 
ATOM   256  C C   . TRP A 1 38  ? -7.181  9.872   -3.806  1.00 20.97 ? 35  TRP A C   1 
ATOM   257  O O   . TRP A 1 38  ? -6.295  9.892   -2.948  1.00 20.97 ? 35  TRP A O   1 
ATOM   258  C CB  . TRP A 1 38  ? -8.712  7.939   -4.267  1.00 20.97 ? 35  TRP A CB  1 
ATOM   259  C CG  . TRP A 1 38  ? -9.947  8.493   -4.909  1.00 20.97 ? 35  TRP A CG  1 
ATOM   260  C CD1 . TRP A 1 38  ? -11.029 9.026   -4.273  1.00 20.97 ? 35  TRP A CD1 1 
ATOM   261  C CD2 . TRP A 1 38  ? -10.235 8.556   -6.311  1.00 20.97 ? 35  TRP A CD2 1 
ATOM   262  N NE1 . TRP A 1 38  ? -11.970 9.423   -5.192  1.00 20.97 ? 35  TRP A NE1 1 
ATOM   263  C CE2 . TRP A 1 38  ? -11.507 9.144   -6.450  1.00 20.97 ? 35  TRP A CE2 1 
ATOM   264  C CE3 . TRP A 1 38  ? -9.539  8.174   -7.463  1.00 20.97 ? 35  TRP A CE3 1 
ATOM   265  C CZ2 . TRP A 1 38  ? -12.097 9.361   -7.693  1.00 20.97 ? 35  TRP A CZ2 1 
ATOM   266  C CZ3 . TRP A 1 38  ? -10.128 8.391   -8.696  1.00 20.97 ? 35  TRP A CZ3 1 
ATOM   267  C CH2 . TRP A 1 38  ? -11.393 8.978   -8.801  1.00 20.97 ? 35  TRP A CH2 1 
ATOM   268  N N   . GLY A 1 39  ? -7.993  10.901  -4.037  1.00 20.29 ? 36  GLY A N   1 
ATOM   269  C CA  . GLY A 1 39  ? -7.877  12.118  -3.258  1.00 20.29 ? 36  GLY A CA  1 
ATOM   270  C C   . GLY A 1 39  ? -8.217  11.899  -1.797  1.00 20.29 ? 36  GLY A C   1 
ATOM   271  O O   . GLY A 1 39  ? -8.875  10.930  -1.417  1.00 20.29 ? 36  GLY A O   1 
ATOM   272  N N   . ARG A 1 40  ? -7.749  12.826  -0.964  1.00 18.66 ? 37  ARG A N   1 
ATOM   273  C CA  . ARG A 1 40  ? -7.910  12.683  0.477   1.00 18.66 ? 37  ARG A CA  1 
ATOM   274  C C   . ARG A 1 40  ? -9.372  12.835  0.876   1.00 18.66 ? 37  ARG A C   1 
ATOM   275  O O   . ARG A 1 40  ? -10.033 13.808  0.502   1.00 18.66 ? 37  ARG A O   1 
ATOM   276  C CB  . ARG A 1 40  ? -7.057  13.714  1.213   1.00 18.66 ? 37  ARG A CB  1 
ATOM   277  C CG  . ARG A 1 40  ? -7.019  13.510  2.720   1.00 18.66 ? 37  ARG A CG  1 
ATOM   278  C CD  . ARG A 1 40  ? -6.261  14.625  3.416   1.00 18.66 ? 37  ARG A CD  1 
ATOM   279  N NE  . ARG A 1 40  ? -5.970  14.298  4.807   1.00 18.66 ? 37  ARG A NE  1 
ATOM   280  C CZ  . ARG A 1 40  ? -6.811  14.493  5.815   1.00 18.66 ? 37  ARG A CZ  1 
ATOM   281  N NH1 . ARG A 1 40  ? -8.011  15.013  5.622   1.00 18.66 ? 37  ARG A NH1 1 
ATOM   282  N NH2 . ARG A 1 40  ? -6.437  14.156  7.045   1.00 18.66 ? 37  ARG A NH2 1 
ATOM   283  N N   . THR A 1 41  ? -9.875  11.865  1.639   1.00 18.25 ? 38  THR A N   1 
ATOM   284  C CA  . THR A 1 41  ? -11.220 11.936  2.197   1.00 18.25 ? 38  THR A CA  1 
ATOM   285  C C   . THR A 1 41  ? -11.173 11.679  3.697   1.00 18.25 ? 38  THR A C   1 
ATOM   286  O O   . THR A 1 41  ? -12.005 12.197  4.450   1.00 18.25 ? 38  THR A O   1 
ATOM   287  C CB  . THR A 1 41  ? -12.154 10.931  1.514   1.00 18.25 ? 38  THR A CB  1 
ATOM   288  O OG1 . THR A 1 41  ? -11.693 9.597   1.761   1.00 18.25 ? 38  THR A OG1 1 
ATOM   289  C CG2 . THR A 1 41  ? -12.215 11.177  0.014   1.00 18.25 ? 38  THR A CG2 1 
ATOM   290  N N   . GLY A 1 42  ? -10.201 10.884  4.140   1.00 18.08 ? 39  GLY A N   1 
ATOM   291  C CA  . GLY A 1 42  ? -10.058 10.584  5.549   1.00 18.08 ? 39  GLY A CA  1 
ATOM   292  C C   . GLY A 1 42  ? -11.055 9.592   6.100   1.00 18.08 ? 39  GLY A C   1 
ATOM   293  O O   . GLY A 1 42  ? -11.254 9.545   7.317   1.00 18.08 ? 39  GLY A O   1 
ATOM   294  N N   . ASN A 1 43  ? -11.683 8.790   5.246   1.00 18.24 ? 40  ASN A N   1 
ATOM   295  C CA  . ASN A 1 43  ? -12.699 7.843   5.685   1.00 18.24 ? 40  ASN A CA  1 
ATOM   296  C C   . ASN A 1 43  ? -12.030 6.601   6.273   1.00 18.24 ? 40  ASN A C   1 
ATOM   297  O O   . ASN A 1 43  ? -10.819 6.567   6.508   1.00 18.24 ? 40  ASN A O   1 
ATOM   298  C CB  . ASN A 1 43  ? -13.635 7.499   4.530   1.00 18.24 ? 40  ASN A CB  1 
ATOM   299  C CG  . ASN A 1 43  ? -14.581 8.631   4.188   1.00 18.24 ? 40  ASN A CG  1 
ATOM   300  O OD1 . ASN A 1 43  ? -15.309 9.127   5.048   1.00 18.24 ? 40  ASN A OD1 1 
ATOM   301  N ND2 . ASN A 1 43  ? -14.578 9.045   2.927   1.00 18.24 ? 40  ASN A ND2 1 
ATOM   302  N N   . ASN A 1 44  ? -12.826 5.558   6.524   1.00 17.55 ? 41  ASN A N   1 
ATOM   303  C CA  . ASN A 1 44  ? -12.301 4.350   7.148   1.00 17.55 ? 41  ASN A CA  1 
ATOM   304  C C   . ASN A 1 44  ? -11.518 3.478   6.175   1.00 17.55 ? 41  ASN A C   1 
ATOM   305  O O   . ASN A 1 44  ? -10.790 2.583   6.618   1.00 17.55 ? 41  ASN A O   1 
ATOM   306  C CB  . ASN A 1 44  ? -13.441 3.538   7.763   1.00 17.55 ? 41  ASN A CB  1 
ATOM   307  C CG  . ASN A 1 44  ? -13.617 3.810   9.243   1.00 17.55 ? 41  ASN A CG  1 
ATOM   308  O OD1 . ASN A 1 44  ? -12.821 3.360   10.066  1.00 17.55 ? 41  ASN A OD1 1 
ATOM   309  N ND2 . ASN A 1 44  ? -14.663 4.549   9.587   1.00 17.55 ? 41  ASN A ND2 1 
ATOM   310  N N   . ASN A 1 45  ? -11.649 3.706   4.872   1.00 17.95 ? 42  ASN A N   1 
ATOM   311  C CA  . ASN A 1 45  ? -10.940 2.912   3.879   1.00 17.95 ? 42  ASN A CA  1 
ATOM   312  C C   . ASN A 1 45  ? -9.572  3.482   3.529   1.00 17.95 ? 42  ASN A C   1 
ATOM   313  O O   . ASN A 1 45  ? -8.885  2.919   2.670   1.00 17.95 ? 42  ASN A O   1 
ATOM   314  C CB  . ASN A 1 45  ? -11.781 2.774   2.607   1.00 17.95 ? 42  ASN A CB  1 
ATOM   315  C CG  . ASN A 1 45  ? -12.168 4.111   2.014   1.00 17.95 ? 42  ASN A CG  1 
ATOM   316  O OD1 . ASN A 1 45  ? -12.459 5.062   2.737   1.00 17.95 ? 42  ASN A OD1 1 
ATOM   317  N ND2 . ASN A 1 45  ? -12.180 4.190   0.690   1.00 17.95 ? 42  ASN A ND2 1 
ATOM   318  N N   . GLN A 1 46  ? -9.160  4.577   4.166   1.00 15.09 ? 43  GLN A N   1 
ATOM   319  C CA  . GLN A 1 46  ? -7.861  5.180   3.910   1.00 15.09 ? 43  GLN A CA  1 
ATOM   320  C C   . GLN A 1 46  ? -6.922  5.120   5.106   1.00 15.09 ? 43  GLN A C   1 
ATOM   321  O O   . GLN A 1 46  ? -5.770  5.553   4.989   1.00 15.09 ? 43  GLN A O   1 
ATOM   322  C CB  . GLN A 1 46  ? -8.030  6.639   3.466   1.00 15.09 ? 43  GLN A CB  1 
ATOM   323  C CG  . GLN A 1 46  ? -8.239  6.802   1.971   1.00 15.09 ? 43  GLN A CG  1 
ATOM   324  C CD  . GLN A 1 46  ? -8.589  8.222   1.580   1.00 15.09 ? 43  GLN A CD  1 
ATOM   325  O OE1 . GLN A 1 46  ? -8.604  9.121   2.419   1.00 15.09 ? 43  GLN A OE1 1 
ATOM   326  N NE2 . GLN A 1 46  ? -8.870  8.432   0.300   1.00 15.09 ? 43  GLN A NE2 1 
ATOM   327  N N   . ARG A 1 47  ? -7.368  4.590   6.242   1.00 14.76 ? 44  ARG A N   1 
ATOM   328  C CA  . ARG A 1 47  ? -6.537  4.452   7.429   1.00 14.76 ? 44  ARG A CA  1 
ATOM   329  C C   . ARG A 1 47  ? -6.036  3.019   7.525   1.00 14.76 ? 44  ARG A C   1 
ATOM   330  O O   . ARG A 1 47  ? -6.833  2.077   7.493   1.00 14.76 ? 44  ARG A O   1 
ATOM   331  C CB  . ARG A 1 47  ? -7.319  4.825   8.689   1.00 14.76 ? 44  ARG A CB  1 
ATOM   332  C CG  . ARG A 1 47  ? -7.805  6.263   8.717   1.00 14.76 ? 44  ARG A CG  1 
ATOM   333  C CD  . ARG A 1 47  ? -8.557  6.563   10.002  1.00 14.76 ? 44  ARG A CD  1 
ATOM   334  N NE  . ARG A 1 47  ? -9.821  7.243   9.749   1.00 14.76 ? 44  ARG A NE  1 
ATOM   335  C CZ  . ARG A 1 47  ? -10.756 7.450   10.666  1.00 14.76 ? 44  ARG A CZ  1 
ATOM   336  N NH1 . ARG A 1 47  ? -10.601 7.040   11.914  1.00 14.76 ? 44  ARG A NH1 1 
ATOM   337  N NH2 . ARG A 1 47  ? -11.874 8.083   10.323  1.00 14.76 ? 44  ARG A NH2 1 
ATOM   338  N N   . TRP A 1 48  ? -4.720  2.855   7.645   1.00 13.40 ? 45  TRP A N   1 
ATOM   339  C CA  . TRP A 1 48  ? -4.091  1.542   7.617   1.00 13.40 ? 45  TRP A CA  1 
ATOM   340  C C   . TRP A 1 48  ? -3.328  1.297   8.910   1.00 13.40 ? 45  TRP A C   1 
ATOM   341  O O   . TRP A 1 48  ? -2.514  2.128   9.322   1.00 13.40 ? 45  TRP A O   1 
ATOM   342  C CB  . TRP A 1 48  ? -3.150  1.412   6.419   1.00 13.40 ? 45  TRP A CB  1 
ATOM   343  C CG  . TRP A 1 48  ? -3.832  1.601   5.099   1.00 13.40 ? 45  TRP A CG  1 
ATOM   344  C CD1 . TRP A 1 48  ? -4.062  2.780   4.458   1.00 13.40 ? 45  TRP A CD1 1 
ATOM   345  C CD2 . TRP A 1 48  ? -4.370  0.575   4.256   1.00 13.40 ? 45  TRP A CD2 1 
ATOM   346  N NE1 . TRP A 1 48  ? -4.713  2.556   3.270   1.00 13.40 ? 45  TRP A NE1 1 
ATOM   347  C CE2 . TRP A 1 48  ? -4.912  1.208   3.123   1.00 13.40 ? 45  TRP A CE2 1 
ATOM   348  C CE3 . TRP A 1 48  ? -4.445  -0.818  4.351   1.00 13.40 ? 45  TRP A CE3 1 
ATOM   349  C CZ2 . TRP A 1 48  ? -5.522  0.498   2.092   1.00 13.40 ? 45  TRP A CZ2 1 
ATOM   350  C CZ3 . TRP A 1 48  ? -5.051  -1.520  3.327   1.00 13.40 ? 45  TRP A CZ3 1 
ATOM   351  C CH2 . TRP A 1 48  ? -5.581  -0.862  2.213   1.00 13.40 ? 45  TRP A CH2 1 
ATOM   352  N N   . ILE A 1 49  ? -3.591  0.158   9.541   1.00 13.71 ? 46  ILE A N   1 
ATOM   353  C CA  . ILE A 1 49  ? -2.859  -0.278  10.722  1.00 13.71 ? 46  ILE A CA  1 
ATOM   354  C C   . ILE A 1 49  ? -1.652  -1.084  10.268  1.00 13.71 ? 46  ILE A C   1 
ATOM   355  O O   . ILE A 1 49  ? -1.789  -2.044  9.500   1.00 13.71 ? 46  ILE A O   1 
ATOM   356  C CB  . ILE A 1 49  ? -3.755  -1.114  11.649  1.00 13.71 ? 46  ILE A CB  1 
ATOM   357  C CG1 . ILE A 1 49  ? -5.072  -0.390  11.923  1.00 13.71 ? 46  ILE A CG1 1 
ATOM   358  C CG2 . ILE A 1 49  ? -3.036  -1.419  12.952  1.00 13.71 ? 46  ILE A CG2 1 
ATOM   359  C CD1 . ILE A 1 49  ? -6.115  -1.258  12.585  1.00 13.71 ? 46  ILE A CD1 1 
ATOM   360  N N   . VAL A 1 50  ? -0.472  -0.687  10.738  1.00 14.35 ? 47  VAL A N   1 
ATOM   361  C CA  . VAL A 1 50  ? 0.785   -1.351  10.426  1.00 14.35 ? 47  VAL A CA  1 
ATOM   362  C C   . VAL A 1 50  ? 1.168   -2.207  11.623  1.00 14.35 ? 47  VAL A C   1 
ATOM   363  O O   . VAL A 1 50  ? 1.349   -1.689  12.734  1.00 14.35 ? 47  VAL A O   1 
ATOM   364  C CB  . VAL A 1 50  ? 1.892   -0.333  10.108  1.00 14.35 ? 47  VAL A CB  1 
ATOM   365  C CG1 . VAL A 1 50  ? 3.188   -1.047  9.761   1.00 14.35 ? 47  VAL A CG1 1 
ATOM   366  C CG2 . VAL A 1 50  ? 1.460   0.597   8.987   1.00 14.35 ? 47  VAL A CG2 1 
ATOM   367  N N   . THR A 1 51  ? 1.285   -3.511  11.394  1.00 17.46 ? 48  THR A N   1 
ATOM   368  C CA  . THR A 1 51  ? 1.698   -4.468  12.412  1.00 17.46 ? 48  THR A CA  1 
ATOM   369  C C   . THR A 1 51  ? 3.032   -5.086  12.019  1.00 17.46 ? 48  THR A C   1 
ATOM   370  O O   . THR A 1 51  ? 3.219   -5.504  10.872  1.00 17.46 ? 48  THR A O   1 
ATOM   371  C CB  . THR A 1 51  ? 0.653   -5.572  12.601  1.00 17.46 ? 48  THR A CB  1 
ATOM   372  O OG1 . THR A 1 51  ? 0.475   -6.278  11.367  1.00 17.46 ? 48  THR A OG1 1 
ATOM   373  C CG2 . THR A 1 51  ? -0.677  -4.981  13.038  1.00 17.46 ? 48  THR A CG2 1 
ATOM   374  N N   . THR A 1 52  ? 3.952   -5.148  12.977  1.00 19.96 ? 49  THR A N   1 
ATOM   375  C CA  . THR A 1 52  ? 5.309   -5.617  12.738  1.00 19.96 ? 49  THR A CA  1 
ATOM   376  C C   . THR A 1 52  ? 5.467   -7.064  13.188  1.00 19.96 ? 49  THR A C   1 
ATOM   377  O O   . THR A 1 52  ? 4.842   -7.499  14.160  1.00 19.96 ? 49  THR A O   1 
ATOM   378  C CB  . THR A 1 52  ? 6.328   -4.724  13.455  1.00 19.96 ? 49  THR A CB  1 
ATOM   379  O OG1 . THR A 1 52  ? 7.657   -5.114  13.084  1.00 19.96 ? 49  THR A OG1 1 
ATOM   380  C CG2 . THR A 1 52  ? 6.169   -4.813  14.967  1.00 19.96 ? 49  THR A CG2 1 
ATOM   381  N N   . HIS A 1 53  ? 6.291   -7.811  12.459  1.00 21.30 ? 50  HIS A N   1 
ATOM   382  C CA  . HIS A 1 53  ? 6.562   -9.207  12.757  1.00 21.30 ? 50  HIS A CA  1 
ATOM   383  C C   . HIS A 1 53  ? 7.984   -9.357  13.297  1.00 21.30 ? 50  HIS A C   1 
ATOM   384  O O   . HIS A 1 53  ? 8.727   -8.382  13.439  1.00 21.30 ? 50  HIS A O   1 
ATOM   385  C CB  . HIS A 1 53  ? 6.327   -10.062 11.511  1.00 21.30 ? 50  HIS A CB  1 
ATOM   386  C CG  . HIS A 1 53  ? 4.887   -10.160 11.111  1.00 21.30 ? 50  HIS A CG  1 
ATOM   387  N ND1 . HIS A 1 53  ? 4.485   -10.634 9.882   1.00 21.30 ? 50  HIS A ND1 1 
ATOM   388  C CD2 . HIS A 1 53  ? 3.753   -9.844  11.782  1.00 21.30 ? 50  HIS A CD2 1 
ATOM   389  C CE1 . HIS A 1 53  ? 3.166   -10.606 9.811   1.00 21.30 ? 50  HIS A CE1 1 
ATOM   390  N NE2 . HIS A 1 53  ? 2.699   -10.131 10.951  1.00 21.30 ? 50  HIS A NE2 1 
ATOM   391  N N   . SER A 1 54  ? 8.371   -10.597 13.603  1.00 24.78 ? 51  SER A N   1 
ATOM   392  C CA  . SER A 1 54  ? 9.657   -10.847 14.246  1.00 24.78 ? 51  SER A CA  1 
ATOM   393  C C   . SER A 1 54  ? 10.824  -10.663 13.282  1.00 24.78 ? 51  SER A C   1 
ATOM   394  O O   . SER A 1 54  ? 11.834  -10.043 13.633  1.00 24.78 ? 51  SER A O   1 
ATOM   395  C CB  . SER A 1 54  ? 9.676   -12.255 14.843  1.00 24.78 ? 51  SER A CB  1 
ATOM   396  O OG  . SER A 1 54  ? 8.683   -12.399 15.844  1.00 24.78 ? 51  SER A OG  1 
ATOM   397  N N   . ASP A 1 55  ? 10.705  -11.195 12.063  1.00 24.00 ? 52  ASP A N   1 
ATOM   398  C CA  . ASP A 1 55  ? 11.829  -11.178 11.134  1.00 24.00 ? 52  ASP A CA  1 
ATOM   399  C C   . ASP A 1 55  ? 12.120  -9.788  10.582  1.00 24.00 ? 52  ASP A C   1 
ATOM   400  O O   . ASP A 1 55  ? 13.214  -9.563  10.054  1.00 24.00 ? 52  ASP A O   1 
ATOM   401  C CB  . ASP A 1 55  ? 11.576  -12.152 9.982   1.00 24.00 ? 52  ASP A CB  1 
ATOM   402  C CG  . ASP A 1 55  ? 10.239  -11.925 9.308   1.00 24.00 ? 52  ASP A CG  1 
ATOM   403  O OD1 . ASP A 1 55  ? 9.345   -11.328 9.943   1.00 24.00 ? 52  ASP A OD1 1 
ATOM   404  O OD2 . ASP A 1 55  ? 10.081  -12.346 8.143   1.00 24.00 ? 52  ASP A OD2 1 
ATOM   405  N N   . GLY A 1 56  ? 11.177  -8.856  10.689  1.00 23.52 ? 53  GLY A N   1 
ATOM   406  C CA  . GLY A 1 56  ? 11.399  -7.511  10.197  1.00 23.52 ? 53  GLY A CA  1 
ATOM   407  C C   . GLY A 1 56  ? 10.482  -7.129  9.053   1.00 23.52 ? 53  GLY A C   1 
ATOM   408  O O   . GLY A 1 56  ? 10.804  -6.238  8.263   1.00 23.52 ? 53  GLY A O   1 
ATOM   409  N N   . THR A 1 57  ? 9.338   -7.798  8.956   1.00 20.17 ? 54  THR A N   1 
ATOM   410  C CA  . THR A 1 57  ? 8.346   -7.522  7.930   1.00 20.17 ? 54  THR A CA  1 
ATOM   411  C C   . THR A 1 57  ? 7.078   -6.981  8.578   1.00 20.17 ? 54  THR A C   1 
ATOM   412  O O   . THR A 1 57  ? 6.782   -7.276  9.739   1.00 20.17 ? 54  THR A O   1 
ATOM   413  C CB  . THR A 1 57  ? 8.022   -8.780  7.118   1.00 20.17 ? 54  THR A CB  1 
ATOM   414  O OG1 . THR A 1 57  ? 7.765   -9.872  8.009   1.00 20.17 ? 54  THR A OG1 1 
ATOM   415  C CG2 . THR A 1 57  ? 9.188   -9.140  6.212   1.00 20.17 ? 54  THR A CG2 1 
ATOM   416  N N   . ARG A 1 58  ? 6.332   -6.184  7.819   1.00 18.54 ? 55  ARG A N   1 
ATOM   417  C CA  . ARG A 1 58  ? 5.170   -5.486  8.344   1.00 18.54 ? 55  ARG A CA  1 
ATOM   418  C C   . ARG A 1 58  ? 3.981   -5.667  7.412   1.00 18.54 ? 55  ARG A C   1 
ATOM   419  O O   . ARG A 1 58  ? 4.138   -5.855  6.203   1.00 18.54 ? 55  ARG A O   1 
ATOM   420  C CB  . ARG A 1 58  ? 5.466   -3.998  8.541   1.00 18.54 ? 55  ARG A CB  1 
ATOM   421  C CG  . ARG A 1 58  ? 6.339   -3.725  9.749   1.00 18.54 ? 55  ARG A CG  1 
ATOM   422  C CD  . ARG A 1 58  ? 6.872   -2.309  9.762   1.00 18.54 ? 55  ARG A CD  1 
ATOM   423  N NE  . ARG A 1 58  ? 7.545   -2.009  11.020  1.00 18.54 ? 55  ARG A NE  1 
ATOM   424  C CZ  . ARG A 1 58  ? 8.753   -2.446  11.347  1.00 18.54 ? 55  ARG A CZ  1 
ATOM   425  N NH1 . ARG A 1 58  ? 9.461   -3.203  10.526  1.00 18.54 ? 55  ARG A NH1 1 
ATOM   426  N NH2 . ARG A 1 58  ? 9.265   -2.115  12.529  1.00 18.54 ? 55  ARG A NH2 1 
ATOM   427  N N   . THR A 1 59  ? 2.785   -5.607  7.995   1.00 18.31 ? 56  THR A N   1 
ATOM   428  C CA  . THR A 1 59  ? 1.543   -5.820  7.266   1.00 18.31 ? 56  THR A CA  1 
ATOM   429  C C   . THR A 1 59  ? 0.580   -4.670  7.528   1.00 18.31 ? 56  THR A C   1 
ATOM   430  O O   . THR A 1 59  ? 0.595   -4.056  8.599   1.00 18.31 ? 56  THR A O   1 
ATOM   431  C CB  . THR A 1 59  ? 0.873   -7.146  7.657   1.00 18.31 ? 56  THR A CB  1 
ATOM   432  O OG1 . THR A 1 59  ? 0.567   -7.135  9.056   1.00 18.31 ? 56  THR A OG1 1 
ATOM   433  C CG2 . THR A 1 59  ? 1.789   -8.321  7.350   1.00 18.31 ? 56  THR A CG2 1 
ATOM   434  N N   . LEU A 1 60  ? -0.265  -4.396  6.535   1.00 16.81 ? 57  LEU A N   1 
ATOM   435  C CA  . LEU A 1 60  ? -1.238  -3.314  6.583   1.00 16.81 ? 57  LEU A CA  1 
ATOM   436  C C   . LEU A 1 60  ? -2.651  -3.881  6.609   1.00 16.81 ? 57  LEU A C   1 
ATOM   437  O O   . LEU A 1 60  ? -2.978  -4.791  5.840   1.00 16.81 ? 57  LEU A O   1 
ATOM   438  C CB  . LEU A 1 60  ? -1.087  -2.384  5.375   1.00 16.81 ? 57  LEU A CB  1 
ATOM   439  C CG  . LEU A 1 60  ? 0.323   -2.040  4.893   1.00 16.81 ? 57  LEU A CG  1 
ATOM   440  C CD1 . LEU A 1 60  ? 0.261   -1.260  3.591   1.00 16.81 ? 57  LEU A CD1 1 
ATOM   441  C CD2 . LEU A 1 60  ? 1.080   -1.259  5.947   1.00 16.81 ? 57  LEU A CD2 1 
ATOM   442  N N   . GLU A 1 61  ? -3.487  -3.339  7.491   1.00 18.02 ? 58  GLU A N   1 
ATOM   443  C CA  . GLU A 1 61  ? -4.886  -3.742  7.590   1.00 18.02 ? 58  GLU A CA  1 
ATOM   444  C C   . GLU A 1 61  ? -5.787  -2.516  7.585   1.00 18.02 ? 58  GLU A C   1 
ATOM   445  O O   . GLU A 1 61  ? -5.495  -1.522  8.251   1.00 18.02 ? 58  GLU A O   1 
ATOM   446  C CB  . GLU A 1 61  ? -5.150  -4.561  8.858   1.00 18.02 ? 58  GLU A CB  1 
ATOM   447  C CG  . GLU A 1 61  ? -4.469  -5.915  8.889   1.00 18.02 ? 58  GLU A CG  1 
ATOM   448  C CD  . GLU A 1 61  ? -4.752  -6.673  10.170  1.00 18.02 ? 58  GLU A CD  1 
ATOM   449  O OE1 . GLU A 1 61  ? -5.384  -6.093  11.078  1.00 18.02 ? 58  GLU A OE1 1 
ATOM   450  O OE2 . GLU A 1 61  ? -4.342  -7.848  10.272  1.00 18.02 ? 58  GLU A OE2 1 
ATOM   451  N N   . THR A 1 62  ? -6.885  -2.589  6.840   1.00 17.54 ? 59  THR A N   1 
ATOM   452  C CA  . THR A 1 62  ? -7.835  -1.486  6.812   1.00 17.54 ? 59  THR A CA  1 
ATOM   453  C C   . THR A 1 62  ? -8.566  -1.375  8.147   1.00 17.54 ? 59  THR A C   1 
ATOM   454  O O   . THR A 1 62  ? -8.851  -2.375  8.811   1.00 17.54 ? 59  THR A O   1 
ATOM   455  C CB  . THR A 1 62  ? -8.842  -1.675  5.677   1.00 17.54 ? 59  THR A CB  1 
ATOM   456  O OG1 . THR A 1 62  ? -8.151  -2.066  4.485   1.00 17.54 ? 59  THR A OG1 1 
ATOM   457  C CG2 . THR A 1 62  ? -9.593  -0.382  5.405   1.00 17.54 ? 59  THR A CG2 1 
ATOM   458  N N   . VAL A 1 63  ? -8.864  -0.140  8.542   1.00 18.24 ? 60  VAL A N   1 
ATOM   459  C CA  . VAL A 1 63  ? -9.571  0.133   9.788   1.00 18.24 ? 60  VAL A CA  1 
ATOM   460  C C   . VAL A 1 63  ? -11.067 -0.024  9.552   1.00 18.24 ? 60  VAL A C   1 
ATOM   461  O O   . VAL A 1 63  ? -11.627 0.582   8.631   1.00 18.24 ? 60  VAL A O   1 
ATOM   462  C CB  . VAL A 1 63  ? -9.245  1.542   10.311  1.00 18.24 ? 60  VAL A CB  1 
ATOM   463  C CG1 . VAL A 1 63  ? -10.188 1.921   11.441  1.00 18.24 ? 60  VAL A CG1 1 
ATOM   464  C CG2 . VAL A 1 63  ? -7.804  1.616   10.774  1.00 18.24 ? 60  VAL A CG2 1 
ATOM   465  N N   . GLY A 1 64  ? -11.715 -0.836  10.383  1.00 20.76 ? 61  GLY A N   1 
ATOM   466  C CA  . GLY A 1 64  ? -13.146 -1.036  10.280  1.00 20.76 ? 61  GLY A CA  1 
ATOM   467  C C   . GLY A 1 64  ? -13.526 -2.117  9.291   1.00 20.76 ? 61  GLY A C   1 
ATOM   468  O O   . GLY A 1 64  ? -14.178 -3.101  9.654   1.00 20.76 ? 61  GLY A O   1 
ATOM   469  N N   . ILE A 1 65  ? -13.127 -1.940  8.030   1.00 20.17 ? 62  ILE A N   1 
ATOM   470  C CA  . ILE A 1 65  ? -13.392 -2.955  7.015   1.00 20.17 ? 62  ILE A CA  1 
ATOM   471  C C   . ILE A 1 65  ? -12.604 -4.224  7.312   1.00 20.17 ? 62  ILE A C   1 
ATOM   472  O O   . ILE A 1 65  ? -13.073 -5.337  7.045   1.00 20.17 ? 62  ILE A O   1 
ATOM   473  C CB  . ILE A 1 65  ? -13.075 -2.403  5.615   1.00 20.17 ? 62  ILE A CB  1 
ATOM   474  C CG1 . ILE A 1 65  ? -13.585 -0.967  5.481   1.00 20.17 ? 62  ILE A CG1 1 
ATOM   475  C CG2 . ILE A 1 65  ? -13.687 -3.288  4.545   1.00 20.17 ? 62  ILE A CG2 1 
ATOM   476  C CD1 . ILE A 1 65  ? -13.473 -0.409  4.082   1.00 20.17 ? 62  ILE A CD1 1 
ATOM   477  N N   . ASN A 1 66  ? -11.396 -4.075  7.859   1.00 20.05 ? 63  ASN A N   1 
ATOM   478  C CA  . ASN A 1 66  ? -10.527 -5.199  8.216   1.00 20.05 ? 63  ASN A CA  1 
ATOM   479  C C   . ASN A 1 66  ? -10.166 -6.034  6.987   1.00 20.05 ? 63  ASN A C   1 
ATOM   480  O O   . ASN A 1 66  ? -10.275 -7.261  6.985   1.00 20.05 ? 63  ASN A O   1 
ATOM   481  C CB  . ASN A 1 66  ? -11.163 -6.067  9.305   1.00 20.05 ? 63  ASN A CB  1 
ATOM   482  C CG  . ASN A 1 66  ? -10.663 -5.718  10.693  1.00 20.05 ? 63  ASN A CG  1 
ATOM   483  O OD1 . ASN A 1 66  ? -9.536  -5.254  10.861  1.00 20.05 ? 63  ASN A OD1 1 
ATOM   484  N ND2 . ASN A 1 66  ? -11.503 -5.939  11.697  1.00 20.05 ? 63  ASN A ND2 1 
ATOM   485  N N   . SER A 1 67  ? -9.730  -5.350  5.932   1.00 18.19 ? 64  SER A N   1 
ATOM   486  C CA  . SER A 1 67  ? -9.250  -5.990  4.715   1.00 18.19 ? 64  SER A CA  1 
ATOM   487  C C   . SER A 1 67  ? -7.778  -5.644  4.541   1.00 18.19 ? 64  SER A C   1 
ATOM   488  O O   . SER A 1 67  ? -7.417  -4.464  4.483   1.00 18.19 ? 64  SER A O   1 
ATOM   489  C CB  . SER A 1 67  ? -10.058 -5.539  3.497   1.00 18.19 ? 64  SER A CB  1 
ATOM   490  O OG  . SER A 1 67  ? -11.373 -6.064  3.535   1.00 18.19 ? 64  SER A OG  1 
ATOM   491  N N   . SER A 1 68  ? -6.937  -6.669  4.454   1.00 17.97 ? 65  SER A N   1 
ATOM   492  C CA  . SER A 1 68  ? -5.495  -6.477  4.379   1.00 17.97 ? 65  SER A CA  1 
ATOM   493  C C   . SER A 1 68  ? -5.082  -6.195  2.936   1.00 17.97 ? 65  SER A C   1 
ATOM   494  O O   . SER A 1 68  ? -5.916  -6.010  2.046   1.00 17.97 ? 65  SER A O   1 
ATOM   495  C CB  . SER A 1 68  ? -4.773  -7.696  4.947   1.00 17.97 ? 65  SER A CB  1 
ATOM   496  O OG  . SER A 1 68  ? -5.119  -7.908  6.303   1.00 17.97 ? 65  SER A OG  1 
ATOM   497  N N   . ALA A 1 69  ? -3.775  -6.151  2.690   1.00 17.97 ? 66  ALA A N   1 
ATOM   498  C CA  . ALA A 1 69  ? -3.217  -5.984  1.352   1.00 17.97 ? 66  ALA A CA  1 
ATOM   499  C C   . ALA A 1 69  ? -2.663  -7.331  0.911   1.00 17.97 ? 66  ALA A C   1 
ATOM   500  O O   . ALA A 1 69  ? -1.706  -7.839  1.505   1.00 17.97 ? 66  ALA A O   1 
ATOM   501  C CB  . ALA A 1 69  ? -2.136  -4.906  1.336   1.00 17.97 ? 66  ALA A CB  1 
ATOM   502  N N   . PHE A 1 70  ? -3.259  -7.905  -0.131  1.00 16.27 ? 67  PHE A N   1 
ATOM   503  C CA  . PHE A 1 70  ? -2.952  -9.262  -0.561  1.00 16.27 ? 67  PHE A CA  1 
ATOM   504  C C   . PHE A 1 70  ? -2.579  -9.265  -2.035  1.00 16.27 ? 67  PHE A C   1 
ATOM   505  O O   . PHE A 1 70  ? -3.327  -8.744  -2.869  1.00 16.27 ? 67  PHE A O   1 
ATOM   506  C CB  . PHE A 1 70  ? -4.147  -10.191 -0.314  1.00 16.27 ? 67  PHE A CB  1 
ATOM   507  C CG  . PHE A 1 70  ? -3.896  -11.621 -0.696  1.00 16.27 ? 67  PHE A CG  1 
ATOM   508  C CD1 . PHE A 1 70  ? -2.880  -12.344 -0.098  1.00 16.27 ? 67  PHE A CD1 1 
ATOM   509  C CD2 . PHE A 1 70  ? -4.683  -12.244 -1.647  1.00 16.27 ? 67  PHE A CD2 1 
ATOM   510  C CE1 . PHE A 1 70  ? -2.652  -13.660 -0.446  1.00 16.27 ? 67  PHE A CE1 1 
ATOM   511  C CE2 . PHE A 1 70  ? -4.459  -13.560 -1.999  1.00 16.27 ? 67  PHE A CE2 1 
ATOM   512  C CZ  . PHE A 1 70  ? -3.443  -14.268 -1.397  1.00 16.27 ? 67  PHE A CZ  1 
ATOM   513  N N   . ILE A 1 71  ? -1.428  -9.852  -2.350  1.00 17.67 ? 68  ILE A N   1 
ATOM   514  C CA  . ILE A 1 71  ? -0.985  -10.060 -3.724  1.00 17.67 ? 68  ILE A CA  1 
ATOM   515  C C   . ILE A 1 71  ? -0.964  -11.560 -3.977  1.00 17.67 ? 68  ILE A C   1 
ATOM   516  O O   . ILE A 1 71  ? -0.207  -12.295 -3.333  1.00 17.67 ? 68  ILE A O   1 
ATOM   517  C CB  . ILE A 1 71  ? 0.396   -9.436  -3.977  1.00 17.67 ? 68  ILE A CB  1 
ATOM   518  C CG1 . ILE A 1 71  ? 0.398   -7.962  -3.574  1.00 17.67 ? 68  ILE A CG1 1 
ATOM   519  C CG2 . ILE A 1 71  ? 0.790   -9.592  -5.434  1.00 17.67 ? 68  ILE A CG2 1 
ATOM   520  C CD1 . ILE A 1 71  ? 1.750   -7.454  -3.135  1.00 17.67 ? 68  ILE A CD1 1 
ATOM   521  N N   . ALA A 1 72  ? -1.798  -12.015 -4.916  1.00 18.29 ? 69  ALA A N   1 
ATOM   522  C CA  . ALA A 1 72  ? -1.926  -13.446 -5.168  1.00 18.29 ? 69  ALA A CA  1 
ATOM   523  C C   . ALA A 1 72  ? -0.624  -14.030 -5.703  1.00 18.29 ? 69  ALA A C   1 
ATOM   524  O O   . ALA A 1 72  ? -0.042  -14.940 -5.104  1.00 18.29 ? 69  ALA A O   1 
ATOM   525  C CB  . ALA A 1 72  ? -3.077  -13.703 -6.141  1.00 18.29 ? 69  ALA A CB  1 
ATOM   526  N N   . THR A 1 73  ? -0.152  -13.513 -6.834  1.00 21.63 ? 70  THR A N   1 
ATOM   527  C CA  . THR A 1 73  ? 1.099   -13.948 -7.442  1.00 21.63 ? 70  THR A CA  1 
ATOM   528  C C   . THR A 1 73  ? 2.083   -12.786 -7.423  1.00 21.63 ? 70  THR A C   1 
ATOM   529  O O   . THR A 1 73  ? 1.786   -11.710 -7.955  1.00 21.63 ? 70  THR A O   1 
ATOM   530  C CB  . THR A 1 73  ? 0.875   -14.438 -8.872  1.00 21.63 ? 70  THR A CB  1 
ATOM   531  O OG1 . THR A 1 73  ? 0.366   -13.364 -9.673  1.00 21.63 ? 70  THR A OG1 1 
ATOM   532  C CG2 . THR A 1 73  ? -0.119  -15.591 -8.889  1.00 21.63 ? 70  THR A CG2 1 
ATOM   533  N N   . ILE A 1 74  ? 3.247   -13.005 -6.816  1.00 21.71 ? 71  ILE A N   1 
ATOM   534  C CA  . ILE A 1 74  ? 4.276   -11.970 -6.708  1.00 21.71 ? 71  ILE A CA  1 
ATOM   535  C C   . ILE A 1 74  ? 5.145   -12.094 -7.957  1.00 21.71 ? 71  ILE A C   1 
ATOM   536  O O   . ILE A 1 74  ? 6.129   -12.834 -7.992  1.00 21.71 ? 71  ILE A O   1 
ATOM   537  C CB  . ILE A 1 74  ? 5.081   -12.093 -5.418  1.00 21.71 ? 71  ILE A CB  1 
ATOM   538  C CG1 . ILE A 1 74  ? 4.147   -12.041 -4.209  1.00 21.71 ? 71  ILE A CG1 1 
ATOM   539  C CG2 . ILE A 1 74  ? 6.116   -10.984 -5.329  1.00 21.71 ? 71  ILE A CG2 1 
ATOM   540  C CD1 . ILE A 1 74  ? 4.825   -12.359 -2.900  1.00 21.71 ? 71  ILE A CD1 1 
ATOM   541  N N   . GLN A 1 75  ? 4.769   -11.359 -8.993  1.00 27.60 ? 72  GLN A N   1 
ATOM   542  C CA  . GLN A 1 75  ? 5.451   -11.369 -10.276 1.00 27.60 ? 72  GLN A CA  1 
ATOM   543  C C   . GLN A 1 75  ? 5.584   -9.935  -10.763 1.00 27.60 ? 72  GLN A C   1 
ATOM   544  O O   . GLN A 1 75  ? 4.855   -9.049  -10.305 1.00 27.60 ? 72  GLN A O   1 
ATOM   545  C CB  . GLN A 1 75  ? 4.692   -12.217 -11.306 1.00 27.60 ? 72  GLN A CB  1 
ATOM   546  C CG  . GLN A 1 75  ? 3.341   -11.653 -11.707 1.00 27.60 ? 72  GLN A CG  1 
ATOM   547  C CD  . GLN A 1 75  ? 2.800   -12.288 -12.972 1.00 27.60 ? 72  GLN A CD  1 
ATOM   548  O OE1 . GLN A 1 75  ? 3.417   -13.188 -13.540 1.00 27.60 ? 72  GLN A OE1 1 
ATOM   549  N NE2 . GLN A 1 75  ? 1.642   -11.819 -13.421 1.00 27.60 ? 72  GLN A NE2 1 
ATOM   550  N N   . PRO A 1 76  ? 6.510   -9.672  -11.693 1.00 28.71 ? 73  PRO A N   1 
ATOM   551  C CA  . PRO A 1 76  ? 6.677   -8.300  -12.191 1.00 28.71 ? 73  PRO A CA  1 
ATOM   552  C C   . PRO A 1 76  ? 5.508   -7.850  -13.052 1.00 28.71 ? 73  PRO A C   1 
ATOM   553  O O   . PRO A 1 76  ? 5.570   -7.911  -14.283 1.00 28.71 ? 73  PRO A O   1 
ATOM   554  C CB  . PRO A 1 76  ? 7.975   -8.376  -13.008 1.00 28.71 ? 73  PRO A CB  1 
ATOM   555  C CG  . PRO A 1 76  ? 8.681   -9.588  -12.502 1.00 28.71 ? 73  PRO A CG  1 
ATOM   556  C CD  . PRO A 1 76  ? 7.599   -10.554 -12.148 1.00 28.71 ? 73  PRO A CD  1 
ATOM   557  N N   . GLY A 1 77  ? 4.437   -7.394  -12.406 1.00 27.50 ? 74  GLY A N   1 
ATOM   558  C CA  . GLY A 1 77  ? 3.248   -6.959  -13.111 1.00 27.50 ? 74  GLY A CA  1 
ATOM   559  C C   . GLY A 1 77  ? 1.961   -7.310  -12.396 1.00 27.50 ? 74  GLY A C   1 
ATOM   560  O O   . GLY A 1 77  ? 0.871   -6.964  -12.861 1.00 27.50 ? 74  GLY A O   1 
ATOM   561  N N   . GLY A 1 78  ? 2.073   -7.996  -11.261 1.00 25.39 ? 75  GLY A N   1 
ATOM   562  C CA  . GLY A 1 78  ? 0.893   -8.326  -10.487 1.00 25.39 ? 75  GLY A CA  1 
ATOM   563  C C   . GLY A 1 78  ? 0.316   -7.112  -9.783  1.00 25.39 ? 75  GLY A C   1 
ATOM   564  O O   . GLY A 1 78  ? 1.007   -6.134  -9.504  1.00 25.39 ? 75  GLY A O   1 
ATOM   565  N N   . ARG A 1 79  ? -0.980  -7.184  -9.492  1.00 23.23 ? 76  ARG A N   1 
ATOM   566  C CA  . ARG A 1 79  ? -1.687  -6.095  -8.841  1.00 23.23 ? 76  ARG A CA  1 
ATOM   567  C C   . ARG A 1 79  ? -1.660  -6.274  -7.324  1.00 23.23 ? 76  ARG A C   1 
ATOM   568  O O   . ARG A 1 79  ? -1.141  -7.258  -6.794  1.00 23.23 ? 76  ARG A O   1 
ATOM   569  C CB  . ARG A 1 79  ? -3.127  -6.014  -9.346  1.00 23.23 ? 76  ARG A CB  1 
ATOM   570  C CG  . ARG A 1 79  ? -3.259  -5.833  -10.846 1.00 23.23 ? 76  ARG A CG  1 
ATOM   571  C CD  . ARG A 1 79  ? -4.661  -6.188  -11.312 1.00 23.23 ? 76  ARG A CD  1 
ATOM   572  N NE  . ARG A 1 79  ? -4.806  -6.072  -12.758 1.00 23.23 ? 76  ARG A NE  1 
ATOM   573  C CZ  . ARG A 1 79  ? -5.358  -5.037  -13.375 1.00 23.23 ? 76  ARG A CZ  1 
ATOM   574  N NH1 . ARG A 1 79  ? -5.833  -4.004  -12.701 1.00 23.23 ? 76  ARG A NH1 1 
ATOM   575  N NH2 . ARG A 1 79  ? -5.438  -5.041  -14.703 1.00 23.23 ? 76  ARG A NH2 1 
ATOM   576  N N   . VAL A 1 80  ? -2.230  -5.302  -6.616  1.00 18.92 ? 77  VAL A N   1 
ATOM   577  C CA  . VAL A 1 80  ? -2.386  -5.353  -5.168  1.00 18.92 ? 77  VAL A CA  1 
ATOM   578  C C   . VAL A 1 80  ? -3.871  -5.257  -4.857  1.00 18.92 ? 77  VAL A C   1 
ATOM   579  O O   . VAL A 1 80  ? -4.548  -4.331  -5.316  1.00 18.92 ? 77  VAL A O   1 
ATOM   580  C CB  . VAL A 1 80  ? -1.602  -4.228  -4.468  1.00 18.92 ? 77  VAL A CB  1 
ATOM   581  C CG1 . VAL A 1 80  ? -1.909  -4.213  -2.980  1.00 18.92 ? 77  VAL A CG1 1 
ATOM   582  C CG2 . VAL A 1 80  ? -0.112  -4.396  -4.706  1.00 18.92 ? 77  VAL A CG2 1 
ATOM   583  N N   . THR A 1 81  ? -4.377  -6.214  -4.079  1.00 18.67 ? 78  THR A N   1 
ATOM   584  C CA  . THR A 1 81  ? -5.803  -6.275  -3.784  1.00 18.67 ? 78  THR A CA  1 
ATOM   585  C C   . THR A 1 81  ? -6.054  -6.360  -2.285  1.00 18.67 ? 78  THR A C   1 
ATOM   586  O O   . THR A 1 81  ? -5.125  -6.223  -1.483  1.00 18.67 ? 78  THR A O   1 
ATOM   587  C CB  . THR A 1 81  ? -6.445  -7.470  -4.492  1.00 18.67 ? 78  THR A CB  1 
ATOM   588  O OG1 . THR A 1 81  ? -5.611  -8.624  -4.338  1.00 18.67 ? 78  THR A OG1 1 
ATOM   589  C CG2 . THR A 1 81  ? -6.626  -7.178  -5.974  1.00 18.67 ? 78  THR A CG2 1 
ATOM   590  N N   . GLY A 1 82  ? -7.307  -6.583  -1.898  1.00 19.34 ? 79  GLY A N   1 
ATOM   591  C CA  . GLY A 1 82  ? -7.661  -6.697  -0.498  1.00 19.34 ? 79  GLY A CA  1 
ATOM   592  C C   . GLY A 1 82  ? -8.410  -7.972  -0.176  1.00 19.34 ? 79  GLY A C   1 
ATOM   593  O O   . GLY A 1 82  ? -9.450  -8.258  -0.779  1.00 19.34 ? 79  GLY A O   1 
ATOM   594  N N   . HIS A 1 83  ? -7.896  -8.749  0.777   1.00 18.52 ? 80  HIS A N   1 
ATOM   595  C CA  . HIS A 1 83  ? -8.508  -10.007 1.160   1.00 18.52 ? 80  HIS A CA  1 
ATOM   596  C C   . HIS A 1 83  ? -8.873  -9.994  2.639   1.00 18.52 ? 80  HIS A C   1 
ATOM   597  O O   . HIS A 1 83  ? -8.072  -9.554  3.470   1.00 18.52 ? 80  HIS A O   1 
ATOM   598  C CB  . HIS A 1 83  ? -7.570  -11.187 0.877   1.00 18.52 ? 80  HIS A CB  1 
ATOM   599  C CG  . HIS A 1 83  ? -8.285  -12.455 0.524   1.00 18.52 ? 80  HIS A CG  1 
ATOM   600  N ND1 . HIS A 1 83  ? -8.612  -13.411 1.461   1.00 18.52 ? 80  HIS A ND1 1 
ATOM   601  C CD2 . HIS A 1 83  ? -8.730  -12.926 -0.664  1.00 18.52 ? 80  HIS A CD2 1 
ATOM   602  C CE1 . HIS A 1 83  ? -9.232  -14.414 0.867   1.00 18.52 ? 80  HIS A CE1 1 
ATOM   603  N NE2 . HIS A 1 83  ? -9.316  -14.145 -0.423  1.00 18.52 ? 80  HIS A NE2 1 
ATOM   604  N N   . PRO A 1 84  ? -10.075 -10.455 2.995   1.00 18.55 ? 81  PRO A N   1 
ATOM   605  C CA  . PRO A 1 84  ? -10.475 -10.439 4.413   1.00 18.55 ? 81  PRO A CA  1 
ATOM   606  C C   . PRO A 1 84  ? -9.587  -11.277 5.315   1.00 18.55 ? 81  PRO A C   1 
ATOM   607  O O   . PRO A 1 84  ? -9.391  -10.911 6.481   1.00 18.55 ? 81  PRO A O   1 
ATOM   608  C CB  . PRO A 1 84  ? -11.912 -10.983 4.376   1.00 18.55 ? 81  PRO A CB  1 
ATOM   609  C CG  . PRO A 1 84  ? -12.365 -10.796 2.964   1.00 18.55 ? 81  PRO A CG  1 
ATOM   610  C CD  . PRO A 1 84  ? -11.144 -10.963 2.122   1.00 18.55 ? 81  PRO A CD  1 
ATOM   611  N N   . ASN A 1 85  ? -9.042  -12.389 4.821   1.00 18.00 ? 82  ASN A N   1 
ATOM   612  C CA  . ASN A 1 85  ? -8.275  -13.315 5.646   1.00 18.00 ? 82  ASN A CA  1 
ATOM   613  C C   . ASN A 1 85  ? -6.794  -13.326 5.291   1.00 18.00 ? 82  ASN A C   1 
ATOM   614  O O   . ASN A 1 85  ? -5.947  -13.117 6.164   1.00 18.00 ? 82  ASN A O   1 
ATOM   615  C CB  . ASN A 1 85  ? -8.860  -14.728 5.525   1.00 18.00 ? 82  ASN A CB  1 
ATOM   616  C CG  . ASN A 1 85  ? -10.338 -14.779 5.850   1.00 18.00 ? 82  ASN A CG  1 
ATOM   617  O OD1 . ASN A 1 85  ? -11.164 -15.091 4.992   1.00 18.00 ? 82  ASN A OD1 1 
ATOM   618  N ND2 . ASN A 1 85  ? -10.680 -14.473 7.095   1.00 18.00 ? 82  ASN A ND2 1 
ATOM   619  N N   . ASN A 1 86  ? -6.455  -13.572 4.028   1.00 17.23 ? 83  ASN A N   1 
ATOM   620  C CA  . ASN A 1 86  ? -5.060  -13.701 3.639   1.00 17.23 ? 83  ASN A CA  1 
ATOM   621  C C   . ASN A 1 86  ? -4.352  -12.349 3.684   1.00 17.23 ? 83  ASN A C   1 
ATOM   622  O O   . ASN A 1 86  ? -4.971  -11.285 3.589   1.00 17.23 ? 83  ASN A O   1 
ATOM   623  C CB  . ASN A 1 86  ? -4.949  -14.311 2.243   1.00 17.23 ? 83  ASN A CB  1 
ATOM   624  C CG  . ASN A 1 86  ? -5.514  -15.717 2.174   1.00 17.23 ? 83  ASN A CG  1 
ATOM   625  O OD1 . ASN A 1 86  ? -5.039  -16.623 2.855   1.00 17.23 ? 83  ASN A OD1 1 
ATOM   626  N ND2 . ASN A 1 86  ? -6.532  -15.905 1.345   1.00 17.23 ? 83  ASN A ND2 1 
ATOM   627  N N   . GLU A 1 87  ? -3.031  -12.403 3.832   1.00 18.53 ? 84  GLU A N   1 
ATOM   628  C CA  . GLU A 1 87  ? -2.206  -11.208 3.965   1.00 18.53 ? 84  GLU A CA  1 
ATOM   629  C C   . GLU A 1 87  ? -0.958  -11.381 3.108   1.00 18.53 ? 84  GLU A C   1 
ATOM   630  O O   . GLU A 1 87  ? -0.821  -12.349 2.355   1.00 18.53 ? 84  GLU A O   1 
ATOM   631  C CB  . GLU A 1 87  ? -1.843  -10.954 5.433   1.00 18.53 ? 84  GLU A CB  1 
ATOM   632  C CG  . GLU A 1 87  ? -2.997  -10.511 6.307   1.00 18.53 ? 84  GLU A CG  1 
ATOM   633  C CD  . GLU A 1 87  ? -2.544  -10.109 7.695   1.00 18.53 ? 84  GLU A CD  1 
ATOM   634  O OE1 . GLU A 1 87  ? -1.924  -10.946 8.382   1.00 18.53 ? 84  GLU A OE1 1 
ATOM   635  O OE2 . GLU A 1 87  ? -2.803  -8.955  8.097   1.00 18.53 ? 84  GLU A OE2 1 
ATOM   636  N N   . THR A 1 88  ? -0.042  -10.422 3.228   1.00 17.78 ? 85  THR A N   1 
ATOM   637  C CA  . THR A 1 88  ? 1.263   -10.488 2.586   1.00 17.78 ? 85  THR A CA  1 
ATOM   638  C C   . THR A 1 88  ? 2.245   -9.698  3.436   1.00 17.78 ? 85  THR A C   1 
ATOM   639  O O   . THR A 1 88  ? 1.939   -8.585  3.872   1.00 17.78 ? 85  THR A O   1 
ATOM   640  C CB  . THR A 1 88  ? 1.230   -9.929  1.157   1.00 17.78 ? 85  THR A CB  1 
ATOM   641  O OG1 . THR A 1 88  ? 0.225   -10.612 0.397   1.00 17.78 ? 85  THR A OG1 1 
ATOM   642  C CG2 . THR A 1 88  ? 2.577   -10.113 0.480   1.00 17.78 ? 85  THR A CG2 1 
ATOM   643  N N   . ARG A 1 89  ? 3.420   -10.276 3.672   1.00 18.58 ? 86  ARG A N   1 
ATOM   644  C CA  . ARG A 1 89  ? 4.438   -9.650  4.508   1.00 18.58 ? 86  ARG A CA  1 
ATOM   645  C C   . ARG A 1 89  ? 5.241   -8.676  3.653   1.00 18.58 ? 86  ARG A C   1 
ATOM   646  O O   . ARG A 1 89  ? 5.951   -9.088  2.728   1.00 18.58 ? 86  ARG A O   1 
ATOM   647  C CB  . ARG A 1 89  ? 5.338   -10.706 5.144   1.00 18.58 ? 86  ARG A CB  1 
ATOM   648  C CG  . ARG A 1 89  ? 4.605   -11.639 6.095   1.00 18.58 ? 86  ARG A CG  1 
ATOM   649  C CD  . ARG A 1 89  ? 5.558   -12.307 7.069   1.00 18.58 ? 86  ARG A CD  1 
ATOM   650  N NE  . ARG A 1 89  ? 6.621   -13.034 6.386   1.00 18.58 ? 86  ARG A NE  1 
ATOM   651  C CZ  . ARG A 1 89  ? 6.527   -14.294 5.984   1.00 18.58 ? 86  ARG A CZ  1 
ATOM   652  N NH1 . ARG A 1 89  ? 5.424   -15.000 6.172   1.00 18.58 ? 86  ARG A NH1 1 
ATOM   653  N NH2 . ARG A 1 89  ? 7.566   -14.860 5.378   1.00 18.58 ? 86  ARG A NH2 1 
ATOM   654  N N   . LEU A 1 90  ? 5.130   -7.389  3.963   1.00 17.59 ? 87  LEU A N   1 
ATOM   655  C CA  . LEU A 1 90  ? 5.776   -6.329  3.207   1.00 17.59 ? 87  LEU A CA  1 
ATOM   656  C C   . LEU A 1 90  ? 7.058   -5.878  3.897   1.00 17.59 ? 87  LEU A C   1 
ATOM   657  O O   . LEU A 1 90  ? 7.253   -6.078  5.098   1.00 17.59 ? 87  LEU A O   1 
ATOM   658  C CB  . LEU A 1 90  ? 4.834   -5.131  3.042   1.00 17.59 ? 87  LEU A CB  1 
ATOM   659  C CG  . LEU A 1 90  ? 3.450   -5.387  2.444   1.00 17.59 ? 87  LEU A CG  1 
ATOM   660  C CD1 . LEU A 1 90  ? 2.563   -4.172  2.632   1.00 17.59 ? 87  LEU A CD1 1 
ATOM   661  C CD2 . LEU A 1 90  ? 3.559   -5.746  0.975   1.00 17.59 ? 87  LEU A CD2 1 
ATOM   662  N N   . THR A 1 91  ? 7.938   -5.259  3.112   1.00 18.30 ? 88  THR A N   1 
ATOM   663  C CA  . THR A 1 91  ? 9.153   -4.636  3.619   1.00 18.30 ? 88  THR A CA  1 
ATOM   664  C C   . THR A 1 91  ? 9.083   -3.145  3.323   1.00 18.30 ? 88  THR A C   1 
ATOM   665  O O   . THR A 1 91  ? 9.038   -2.743  2.155   1.00 18.30 ? 88  THR A O   1 
ATOM   666  C CB  . THR A 1 91  ? 10.403  -5.249  2.985   1.00 18.30 ? 88  THR A CB  1 
ATOM   667  O OG1 . THR A 1 91  ? 10.417  -4.967  1.580   1.00 18.30 ? 88  THR A OG1 1 
ATOM   668  C CG2 . THR A 1 91  ? 10.422  -6.756  3.193   1.00 18.30 ? 88  THR A CG2 1 
ATOM   669  N N   . ILE A 1 92  ? 9.071   -2.334  4.374   1.00 17.15 ? 89  ILE A N   1 
ATOM   670  C CA  . ILE A 1 92  ? 8.960   -0.885  4.260   1.00 17.15 ? 89  ILE A CA  1 
ATOM   671  C C   . ILE A 1 92  ? 10.291  -0.301  4.710   1.00 17.15 ? 89  ILE A C   1 
ATOM   672  O O   . ILE A 1 92  ? 10.552  -0.173  5.913   1.00 17.15 ? 89  ILE A O   1 
ATOM   673  C CB  . ILE A 1 92  ? 7.794   -0.334  5.088   1.00 17.15 ? 89  ILE A CB  1 
ATOM   674  C CG1 . ILE A 1 92  ? 6.504   -1.087  4.756   1.00 17.15 ? 89  ILE A CG1 1 
ATOM   675  C CG2 . ILE A 1 92  ? 7.626   1.155   4.843   1.00 17.15 ? 89  ILE A CG2 1 
ATOM   676  C CD1 . ILE A 1 92  ? 5.368   -0.806  5.712   1.00 17.15 ? 89  ILE A CD1 1 
ATOM   677  N N   . THR A 1 93  ? 11.138  0.061   3.753   1.00 17.43 ? 90  THR A N   1 
ATOM   678  C CA  . THR A 1 93  ? 12.457  0.594   4.059   1.00 17.43 ? 90  THR A CA  1 
ATOM   679  C C   . THR A 1 93  ? 12.478  2.106   3.862   1.00 17.43 ? 90  THR A C   1 
ATOM   680  O O   . THR A 1 93  ? 11.547  2.702   3.319   1.00 17.43 ? 90  THR A O   1 
ATOM   681  C CB  . THR A 1 93  ? 13.531  -0.077  3.195   1.00 17.43 ? 90  THR A CB  1 
ATOM   682  O OG1 . THR A 1 93  ? 14.830  0.273   3.687   1.00 17.43 ? 90  THR A OG1 1 
ATOM   683  C CG2 . THR A 1 93  ? 13.412  0.367   1.752   1.00 17.43 ? 90  THR A CG2 1 
ATOM   684  N N   . ASN A 1 94  ? 13.559  2.726   4.323   1.00 18.04 ? 91  ASN A N   1 
ATOM   685  C CA  . ASN A 1 94  ? 13.710  4.174   4.305   1.00 18.04 ? 91  ASN A CA  1 
ATOM   686  C C   . ASN A 1 94  ? 14.785  4.567   3.302   1.00 18.04 ? 91  ASN A C   1 
ATOM   687  O O   . ASN A 1 94  ? 15.897  4.030   3.337   1.00 18.04 ? 91  ASN A O   1 
ATOM   688  C CB  . ASN A 1 94  ? 14.063  4.700   5.700   1.00 18.04 ? 91  ASN A CB  1 
ATOM   689  C CG  . ASN A 1 94  ? 14.106  6.215   5.763   1.00 18.04 ? 91  ASN A CG  1 
ATOM   690  O OD1 . ASN A 1 94  ? 15.002  6.849   5.207   1.00 18.04 ? 91  ASN A OD1 1 
ATOM   691  N ND2 . ASN A 1 94  ? 13.134  6.805   6.450   1.00 18.04 ? 91  ASN A ND2 1 
ATOM   692  N N   . VAL A 1 95  ? 14.449  5.499   2.412   1.00 17.77 ? 92  VAL A N   1 
ATOM   693  C CA  . VAL A 1 95  ? 15.407  6.029   1.457   1.00 17.77 ? 92  VAL A CA  1 
ATOM   694  C C   . VAL A 1 95  ? 15.743  7.495   1.721   1.00 17.77 ? 92  VAL A C   1 
ATOM   695  O O   . VAL A 1 95  ? 16.892  7.902   1.510   1.00 17.77 ? 92  VAL A O   1 
ATOM   696  C CB  . VAL A 1 95  ? 14.910  5.834   0.009   1.00 17.77 ? 92  VAL A CB  1 
ATOM   697  C CG1 . VAL A 1 95  ? 14.802  4.354   -0.316  1.00 17.77 ? 92  VAL A CG1 1 
ATOM   698  C CG2 . VAL A 1 95  ? 13.572  6.518   -0.195  1.00 17.77 ? 92  VAL A CG2 1 
ATOM   699  N N   . ASN A 1 96  ? 14.787  8.291   2.176   1.00 18.04 ? 93  ASN A N   1 
ATOM   700  C CA  . ASN A 1 96  ? 14.960  9.693   2.516   1.00 18.04 ? 93  ASN A CA  1 
ATOM   701  C C   . ASN A 1 96  ? 14.333  9.939   3.877   1.00 18.04 ? 93  ASN A C   1 
ATOM   702  O O   . ASN A 1 96  ? 13.488  9.159   4.327   1.00 18.04 ? 93  ASN A O   1 
ATOM   703  C CB  . ASN A 1 96  ? 14.310  10.609  1.467   1.00 18.04 ? 93  ASN A CB  1 
ATOM   704  C CG  . ASN A 1 96  ? 15.032  10.580  0.136   1.00 18.04 ? 93  ASN A CG  1 
ATOM   705  O OD1 . ASN A 1 96  ? 16.203  10.212  0.060   1.00 18.04 ? 93  ASN A OD1 1 
ATOM   706  N ND2 . ASN A 1 96  ? 14.335  10.972  -0.923  1.00 18.04 ? 93  ASN A ND2 1 
ATOM   707  N N   . PRO A 1 97  ? 14.727  11.014  4.567   1.00 18.42 ? 94  PRO A N   1 
ATOM   708  C CA  . PRO A 1 97  ? 14.100  11.308  5.863   1.00 18.42 ? 94  PRO A CA  1 
ATOM   709  C C   . PRO A 1 97  ? 12.655  11.745  5.698   1.00 18.42 ? 94  PRO A C   1 
ATOM   710  O O   . PRO A 1 97  ? 12.381  12.866  5.258   1.00 18.42 ? 94  PRO A O   1 
ATOM   711  C CB  . PRO A 1 97  ? 14.969  12.436  6.435   1.00 18.42 ? 94  PRO A CB  1 
ATOM   712  C CG  . PRO A 1 97  ? 16.239  12.397  5.648   1.00 18.42 ? 94  PRO A CG  1 
ATOM   713  C CD  . PRO A 1 97  ? 15.864  11.907  4.289   1.00 18.42 ? 94  PRO A CD  1 
ATOM   714  N N   . GLY A 1 98  ? 11.723  10.863  6.049   1.00 16.85 ? 95  GLY A N   1 
ATOM   715  C CA  . GLY A 1 98  ? 10.311  11.147  5.901   1.00 16.85 ? 95  GLY A CA  1 
ATOM   716  C C   . GLY A 1 98  ? 9.640   10.293  4.846   1.00 16.85 ? 95  GLY A C   1 
ATOM   717  O O   . GLY A 1 98  ? 8.473   9.918   4.992   1.00 16.85 ? 95  GLY A O   1 
ATOM   718  N N   . GLU A 1 99  ? 10.368  9.975   3.780   1.00 16.25 ? 96  GLU A N   1 
ATOM   719  C CA  . GLU A 1 99  ? 9.839   9.206   2.661   1.00 16.25 ? 96  GLU A CA  1 
ATOM   720  C C   . GLU A 1 99  ? 10.354  7.775   2.726   1.00 16.25 ? 96  GLU A C   1 
ATOM   721  O O   . GLU A 1 99  ? 11.554  7.550   2.907   1.00 16.25 ? 96  GLU A O   1 
ATOM   722  C CB  . GLU A 1 99  ? 10.229  9.847   1.329   1.00 16.25 ? 96  GLU A CB  1 
ATOM   723  C CG  . GLU A 1 99  ? 9.742   11.275  1.168   1.00 16.25 ? 96  GLU A CG  1 
ATOM   724  C CD  . GLU A 1 99  ? 10.558  12.054  0.156   1.00 16.25 ? 96  GLU A CD  1 
ATOM   725  O OE1 . GLU A 1 99  ? 11.633  11.563  -0.244  1.00 16.25 ? 96  GLU A OE1 1 
ATOM   726  O OE2 . GLU A 1 99  ? 10.124  13.156  -0.238  1.00 16.25 ? 96  GLU A OE2 1 
ATOM   727  N N   . TYR A 1 100 ? 9.447   6.817   2.573   1.00 15.22 ? 97  TYR A N   1 
ATOM   728  C CA  . TYR A 1 100 ? 9.757   5.396   2.628   1.00 15.22 ? 97  TYR A CA  1 
ATOM   729  C C   . TYR A 1 100 ? 9.509   4.755   1.267   1.00 15.22 ? 97  TYR A C   1 
ATOM   730  O O   . TYR A 1 100 ? 9.149   5.419   0.295   1.00 15.22 ? 97  TYR A O   1 
ATOM   731  C CB  . TYR A 1 100 ? 8.927   4.696   3.708   1.00 15.22 ? 97  TYR A CB  1 
ATOM   732  C CG  . TYR A 1 100 ? 9.318   5.049   5.123   1.00 15.22 ? 97  TYR A CG  1 
ATOM   733  C CD1 . TYR A 1 100 ? 8.906   6.240   5.703   1.00 15.22 ? 97  TYR A CD1 1 
ATOM   734  C CD2 . TYR A 1 100 ? 10.096  4.187   5.880   1.00 15.22 ? 97  TYR A CD2 1 
ATOM   735  C CE1 . TYR A 1 100 ? 9.263   6.563   6.996   1.00 15.22 ? 97  TYR A CE1 1 
ATOM   736  C CE2 . TYR A 1 100 ? 10.458  4.501   7.172   1.00 15.22 ? 97  TYR A CE2 1 
ATOM   737  C CZ  . TYR A 1 100 ? 10.038  5.690   7.725   1.00 15.22 ? 97  TYR A CZ  1 
ATOM   738  O OH  . TYR A 1 100 ? 10.398  6.002   9.015   1.00 15.22 ? 97  TYR A OH  1 
ATOM   739  N N   . SER A 1 101 ? 9.714   3.441   1.211   1.00 15.75 ? 98  SER A N   1 
ATOM   740  C CA  . SER A 1 101 ? 9.421   2.661   0.018   1.00 15.75 ? 98  SER A CA  1 
ATOM   741  C C   . SER A 1 101 ? 8.997   1.263   0.442   1.00 15.75 ? 98  SER A C   1 
ATOM   742  O O   . SER A 1 101 ? 9.635   0.644   1.301   1.00 15.75 ? 98  SER A O   1 
ATOM   743  C CB  . SER A 1 101 ? 10.623  2.590   -0.930  1.00 15.75 ? 98  SER A CB  1 
ATOM   744  O OG  . SER A 1 101 ? 11.588  1.667   -0.464  1.00 15.75 ? 98  SER A OG  1 
ATOM   745  N N   . ILE A 1 102 ? 7.924   0.773   -0.174  1.00 16.74 ? 99  ILE A N   1 
ATOM   746  C CA  . ILE A 1 102 ? 7.298   -0.494  0.182   1.00 16.74 ? 99  ILE A CA  1 
ATOM   747  C C   . ILE A 1 102 ? 7.560   -1.493  -0.935  1.00 16.74 ? 99  ILE A C   1 
ATOM   748  O O   . ILE A 1 102 ? 7.345   -1.186  -2.114  1.00 16.74 ? 99  ILE A O   1 
ATOM   749  C CB  . ILE A 1 102 ? 5.788   -0.325  0.418   1.00 16.74 ? 99  ILE A CB  1 
ATOM   750  C CG1 . ILE A 1 102 ? 5.530   0.610   1.599   1.00 16.74 ? 99  ILE A CG1 1 
ATOM   751  C CG2 . ILE A 1 102 ? 5.132   -1.671  0.662   1.00 16.74 ? 99  ILE A CG2 1 
ATOM   752  C CD1 . ILE A 1 102 ? 4.086   1.033   1.735   1.00 16.74 ? 99  ILE A CD1 1 
ATOM   753  N N   . SER A 1 103 ? 8.023   -2.687  -0.568  1.00 19.20 ? 100 SER A N   1 
ATOM   754  C CA  . SER A 1 103 ? 8.262   -3.761  -1.520  1.00 19.20 ? 100 SER A CA  1 
ATOM   755  C C   . SER A 1 103 ? 7.683   -5.059  -0.979  1.00 19.20 ? 100 SER A C   1 
ATOM   756  O O   . SER A 1 103 ? 7.568   -5.249  0.234   1.00 19.20 ? 100 SER A O   1 
ATOM   757  C CB  . SER A 1 103 ? 9.758   -3.938  -1.808  1.00 19.20 ? 100 SER A CB  1 
ATOM   758  O OG  . SER A 1 103 ? 10.449  -4.386  -0.657  1.00 19.20 ? 100 SER A OG  1 
ATOM   759  N N   . ALA A 1 104 ? 7.317   -5.953  -1.896  1.00 21.41 ? 101 ALA A N   1 
ATOM   760  C CA  . ALA A 1 104 ? 6.721   -7.241  -1.551  1.00 21.41 ? 101 ALA A CA  1 
ATOM   761  C C   . ALA A 1 104 ? 7.463   -8.337  -2.300  1.00 21.41 ? 101 ALA A C   1 
ATOM   762  O O   . ALA A 1 104 ? 7.308   -8.476  -3.518  1.00 21.41 ? 101 ALA A O   1 
ATOM   763  C CB  . ALA A 1 104 ? 5.231   -7.267  -1.887  1.00 21.41 ? 101 ALA A CB  1 
ATOM   764  N N   . GLY A 1 105 ? 8.265   -9.115  -1.577  1.00 21.84 ? 102 GLY A N   1 
ATOM   765  C CA  . GLY A 1 105 ? 9.002   -10.197 -2.198  1.00 21.84 ? 102 GLY A CA  1 
ATOM   766  C C   . GLY A 1 105 ? 10.165  -9.762  -3.058  1.00 21.84 ? 102 GLY A C   1 
ATOM   767  O O   . GLY A 1 105 ? 10.618  -10.534 -3.906  1.00 21.84 ? 102 GLY A O   1 
ATOM   768  N N   . GLY A 1 106 ? 10.664  -8.542  -2.867  1.00 23.73 ? 103 GLY A N   1 
ATOM   769  C CA  . GLY A 1 106 ? 11.772  -8.025  -3.640  1.00 23.73 ? 103 GLY A CA  1 
ATOM   770  C C   . GLY A 1 106 ? 11.385  -7.084  -4.761  1.00 23.73 ? 103 GLY A C   1 
ATOM   771  O O   . GLY A 1 106 ? 12.272  -6.446  -5.343  1.00 23.73 ? 103 GLY A O   1 
ATOM   772  N N   . LEU A 1 107 ? 10.098  -6.976  -5.081  1.00 23.14 ? 104 LEU A N   1 
ATOM   773  C CA  . LEU A 1 107 ? 9.615   -6.106  -6.144  1.00 23.14 ? 104 LEU A CA  1 
ATOM   774  C C   . LEU A 1 107 ? 8.948   -4.881  -5.533  1.00 23.14 ? 104 LEU A C   1 
ATOM   775  O O   . LEU A 1 107 ? 8.108   -5.008  -4.637  1.00 23.14 ? 104 LEU A O   1 
ATOM   776  C CB  . LEU A 1 107 ? 8.634   -6.845  -7.055  1.00 23.14 ? 104 LEU A CB  1 
ATOM   777  C CG  . LEU A 1 107 ? 9.116   -8.169  -7.648  1.00 23.14 ? 104 LEU A CG  1 
ATOM   778  C CD1 . LEU A 1 107 ? 7.968   -8.901  -8.321  1.00 23.14 ? 104 LEU A CD1 1 
ATOM   779  C CD2 . LEU A 1 107 ? 10.253  -7.935  -8.630  1.00 23.14 ? 104 LEU A CD2 1 
ATOM   780  N N   . LEU A 1 108 ? 9.323   -3.702  -6.021  1.00 22.36 ? 105 LEU A N   1 
ATOM   781  C CA  . LEU A 1 108 ? 8.792   -2.454  -5.499  1.00 22.36 ? 105 LEU A CA  1 
ATOM   782  C C   . LEU A 1 108 ? 7.394   -2.185  -6.047  1.00 22.36 ? 105 LEU A C   1 
ATOM   783  O O   . LEU A 1 108 ? 6.968   -2.759  -7.053  1.00 22.36 ? 105 LEU A O   1 
ATOM   784  C CB  . LEU A 1 108 ? 9.721   -1.290  -5.844  1.00 22.36 ? 105 LEU A CB  1 
ATOM   785  C CG  . LEU A 1 108 ? 11.139  -1.353  -5.272  1.00 22.36 ? 105 LEU A CG  1 
ATOM   786  C CD1 . LEU A 1 108 ? 12.023  -0.308  -5.928  1.00 22.36 ? 105 LEU A CD1 1 
ATOM   787  C CD2 . LEU A 1 108 ? 11.119  -1.168  -3.765  1.00 22.36 ? 105 LEU A CD2 1 
ATOM   788  N N   . TRP A 1 109 ? 6.676   -1.295  -5.366  1.00 20.28 ? 106 TRP A N   1 
ATOM   789  C CA  . TRP A 1 109 ? 5.331   -0.916  -5.769  1.00 20.28 ? 106 TRP A CA  1 
ATOM   790  C C   . TRP A 1 109 ? 5.386   0.192   -6.819  1.00 20.28 ? 106 TRP A C   1 
ATOM   791  O O   . TRP A 1 109 ? 6.457   0.657   -7.220  1.00 20.28 ? 106 TRP A O   1 
ATOM   792  C CB  . TRP A 1 109 ? 4.516   -0.478  -4.554  1.00 20.28 ? 106 TRP A CB  1 
ATOM   793  C CG  . TRP A 1 109 ? 4.027   -1.616  -3.712  1.00 20.28 ? 106 TRP A CG  1 
ATOM   794  C CD1 . TRP A 1 109 ? 4.457   -2.910  -3.751  1.00 20.28 ? 106 TRP A CD1 1 
ATOM   795  C CD2 . TRP A 1 109 ? 3.015   -1.562  -2.699  1.00 20.28 ? 106 TRP A CD2 1 
ATOM   796  N NE1 . TRP A 1 109 ? 3.775   -3.665  -2.829  1.00 20.28 ? 106 TRP A NE1 1 
ATOM   797  C CE2 . TRP A 1 109 ? 2.885   -2.860  -2.169  1.00 20.28 ? 106 TRP A CE2 1 
ATOM   798  C CE3 . TRP A 1 109 ? 2.208   -0.540  -2.189  1.00 20.28 ? 106 TRP A CE3 1 
ATOM   799  C CZ2 . TRP A 1 109 ? 1.979   -3.164  -1.156  1.00 20.28 ? 106 TRP A CZ2 1 
ATOM   800  C CZ3 . TRP A 1 109 ? 1.310   -0.845  -1.183  1.00 20.28 ? 106 TRP A CZ3 1 
ATOM   801  C CH2 . TRP A 1 109 ? 1.203   -2.145  -0.678  1.00 20.28 ? 106 TRP A CH2 1 
ATOM   802  N N   . LEU A 1 110 ? 4.212   0.624   -7.274  1.00 23.43 ? 107 LEU A N   1 
ATOM   803  C CA  . LEU A 1 110 ? 4.121   1.675   -8.277  1.00 23.43 ? 107 LEU A CA  1 
ATOM   804  C C   . LEU A 1 110 ? 2.897   2.532   -7.982  1.00 23.43 ? 107 LEU A C   1 
ATOM   805  O O   . LEU A 1 110 ? 1.962   2.102   -7.303  1.00 23.43 ? 107 LEU A O   1 
ATOM   806  C CB  . LEU A 1 110 ? 4.054   1.091   -9.694  1.00 23.43 ? 107 LEU A CB  1 
ATOM   807  C CG  . LEU A 1 110 ? 4.457   2.013   -10.847 1.00 23.43 ? 107 LEU A CG  1 
ATOM   808  C CD1 . LEU A 1 110 ? 5.912   2.425   -10.716 1.00 23.43 ? 107 LEU A CD1 1 
ATOM   809  C CD2 . LEU A 1 110 ? 4.211   1.335   -12.184 1.00 23.43 ? 107 LEU A CD2 1 
ATOM   810  N N   . ALA A 1 111 ? 2.915   3.758   -8.508  1.00 26.32 ? 108 ALA A N   1 
ATOM   811  C CA  . ALA A 1 111 ? 1.855   4.715   -8.203  1.00 26.32 ? 108 ALA A CA  1 
ATOM   812  C C   . ALA A 1 111 ? 0.571   4.380   -8.951  1.00 26.32 ? 108 ALA A C   1 
ATOM   813  O O   . ALA A 1 111 ? -0.467  4.113   -8.334  1.00 26.32 ? 108 ALA A O   1 
ATOM   814  C CB  . ALA A 1 111 ? 2.322   6.133   -8.540  1.00 26.32 ? 108 ALA A CB  1 
ATOM   815  N N   . ASN A 1 112 ? 0.624   4.391   -10.284 1.00 30.38 ? 109 ASN A N   1 
ATOM   816  C CA  . ASN A 1 112 ? -0.538  4.131   -11.138 1.00 30.38 ? 109 ASN A CA  1 
ATOM   817  C C   . ASN A 1 112 ? -1.672  5.116   -10.837 1.00 30.38 ? 109 ASN A C   1 
ATOM   818  O O   . ASN A 1 112 ? -2.742  4.750   -10.345 1.00 30.38 ? 109 ASN A O   1 
ATOM   819  C CB  . ASN A 1 112 ? -1.008  2.679   -11.002 1.00 30.38 ? 109 ASN A CB  1 
ATOM   820  C CG  . ASN A 1 112 ? -0.155  1.715   -11.801 1.00 30.38 ? 109 ASN A CG  1 
ATOM   821  O OD1 . ASN A 1 112 ? 0.460   0.805   -11.247 1.00 30.38 ? 109 ASN A OD1 1 
ATOM   822  N ND2 . ASN A 1 112 ? -0.113  1.911   -13.113 1.00 30.38 ? 109 ASN A ND2 1 
ATOM   823  N N   . THR A 1 113 ? -1.407  6.387   -11.134 1.00 35.59 ? 110 THR A N   1 
ATOM   824  C CA  . THR A 1 113 ? -2.381  7.437   -10.883 1.00 35.59 ? 110 THR A CA  1 
ATOM   825  C C   . THR A 1 113 ? -3.620  7.236   -11.758 1.00 35.59 ? 110 THR A C   1 
ATOM   826  O O   . THR A 1 113 ? -3.528  6.688   -12.860 1.00 35.59 ? 110 THR A O   1 
ATOM   827  C CB  . THR A 1 113 ? -1.767  8.809   -11.157 1.00 35.59 ? 110 THR A CB  1 
ATOM   828  O OG1 . THR A 1 113 ? -1.199  8.828   -12.473 1.00 35.59 ? 110 THR A OG1 1 
ATOM   829  C CG2 . THR A 1 113 ? -0.681  9.117   -10.138 1.00 35.59 ? 110 THR A CG2 1 
ATOM   830  N N   . PRO A 1 114 ? -4.793  7.658   -11.284 1.00 39.36 ? 111 PRO A N   1 
ATOM   831  C CA  . PRO A 1 114 ? -6.020  7.460   -12.066 1.00 39.36 ? 111 PRO A CA  1 
ATOM   832  C C   . PRO A 1 114 ? -5.983  8.219   -13.383 1.00 39.36 ? 111 PRO A C   1 
ATOM   833  O O   . PRO A 1 114 ? -5.407  9.304   -13.488 1.00 39.36 ? 111 PRO A O   1 
ATOM   834  C CB  . PRO A 1 114 ? -7.124  7.996   -11.146 1.00 39.36 ? 111 PRO A CB  1 
ATOM   835  C CG  . PRO A 1 114 ? -6.426  8.874   -10.164 1.00 39.36 ? 111 PRO A CG  1 
ATOM   836  C CD  . PRO A 1 114 ? -5.065  8.285   -9.979  1.00 39.36 ? 111 PRO A CD  1 
ATOM   837  N N   . VAL A 1 115 ? -6.612  7.629   -14.397 1.00 44.18 ? 112 VAL A N   1 
ATOM   838  C CA  . VAL A 1 115 ? -6.723  8.229   -15.721 1.00 44.18 ? 112 VAL A CA  1 
ATOM   839  C C   . VAL A 1 115 ? -8.175  8.150   -16.172 1.00 44.18 ? 112 VAL A C   1 
ATOM   840  O O   . VAL A 1 115 ? -8.832  7.113   -16.014 1.00 44.18 ? 112 VAL A O   1 
ATOM   841  C CB  . VAL A 1 115 ? -5.783  7.547   -16.740 1.00 44.18 ? 112 VAL A CB  1 
ATOM   842  C CG1 . VAL A 1 115 ? -6.068  6.053   -16.836 1.00 44.18 ? 112 VAL A CG1 1 
ATOM   843  C CG2 . VAL A 1 115 ? -5.899  8.209   -18.105 1.00 44.18 ? 112 VAL A CG2 1 
ATOM   844  N N   . GLY A 1 116 ? -8.682  9.253   -16.713 1.00 47.13 ? 113 GLY A N   1 
ATOM   845  C CA  . GLY A 1 116 ? -10.056 9.291   -17.191 1.00 47.13 ? 113 GLY A CA  1 
ATOM   846  C C   . GLY A 1 116 ? -11.095 9.132   -16.103 1.00 47.13 ? 113 GLY A C   1 
ATOM   847  O O   . GLY A 1 116 ? -12.135 8.499   -16.327 1.00 47.13 ? 113 GLY A O   1 
ATOM   848  N N   . GLY A 1 117 ? -10.840 9.697   -14.927 1.00 45.96 ? 114 GLY A N   1 
ATOM   849  C CA  . GLY A 1 117 ? -11.791 9.609   -13.829 1.00 45.96 ? 114 GLY A CA  1 
ATOM   850  C C   . GLY A 1 117 ? -12.037 8.200   -13.334 1.00 45.96 ? 114 GLY A C   1 
ATOM   851  O O   . GLY A 1 117 ? -13.176 7.849   -13.006 1.00 45.96 ? 114 GLY A O   1 
ATOM   852  N N   . THR A 1 118 ? -10.988 7.383   -13.269 1.00 42.59 ? 115 THR A N   1 
ATOM   853  C CA  . THR A 1 118 ? -11.109 6.011   -12.794 1.00 42.59 ? 115 THR A CA  1 
ATOM   854  C C   . THR A 1 118 ? -9.777  5.579   -12.200 1.00 42.59 ? 115 THR A C   1 
ATOM   855  O O   . THR A 1 118 ? -8.741  5.680   -12.862 1.00 42.59 ? 115 THR A O   1 
ATOM   856  C CB  . THR A 1 118 ? -11.517 5.061   -13.926 1.00 42.59 ? 115 THR A CB  1 
ATOM   857  O OG1 . THR A 1 118 ? -12.815 5.422   -14.413 1.00 42.59 ? 115 THR A OG1 1 
ATOM   858  C CG2 . THR A 1 118 ? -11.549 3.623   -13.430 1.00 42.59 ? 115 THR A CG2 1 
ATOM   859  N N   . GLY A 1 119 ? -9.811  5.102   -10.957 1.00 35.56 ? 116 GLY A N   1 
ATOM   860  C CA  . GLY A 1 119 ? -8.595  4.679   -10.300 1.00 35.56 ? 116 GLY A CA  1 
ATOM   861  C C   . GLY A 1 119 ? -8.019  3.413   -10.901 1.00 35.56 ? 116 GLY A C   1 
ATOM   862  O O   . GLY A 1 119 ? -8.698  2.633   -11.569 1.00 35.56 ? 116 GLY A O   1 
ATOM   863  N N   . GLU A 1 120 ? -6.727  3.209   -10.652 1.00 32.61 ? 117 GLU A N   1 
ATOM   864  C CA  . GLU A 1 120 ? -6.009  2.038   -11.133 1.00 32.61 ? 117 GLU A CA  1 
ATOM   865  C C   . GLU A 1 120 ? -5.323  1.347   -9.965  1.00 32.61 ? 117 GLU A C   1 
ATOM   866  O O   . GLU A 1 120 ? -4.820  2.006   -9.050  1.00 32.61 ? 117 GLU A O   1 
ATOM   867  C CB  . GLU A 1 120 ? -4.977  2.412   -12.203 1.00 32.61 ? 117 GLU A CB  1 
ATOM   868  C CG  . GLU A 1 120 ? -5.583  2.789   -13.543 1.00 32.61 ? 117 GLU A CG  1 
ATOM   869  C CD  . GLU A 1 120 ? -4.533  3.010   -14.613 1.00 32.61 ? 117 GLU A CD  1 
ATOM   870  O OE1 . GLU A 1 120 ? -3.332  3.033   -14.273 1.00 32.61 ? 117 GLU A OE1 1 
ATOM   871  O OE2 . GLU A 1 120 ? -4.908  3.155   -15.796 1.00 32.61 ? 117 GLU A OE2 1 
ATOM   872  N N   . ALA A 1 121 ? -5.305  0.017   -10.004 1.00 27.04 ? 118 ALA A N   1 
ATOM   873  C CA  . ALA A 1 121 ? -4.717  -0.760  -8.925  1.00 27.04 ? 118 ALA A CA  1 
ATOM   874  C C   . ALA A 1 121 ? -3.203  -0.587  -8.888  1.00 27.04 ? 118 ALA A C   1 
ATOM   875  O O   . ALA A 1 121 ? -2.544  -0.439  -9.920  1.00 27.04 ? 118 ALA A O   1 
ATOM   876  C CB  . ALA A 1 121 ? -5.067  -2.239  -9.082  1.00 27.04 ? 118 ALA A CB  1 
ATOM   877  N N   . VAL A 1 122 ? -2.652  -0.605  -7.674  1.00 23.94 ? 119 VAL A N   1 
ATOM   878  C CA  . VAL A 1 122 ? -1.208  -0.535  -7.500  1.00 23.94 ? 119 VAL A CA  1 
ATOM   879  C C   . VAL A 1 122 ? -0.579  -1.818  -8.027  1.00 23.94 ? 119 VAL A C   1 
ATOM   880  O O   . VAL A 1 122 ? -0.996  -2.926  -7.667  1.00 23.94 ? 119 VAL A O   1 
ATOM   881  C CB  . VAL A 1 122 ? -0.856  -0.304  -6.023  1.00 23.94 ? 119 VAL A CB  1 
ATOM   882  C CG1 . VAL A 1 122 ? 0.623   -0.554  -5.780  1.00 23.94 ? 119 VAL A CG1 1 
ATOM   883  C CG2 . VAL A 1 122 ? -1.238  1.104   -5.601  1.00 23.94 ? 119 VAL A CG2 1 
ATOM   884  N N   . THR A 1 123 ? 0.429   -1.675  -8.882  1.00 24.40 ? 120 THR A N   1 
ATOM   885  C CA  . THR A 1 123 ? 1.073   -2.807  -9.529  1.00 24.40 ? 120 THR A CA  1 
ATOM   886  C C   . THR A 1 123 ? 2.531   -2.896  -9.103  1.00 24.40 ? 120 THR A C   1 
ATOM   887  O O   . THR A 1 123 ? 3.175   -1.882  -8.816  1.00 24.40 ? 120 THR A O   1 
ATOM   888  C CB  . THR A 1 123 ? 0.992   -2.697  -11.056 1.00 24.40 ? 120 THR A CB  1 
ATOM   889  O OG1 . THR A 1 123 ? 1.386   -1.381  -11.464 1.00 24.40 ? 120 THR A OG1 1 
ATOM   890  C CG2 . THR A 1 123 ? -0.426  -2.964  -11.534 1.00 24.40 ? 120 THR A CG2 1 
ATOM   891  N N   . LEU A 1 124 ? 3.044   -4.122  -9.058  1.00 24.57 ? 121 LEU A N   1 
ATOM   892  C CA  . LEU A 1 124 ? 4.442   -4.335  -8.714  1.00 24.57 ? 121 LEU A CA  1 
ATOM   893  C C   . LEU A 1 124 ? 5.350   -3.897  -9.856  1.00 24.57 ? 121 LEU A C   1 
ATOM   894  O O   . LEU A 1 124 ? 4.955   -3.873  -11.024 1.00 24.57 ? 121 LEU A O   1 
ATOM   895  C CB  . LEU A 1 124 ? 4.695   -5.805  -8.380  1.00 24.57 ? 121 LEU A CB  1 
ATOM   896  C CG  . LEU A 1 124 ? 3.897   -6.392  -7.215  1.00 24.57 ? 121 LEU A CG  1 
ATOM   897  C CD1 . LEU A 1 124 ? 4.212   -7.866  -7.044  1.00 24.57 ? 121 LEU A CD1 1 
ATOM   898  C CD2 . LEU A 1 124 ? 4.183   -5.631  -5.933  1.00 24.57 ? 121 LEU A CD2 1 
ATOM   899  N N   . GLN A 1 125 ? 6.584   -3.549  -9.505  1.00 28.89 ? 122 GLN A N   1 
ATOM   900  C CA  . GLN A 1 125 ? 7.571   -3.063  -10.455 1.00 28.89 ? 122 GLN A CA  1 
ATOM   901  C C   . GLN A 1 125 ? 8.621   -4.135  -10.709 1.00 28.89 ? 122 GLN A C   1 
ATOM   902  O O   . GLN A 1 125 ? 8.914   -4.961  -9.840  1.00 28.89 ? 122 GLN A O   1 
ATOM   903  C CB  . GLN A 1 125 ? 8.240   -1.784  -9.938  1.00 28.89 ? 122 GLN A CB  1 
ATOM   904  C CG  . GLN A 1 125 ? 9.088   -1.053  -10.965 1.00 28.89 ? 122 GLN A CG  1 
ATOM   905  C CD  . GLN A 1 125 ? 9.799   0.150   -10.381 1.00 28.89 ? 122 GLN A CD  1 
ATOM   906  O OE1 . GLN A 1 125 ? 9.676   0.443   -9.191  1.00 28.89 ? 122 GLN A OE1 1 
ATOM   907  N NE2 . GLN A 1 125 ? 10.551  0.856   -11.217 1.00 28.89 ? 122 GLN A NE2 1 
ATOM   908  N N   . ALA A 1 126 ? 9.185   -4.116  -11.915 1.00 35.00 ? 123 ALA A N   1 
ATOM   909  C CA  . ALA A 1 126 ? 10.215  -5.074  -12.281 1.00 35.00 ? 123 ALA A CA  1 
ATOM   910  C C   . ALA A 1 126 ? 11.477  -4.848  -11.450 1.00 35.00 ? 123 ALA A C   1 
ATOM   911  O O   . ALA A 1 126 ? 11.655  -3.814  -10.799 1.00 35.00 ? 123 ALA A O   1 
ATOM   912  C CB  . ALA A 1 126 ? 10.534  -4.973  -13.772 1.00 35.00 ? 123 ALA A CB  1 
ATOM   913  N N   . ALA A 1 127 ? 12.366  -5.840  -11.479 1.00 43.83 ? 124 ALA A N   1 
ATOM   914  C CA  . ALA A 1 127 ? 13.593  -5.781  -10.696 1.00 43.83 ? 124 ALA A CA  1 
ATOM   915  C C   . ALA A 1 127 ? 14.589  -4.808  -11.315 1.00 43.83 ? 124 ALA A C   1 
ATOM   916  O O   . ALA A 1 127 ? 15.443  -5.206  -12.112 1.00 43.83 ? 124 ALA A O   1 
ATOM   917  C CB  . ALA A 1 127 ? 14.216  -7.173  -10.571 1.00 43.83 ? 124 ALA A CB  1 
ATOM   918  N N   . GLY A 1 128 ? 14.481  -3.532  -10.954 1.00 47.41 ? 125 GLY A N   1 
ATOM   919  C CA  . GLY A 1 128 ? 15.394  -2.522  -11.453 1.00 47.41 ? 125 GLY A CA  1 
ATOM   920  C C   . GLY A 1 128 ? 16.248  -1.912  -10.362 1.00 47.41 ? 125 GLY A C   1 
ATOM   921  O O   . GLY A 1 128 ? 17.377  -1.480  -10.615 1.00 47.41 ? 125 GLY A O   1 
ATOM   922  N N   . GLY A 1 129 ? 15.718  -1.872  -9.140  1.00 45.79 ? 126 GLY A N   1 
ATOM   923  C CA  . GLY A 1 129 ? 16.434  -1.340  -8.004  1.00 45.79 ? 126 GLY A CA  1 
ATOM   924  C C   . GLY A 1 129 ? 16.269  0.147   -7.771  1.00 45.79 ? 126 GLY A C   1 
ATOM   925  O O   . GLY A 1 129 ? 16.753  0.655   -6.751  1.00 45.79 ? 126 GLY A O   1 
ATOM   926  N N   . ALA A 1 130 ? 15.605  0.861   -8.678  1.00 41.06 ? 127 ALA A N   1 
ATOM   927  C CA  . ALA A 1 130 ? 15.394  2.298   -8.549  1.00 41.06 ? 127 ALA A CA  1 
ATOM   928  C C   . ALA A 1 130 ? 13.968  2.540   -8.067  1.00 41.06 ? 127 ALA A C   1 
ATOM   929  O O   . ALA A 1 130 ? 13.005  2.238   -8.780  1.00 41.06 ? 127 ALA A O   1 
ATOM   930  C CB  . ALA A 1 130 ? 15.655  3.008   -9.876  1.00 41.06 ? 127 ALA A CB  1 
ATOM   931  N N   . ALA A 1 131 ? 13.835  3.083   -6.860  1.00 34.10 ? 128 ALA A N   1 
ATOM   932  C CA  . ALA A 1 131 ? 12.523  3.364   -6.285  1.00 34.10 ? 128 ALA A CA  1 
ATOM   933  C C   . ALA A 1 131 ? 11.897  4.550   -7.006  1.00 34.10 ? 128 ALA A C   1 
ATOM   934  O O   . ALA A 1 131 ? 12.316  5.696   -6.813  1.00 34.10 ? 128 ALA A O   1 
ATOM   935  C CB  . ALA A 1 131 ? 12.648  3.633   -4.789  1.00 34.10 ? 128 ALA A CB  1 
ATOM   936  N N   . GLN A 1 132 ? 10.891  4.281   -7.835  1.00 30.46 ? 129 GLN A N   1 
ATOM   937  C CA  . GLN A 1 132 ? 10.204  5.319   -8.590  1.00 30.46 ? 129 GLN A CA  1 
ATOM   938  C C   . GLN A 1 132 ? 8.948   5.830   -7.896  1.00 30.46 ? 129 GLN A C   1 
ATOM   939  O O   . GLN A 1 132 ? 8.250   6.677   -8.460  1.00 30.46 ? 129 GLN A O   1 
ATOM   940  C CB  . GLN A 1 132 ? 9.843   4.805   -9.988  1.00 30.46 ? 129 GLN A CB  1 
ATOM   941  C CG  . GLN A 1 132 ? 11.017  4.235   -10.762 1.00 30.46 ? 129 GLN A CG  1 
ATOM   942  C CD  . GLN A 1 132 ? 10.672  3.942   -12.208 1.00 30.46 ? 129 GLN A CD  1 
ATOM   943  O OE1 . GLN A 1 132 ? 9.621   4.351   -12.702 1.00 30.46 ? 129 GLN A OE1 1 
ATOM   944  N NE2 . GLN A 1 132 ? 11.557  3.231   -12.896 1.00 30.46 ? 129 GLN A NE2 1 
ATOM   945  N N   . SER A 1 133 ? 8.644   5.339   -6.697  1.00 24.76 ? 130 SER A N   1 
ATOM   946  C CA  . SER A 1 133 ? 7.468   5.788   -5.960  1.00 24.76 ? 130 SER A CA  1 
ATOM   947  C C   . SER A 1 133 ? 7.765   5.702   -4.472  1.00 24.76 ? 130 SER A C   1 
ATOM   948  O O   . SER A 1 133 ? 8.115   4.629   -3.971  1.00 24.76 ? 130 SER A O   1 
ATOM   949  C CB  . SER A 1 133 ? 6.241   4.948   -6.315  1.00 24.76 ? 130 SER A CB  1 
ATOM   950  O OG  . SER A 1 133 ? 5.859   5.154   -7.664  1.00 24.76 ? 130 SER A OG  1 
ATOM   951  N N   . LEU A 1 134 ? 7.624   6.825   -3.773  1.00 17.91 ? 131 LEU A N   1 
ATOM   952  C CA  . LEU A 1 134 ? 7.889   6.905   -2.345  1.00 17.91 ? 131 LEU A CA  1 
ATOM   953  C C   . LEU A 1 134 ? 6.618   7.300   -1.607  1.00 17.91 ? 131 LEU A C   1 
ATOM   954  O O   . LEU A 1 134 ? 5.783   8.044   -2.130  1.00 17.91 ? 131 LEU A O   1 
ATOM   955  C CB  . LEU A 1 134 ? 9.006   7.909   -2.044  1.00 17.91 ? 131 LEU A CB  1 
ATOM   956  C CG  . LEU A 1 134 ? 10.312  7.694   -2.811  1.00 17.91 ? 131 LEU A CG  1 
ATOM   957  C CD1 . LEU A 1 134 ? 11.357  8.718   -2.398  1.00 17.91 ? 131 LEU A CD1 1 
ATOM   958  C CD2 . LEU A 1 134 ? 10.828  6.281   -2.602  1.00 17.91 ? 131 LEU A CD2 1 
ATOM   959  N N   . TRP A 1 135 ? 6.478   6.796   -0.384  1.00 14.88 ? 132 TRP A N   1 
ATOM   960  C CA  . TRP A 1 135 ? 5.268   6.976   0.402   1.00 14.88 ? 132 TRP A CA  1 
ATOM   961  C C   . TRP A 1 135 ? 5.592   7.632   1.738   1.00 14.88 ? 132 TRP A C   1 
ATOM   962  O O   . TRP A 1 135 ? 6.664   7.420   2.311   1.00 14.88 ? 132 TRP A O   1 
ATOM   963  C CB  . TRP A 1 135 ? 4.559   5.634   0.637   1.00 14.88 ? 132 TRP A CB  1 
ATOM   964  C CG  . TRP A 1 135 ? 4.431   4.795   -0.604  1.00 14.88 ? 132 TRP A CG  1 
ATOM   965  C CD1 . TRP A 1 135 ? 5.371   3.957   -1.127  1.00 14.88 ? 132 TRP A CD1 1 
ATOM   966  C CD2 . TRP A 1 135 ? 3.296   4.717   -1.479  1.00 14.88 ? 132 TRP A CD2 1 
ATOM   967  N NE1 . TRP A 1 135 ? 4.895   3.363   -2.269  1.00 14.88 ? 132 TRP A NE1 1 
ATOM   968  C CE2 . TRP A 1 135 ? 3.623   3.812   -2.506  1.00 14.88 ? 132 TRP A CE2 1 
ATOM   969  C CE3 . TRP A 1 135 ? 2.038   5.326   -1.492  1.00 14.88 ? 132 TRP A CE3 1 
ATOM   970  C CZ2 . TRP A 1 135 ? 2.738   3.501   -3.534  1.00 14.88 ? 132 TRP A CZ2 1 
ATOM   971  C CZ3 . TRP A 1 135 ? 1.161   5.014   -2.511  1.00 14.88 ? 132 TRP A CZ3 1 
ATOM   972  C CH2 . TRP A 1 135 ? 1.514   4.111   -3.519  1.00 14.88 ? 132 TRP A CH2 1 
ATOM   973  N N   . VAL A 1 136 ? 4.649   8.434   2.225   1.00 13.13 ? 133 VAL A N   1 
ATOM   974  C CA  . VAL A 1 136 ? 4.761   9.137   3.498   1.00 13.13 ? 133 VAL A CA  1 
ATOM   975  C C   . VAL A 1 136 ? 3.665   8.627   4.421   1.00 13.13 ? 133 VAL A C   1 
ATOM   976  O O   . VAL A 1 136 ? 2.495   8.561   4.024   1.00 13.13 ? 133 VAL A O   1 
ATOM   977  C CB  . VAL A 1 136 ? 4.661   10.663  3.315   1.00 13.13 ? 133 VAL A CB  1 
ATOM   978  C CG1 . VAL A 1 136 ? 4.291   11.335  4.625   1.00 13.13 ? 133 VAL A CG1 1 
ATOM   979  C CG2 . VAL A 1 136 ? 5.972   11.218  2.795   1.00 13.13 ? 133 VAL A CG2 1 
ATOM   980  N N   . PHE A 1 137 ? 4.046   8.262   5.645   1.00 12.28 ? 134 PHE A N   1 
ATOM   981  C CA  . PHE A 1 137 ? 3.130   7.700   6.637   1.00 12.28 ? 134 PHE A CA  1 
ATOM   982  C C   . PHE A 1 137 ? 2.796   8.796   7.646   1.00 12.28 ? 134 PHE A C   1 
ATOM   983  O O   . PHE A 1 137 ? 3.524   9.018   8.613   1.00 12.28 ? 134 PHE A O   1 
ATOM   984  C CB  . PHE A 1 137 ? 3.751   6.486   7.323   1.00 12.28 ? 134 PHE A CB  1 
ATOM   985  C CG  . PHE A 1 137 ? 3.904   5.286   6.429   1.00 12.28 ? 134 PHE A CG  1 
ATOM   986  C CD1 . PHE A 1 137 ? 4.849   5.269   5.418   1.00 12.28 ? 134 PHE A CD1 1 
ATOM   987  C CD2 . PHE A 1 137 ? 3.112   4.166   6.613   1.00 12.28 ? 134 PHE A CD2 1 
ATOM   988  C CE1 . PHE A 1 137 ? 4.993   4.164   4.601   1.00 12.28 ? 134 PHE A CE1 1 
ATOM   989  C CE2 . PHE A 1 137 ? 3.253   3.058   5.801   1.00 12.28 ? 134 PHE A CE2 1 
ATOM   990  C CZ  . PHE A 1 137 ? 4.194   3.059   4.794   1.00 12.28 ? 134 PHE A CZ  1 
ATOM   991  N N   . GLU A 1 138 ? 1.677   9.482   7.421   1.00 11.73 ? 135 GLU A N   1 
ATOM   992  C CA  . GLU A 1 138 ? 1.234   10.529  8.330   1.00 11.73 ? 135 GLU A CA  1 
ATOM   993  C C   . GLU A 1 138 ? 0.426   9.925   9.471   1.00 11.73 ? 135 GLU A C   1 
ATOM   994  O O   . GLU A 1 138 ? -0.528  9.178   9.238   1.00 11.73 ? 135 GLU A O   1 
ATOM   995  C CB  . GLU A 1 138 ? 0.396   11.566  7.585   1.00 11.73 ? 135 GLU A CB  1 
ATOM   996  C CG  . GLU A 1 138 ? 1.069   12.143  6.356   1.00 11.73 ? 135 GLU A CG  1 
ATOM   997  C CD  . GLU A 1 138 ? 0.076   12.668  5.342   1.00 11.73 ? 135 GLU A CD  1 
ATOM   998  O OE1 . GLU A 1 138 ? -1.137  12.650  5.634   1.00 11.73 ? 135 GLU A OE1 1 
ATOM   999  O OE2 . GLU A 1 138 ? 0.508   13.102  4.254   1.00 11.73 ? 135 GLU A OE2 1 
ATOM   1000 N N   . ALA A 1 139 ? 0.809   10.247  10.702  1.00 13.09 ? 136 ALA A N   1 
ATOM   1001 C CA  . ALA A 1 139 ? 0.081   9.748   11.861  1.00 13.09 ? 136 ALA A CA  1 
ATOM   1002 C C   . ALA A 1 139 ? -1.312  10.360  11.918  1.00 13.09 ? 136 ALA A C   1 
ATOM   1003 O O   . ALA A 1 139 ? -1.497  11.553  11.661  1.00 13.09 ? 136 ALA A O   1 
ATOM   1004 C CB  . ALA A 1 139 ? 0.848   10.059  13.145  1.00 13.09 ? 136 ALA A CB  1 
ATOM   1005 N N   . VAL A 1 140 ? -2.297  9.534   12.255  1.00 14.53 ? 137 VAL A N   1 
ATOM   1006 C CA  . VAL A 1 140 ? -3.681  9.984   12.329  1.00 14.53 ? 137 VAL A CA  1 
ATOM   1007 C C   . VAL A 1 140 ? -4.152  10.002  13.776  1.00 14.53 ? 137 VAL A C   1 
ATOM   1008 O O   . VAL A 1 140 ? -4.726  10.987  14.242  1.00 14.53 ? 137 VAL A O   1 
ATOM   1009 C CB  . VAL A 1 140 ? -4.601  9.102   11.475  1.00 14.53 ? 137 VAL A CB  1 
ATOM   1010 C CG1 . VAL A 1 140 ? -4.748  7.737   12.109  1.00 14.53 ? 137 VAL A CG1 1 
ATOM   1011 C CG2 . VAL A 1 140 ? -5.959  9.757   11.307  1.00 14.53 ? 137 VAL A CG2 1 
HETATM 1012 O O5  . A2G B 2 .   ? -15.567 5.144   -4.695  1.00 24.35 ? 201 A2G A O5  1 
HETATM 1013 C C1  . A2G B 2 .   ? -16.046 5.790   -3.470  1.00 24.35 ? 201 A2G A C1  1 
HETATM 1014 O O1  . A2G B 2 .   ? -16.275 7.120   -3.729  1.00 24.35 ? 201 A2G A O1  1 
HETATM 1015 C C2  . A2G B 2 .   ? -15.042 5.674   -2.317  1.00 24.35 ? 201 A2G A C2  1 
HETATM 1016 N N2  . A2G B 2 .   ? -15.507 6.522   -1.189  1.00 24.35 ? 201 A2G A N2  1 
HETATM 1017 C C3  . A2G B 2 .   ? -13.674 6.117   -2.708  1.00 24.35 ? 201 A2G A C3  1 
HETATM 1018 O O3  . A2G B 2 .   ? -12.747 5.767   -1.630  1.00 24.35 ? 201 A2G A O3  1 
HETATM 1019 C C4  . A2G B 2 .   ? -13.201 5.485   -3.956  1.00 24.35 ? 201 A2G A C4  1 
HETATM 1020 O O4  . A2G B 2 .   ? -12.964 4.085   -3.705  1.00 24.35 ? 201 A2G A O4  1 
HETATM 1021 C C5  . A2G B 2 .   ? -14.210 5.617   -5.093  1.00 24.35 ? 201 A2G A C5  1 
HETATM 1022 C C6  . A2G B 2 .   ? -13.736 4.805   -6.246  1.00 24.35 ? 201 A2G A C6  1 
HETATM 1023 O O6  . A2G B 2 .   ? -13.942 5.542   -7.419  1.00 24.35 ? 201 A2G A O6  1 
HETATM 1024 C C7  . A2G B 2 .   ? -16.190 5.924   -0.059  1.00 24.35 ? 201 A2G A C7  1 
HETATM 1025 O O7  . A2G B 2 .   ? -16.381 4.756   -0.030  1.00 24.35 ? 201 A2G A O7  1 
HETATM 1026 C C8  . A2G B 2 .   ? -16.665 6.800   1.098   1.00 24.35 ? 201 A2G A C8  1 
# 
